data_3AEN
#
_entry.id   3AEN
#
_cell.length_a   99.156
_cell.length_b   85.428
_cell.length_c   114.746
_cell.angle_alpha   90.000
_cell.angle_beta   101.900
_cell.angle_gamma   90.000
#
_symmetry.space_group_name_H-M   'P 1 21 1'
#
loop_
_entity.id
_entity.type
_entity.pdbx_description
1 polymer 'Methionine gamma-lyase'
2 polymer 'Methionine gamma-lyase'
3 non-polymer METHIONINE
4 non-polymer 'SULFATE ION'
5 non-polymer GLYCEROL
6 non-polymer '(2E)-2-{[(1E)-{3-hydroxy-2-methyl-5-[(phosphonooxy)methyl]pyridin-4-yl}methylidene]amino}but-2-enoic acid'
7 water water
#
loop_
_entity_poly.entity_id
_entity_poly.type
_entity_poly.pdbx_seq_one_letter_code
_entity_poly.pdbx_strand_id
1 'polypeptide(L)'
;MTAQDITTTLLHPKGDHVLHSHAYPIFQTSTFCFDSTQQGADLFMGKGEGHIYSRLGNPTVEQFEEMVCSIEGAAGSAAF
GSGMGAISSSTLAFLQKGDHLIAGDTLYGCTVSLFTHWLPRFGIEVDLIDTSDVEKVKAAWKPNTKMVYLESPANPTCKV
SDIKGIAVVCHERGARLVVDATFTSPCFLKPLELGADIALHSVS(LLP)YINGHGDVIGGVSSAKTAEDIATIKFYRKDA
GSLMAPMDAFLCARGMKTLPIRMQIHMENGLKVAKFLEQHEKIVKVNHPGLESFPGHDIAKKQMTGYGSTFLFEMKSFEA
AKKLMEHLKVCTLAVSLGCVDTLIEHPASMTHAAVPENIMRKQGITPELVRISVGIENVDDIIADLKQALELW
;
A,C
2 'polypeptide(L)'
;MTAQDITTTLLHPKGDHVLHSHAYPIFQTSTFCFDSTQQGADLFMGKGEGHIYSRLGNPTVEQFEEMVCSIEGAAGSAAF
GSGMGAISSSTLAFLQKGDHLIAGDTLYGCTVSLFTHWLPRFGIEVDLIDTSDVEKVKAAWKPNTKMVYLESPANPTCKV
SDIKGIAVVCHERGARLVVDATFTSPCFLKPLELGADIALHSVSKYINGHGDVIGGVSSAKTAEDIATIKFYRKDAGSLM
APMDAFLCARGMKTLPIRMQIHMENGLKVAKFLEQHEKIVKVNHPGLESFPGHDIAKKQMTGYGSTFLFEMKSFEAAKKL
MEHLKVCTLAVSLGCVDTLIEHPASMTHAAVPENIMRKQGITPELVRISVGIENVDDIIADLKQALELW
;
B,D
#
loop_
_chem_comp.id
_chem_comp.type
_chem_comp.name
_chem_comp.formula
4LM non-polymer '(2E)-2-{[(1E)-{3-hydroxy-2-methyl-5-[(phosphonooxy)methyl]pyridin-4-yl}methylidene]amino}but-2-enoic acid' 'C12 H15 N2 O7 P'
GOL non-polymer GLYCEROL 'C3 H8 O3'
SO4 non-polymer 'SULFATE ION' 'O4 S -2'
#
# COMPACT_ATOMS: atom_id res chain seq x y z
N ALA A 3 14.86 16.21 30.24
CA ALA A 3 13.78 15.79 29.29
C ALA A 3 14.22 14.76 28.24
N GLN A 4 13.36 13.78 28.00
CA GLN A 4 13.53 12.80 26.94
C GLN A 4 13.78 13.48 25.56
N ASP A 5 14.68 12.91 24.76
CA ASP A 5 15.03 13.48 23.45
C ASP A 5 13.91 13.31 22.39
N ILE A 6 13.85 14.28 21.46
CA ILE A 6 12.90 14.19 20.37
C ILE A 6 12.99 12.88 19.56
N THR A 7 14.20 12.39 19.33
CA THR A 7 14.38 11.12 18.64
C THR A 7 13.59 10.02 19.36
N THR A 8 13.78 9.93 20.68
CA THR A 8 13.06 8.94 21.49
C THR A 8 11.54 9.14 21.46
N THR A 9 11.10 10.38 21.66
CA THR A 9 9.65 10.68 21.58
C THR A 9 8.99 10.20 20.29
N LEU A 10 9.60 10.49 19.16
CA LEU A 10 9.05 10.12 17.84
C LEU A 10 9.01 8.59 17.61
N LEU A 11 9.96 7.89 18.25
CA LEU A 11 10.06 6.43 18.15
C LEU A 11 9.12 5.73 19.14
N HIS A 12 8.58 6.49 20.10
CA HIS A 12 7.75 5.95 21.20
C HIS A 12 6.49 6.79 21.42
N PRO A 13 5.59 6.80 20.42
CA PRO A 13 4.43 7.71 20.55
C PRO A 13 3.42 7.17 21.55
N LYS A 14 2.66 8.07 22.15
CA LYS A 14 1.61 7.68 23.08
C LYS A 14 0.56 6.84 22.37
N GLY A 15 -0.10 5.98 23.12
CA GLY A 15 -1.24 5.23 22.56
C GLY A 15 -1.04 3.76 22.78
N ASP A 16 -2.13 3.00 22.78
CA ASP A 16 -2.02 1.57 22.88
C ASP A 16 -1.72 0.97 21.53
N HIS A 17 -1.03 -0.16 21.55
CA HIS A 17 -0.86 -0.98 20.36
C HIS A 17 -2.19 -1.57 19.95
N VAL A 18 -2.30 -1.87 18.65
CA VAL A 18 -3.46 -2.53 18.09
C VAL A 18 -3.15 -4.02 17.87
N LEU A 19 -3.89 -4.87 18.56
CA LEU A 19 -3.71 -6.33 18.51
C LEU A 19 -2.23 -6.73 18.77
N HIS A 20 -1.57 -5.98 19.66
CA HIS A 20 -0.19 -6.18 20.04
C HIS A 20 0.80 -5.94 18.89
N SER A 21 0.31 -5.39 17.77
CA SER A 21 1.19 -5.08 16.64
C SER A 21 2.27 -4.08 17.02
N HIS A 22 3.51 -4.39 16.67
CA HIS A 22 4.62 -3.44 16.92
C HIS A 22 4.50 -2.19 16.03
N ALA A 23 4.44 -2.37 14.71
CA ALA A 23 4.10 -1.23 13.83
C ALA A 23 2.59 -0.93 13.94
N TYR A 24 2.22 0.34 13.85
CA TYR A 24 0.82 0.73 13.88
C TYR A 24 0.12 0.34 12.55
N PRO A 25 -0.98 -0.41 12.63
CA PRO A 25 -1.61 -0.94 11.40
C PRO A 25 -2.13 0.15 10.49
N ILE A 26 -2.35 -0.22 9.23
CA ILE A 26 -2.89 0.74 8.29
C ILE A 26 -4.38 0.50 8.26
N PHE A 27 -5.15 1.48 8.76
CA PHE A 27 -6.61 1.33 8.78
C PHE A 27 -7.21 1.80 7.46
N GLN A 28 -7.04 0.95 6.46
CA GLN A 28 -7.54 1.24 5.10
C GLN A 28 -9.03 0.89 5.13
N THR A 29 -9.83 1.82 5.68
CA THR A 29 -11.27 1.62 5.86
C THR A 29 -11.94 2.96 5.63
N SER A 30 -13.16 2.94 5.13
CA SER A 30 -13.92 4.17 5.12
C SER A 30 -14.70 4.27 6.45
N THR A 31 -15.39 3.20 6.85
CA THR A 31 -16.29 3.30 8.00
C THR A 31 -15.93 2.39 9.19
N PHE A 32 -16.68 2.53 10.28
CA PHE A 32 -16.45 1.81 11.52
C PHE A 32 -17.79 1.30 12.06
N CYS A 33 -17.75 0.23 12.84
CA CYS A 33 -18.96 -0.43 13.35
C CYS A 33 -19.37 0.12 14.70
N PHE A 34 -20.69 0.16 14.92
CA PHE A 34 -21.23 0.58 16.20
C PHE A 34 -21.69 -0.64 16.98
N ASP A 35 -21.47 -0.63 18.29
CA ASP A 35 -22.00 -1.67 19.17
C ASP A 35 -23.51 -1.61 19.36
N SER A 36 -24.08 -0.43 19.18
CA SER A 36 -25.48 -0.15 19.48
C SER A 36 -25.84 1.22 18.96
N THR A 37 -27.14 1.52 18.86
CA THR A 37 -27.58 2.83 18.41
C THR A 37 -27.05 3.93 19.34
N GLN A 38 -27.20 3.71 20.65
CA GLN A 38 -26.69 4.63 21.69
C GLN A 38 -25.19 4.89 21.58
N GLN A 39 -24.40 3.83 21.41
CA GLN A 39 -22.96 3.98 21.33
C GLN A 39 -22.57 4.85 20.13
N GLY A 40 -23.23 4.62 19.00
CA GLY A 40 -23.08 5.43 17.79
C GLY A 40 -23.58 6.87 17.91
N ALA A 41 -24.78 7.03 18.49
CA ALA A 41 -25.33 8.36 18.78
C ALA A 41 -24.36 9.21 19.61
N ASP A 42 -23.87 8.61 20.70
CA ASP A 42 -22.92 9.23 21.62
C ASP A 42 -21.63 9.71 20.92
N LEU A 43 -21.05 8.86 20.06
CA LEU A 43 -19.84 9.24 19.33
C LEU A 43 -20.11 10.46 18.46
N PHE A 44 -21.30 10.53 17.86
CA PHE A 44 -21.66 11.69 17.04
C PHE A 44 -21.77 12.99 17.85
N MET A 45 -22.08 12.85 19.14
CA MET A 45 -22.17 13.98 20.07
C MET A 45 -20.82 14.28 20.75
N GLY A 46 -19.79 13.51 20.42
CA GLY A 46 -18.49 13.68 21.05
C GLY A 46 -18.35 12.98 22.40
N LYS A 47 -19.29 12.09 22.71
CA LYS A 47 -19.32 11.36 23.95
C LYS A 47 -18.75 9.95 23.74
N GLY A 48 -17.80 9.56 24.60
CA GLY A 48 -17.19 8.24 24.53
C GLY A 48 -15.98 8.19 23.63
N GLU A 49 -15.30 7.05 23.64
CA GLU A 49 -14.06 6.83 22.89
C GLU A 49 -14.38 5.92 21.69
N GLY A 50 -13.79 6.21 20.53
CA GLY A 50 -14.07 5.39 19.36
C GLY A 50 -14.12 6.15 18.04
N HIS A 51 -14.41 5.42 16.97
CA HIS A 51 -14.37 5.98 15.62
C HIS A 51 -15.71 5.81 14.89
N ILE A 52 -15.93 6.65 13.88
CA ILE A 52 -17.18 6.72 13.13
C ILE A 52 -16.92 6.46 11.64
N TYR A 53 -16.00 7.24 11.06
CA TYR A 53 -15.84 7.33 9.61
C TYR A 53 -14.55 8.08 9.38
N SER A 54 -13.72 7.58 8.47
CA SER A 54 -12.34 8.08 8.34
C SER A 54 -12.21 9.59 8.07
N ARG A 55 -13.17 10.19 7.37
CA ARG A 55 -13.14 11.64 7.18
C ARG A 55 -13.17 12.39 8.53
N LEU A 56 -13.89 11.84 9.52
CA LEU A 56 -14.00 12.42 10.87
C LEU A 56 -12.75 12.10 11.74
N GLY A 57 -12.23 10.89 11.58
CA GLY A 57 -10.98 10.51 12.24
C GLY A 57 -10.60 9.09 11.85
N ASN A 58 -9.34 8.89 11.52
CA ASN A 58 -8.84 7.56 11.16
C ASN A 58 -7.69 7.21 12.11
N PRO A 59 -7.70 5.97 12.68
CA PRO A 59 -6.62 5.70 13.65
C PRO A 59 -5.19 5.87 13.13
N THR A 60 -4.89 5.49 11.90
CA THR A 60 -3.51 5.60 11.41
C THR A 60 -3.14 7.08 11.24
N VAL A 61 -4.09 7.85 10.75
CA VAL A 61 -3.87 9.29 10.54
C VAL A 61 -3.71 9.99 11.92
N GLU A 62 -4.58 9.63 12.88
CA GLU A 62 -4.47 10.17 14.24
C GLU A 62 -3.11 9.92 14.89
N GLN A 63 -2.56 8.75 14.63
CA GLN A 63 -1.24 8.38 15.12
C GLN A 63 -0.17 9.35 14.58
N PHE A 64 -0.25 9.66 13.29
CA PHE A 64 0.70 10.63 12.70
C PHE A 64 0.47 12.04 13.30
N GLU A 65 -0.80 12.42 13.43
CA GLU A 65 -1.16 13.71 14.08
C GLU A 65 -0.56 13.84 15.47
N GLU A 66 -0.67 12.78 16.29
CA GLU A 66 -0.07 12.77 17.64
C GLU A 66 1.45 13.00 17.58
N MET A 67 2.12 12.39 16.61
CA MET A 67 3.56 12.56 16.48
C MET A 67 3.92 14.03 16.22
N VAL A 68 3.21 14.65 15.28
CA VAL A 68 3.49 16.08 14.97
C VAL A 68 3.15 16.94 16.20
N CYS A 69 2.01 16.66 16.82
CA CYS A 69 1.57 17.42 17.97
C CYS A 69 2.64 17.40 19.06
N SER A 70 3.29 16.25 19.25
CA SER A 70 4.29 16.10 20.30
C SER A 70 5.54 16.91 19.98
N ILE A 71 5.89 17.07 18.71
CA ILE A 71 7.11 17.84 18.47
C ILE A 71 6.84 19.34 18.44
N GLU A 72 5.62 19.74 18.05
CA GLU A 72 5.24 21.16 17.97
C GLU A 72 4.93 21.71 19.34
N GLY A 73 4.55 20.85 20.26
CA GLY A 73 4.08 21.28 21.60
C GLY A 73 2.69 21.91 21.49
N ALA A 74 1.84 21.35 20.61
CA ALA A 74 0.51 21.92 20.34
C ALA A 74 -0.59 21.34 21.26
N ALA A 75 -1.80 21.92 21.20
CA ALA A 75 -2.98 21.34 21.83
C ALA A 75 -3.50 20.19 20.94
N GLY A 76 -3.26 20.27 19.63
CA GLY A 76 -3.64 19.20 18.71
C GLY A 76 -3.12 19.47 17.31
N SER A 77 -3.13 18.44 16.45
CA SER A 77 -2.71 18.52 15.05
C SER A 77 -3.77 17.89 14.14
N ALA A 78 -3.85 18.37 12.91
CA ALA A 78 -4.74 17.87 11.88
C ALA A 78 -3.89 17.60 10.61
N ALA A 79 -4.01 16.38 10.07
CA ALA A 79 -3.30 15.98 8.85
C ALA A 79 -4.19 16.22 7.65
N PHE A 80 -3.60 16.56 6.50
CA PHE A 80 -4.36 16.87 5.24
C PHE A 80 -3.74 16.14 4.04
N GLY A 81 -4.44 16.20 2.89
CA GLY A 81 -3.98 15.57 1.68
C GLY A 81 -2.83 16.33 1.04
N SER A 82 -2.56 17.55 1.49
CA SER A 82 -1.40 18.29 0.93
C SER A 82 -1.11 19.47 1.89
N GLY A 83 0.09 20.05 1.79
CA GLY A 83 0.40 21.32 2.41
C GLY A 83 -0.63 22.38 2.08
N MET A 84 -1.02 22.48 0.80
CA MET A 84 -2.09 23.41 0.42
C MET A 84 -3.40 23.17 1.16
N GLY A 85 -3.76 21.91 1.44
CA GLY A 85 -4.93 21.58 2.25
C GLY A 85 -4.76 22.15 3.67
N ALA A 86 -3.57 21.98 4.23
CA ALA A 86 -3.28 22.54 5.58
C ALA A 86 -3.38 24.09 5.58
N ILE A 87 -2.85 24.72 4.53
CA ILE A 87 -2.89 26.19 4.41
C ILE A 87 -4.31 26.73 4.24
N SER A 88 -5.06 26.15 3.30
CA SER A 88 -6.45 26.52 3.10
C SER A 88 -7.24 26.40 4.40
N SER A 89 -7.04 25.26 5.07
CA SER A 89 -7.84 24.96 6.28
C SER A 89 -7.39 25.75 7.51
N SER A 90 -6.19 26.33 7.49
CA SER A 90 -5.68 27.10 8.65
C SER A 90 -5.99 28.60 8.48
N THR A 91 -6.50 28.96 7.31
CA THR A 91 -6.78 30.36 7.01
C THR A 91 -8.29 30.50 6.87
N LEU A 92 -8.88 29.78 5.92
CA LEU A 92 -10.30 29.89 5.62
C LEU A 92 -11.20 29.28 6.71
N ALA A 93 -10.63 28.48 7.61
CA ALA A 93 -11.39 28.06 8.81
C ALA A 93 -11.73 29.24 9.74
N PHE A 94 -10.95 30.31 9.67
CA PHE A 94 -11.16 31.48 10.54
C PHE A 94 -11.56 32.78 9.82
N LEU A 95 -11.09 32.97 8.60
CA LEU A 95 -11.30 34.26 7.95
C LEU A 95 -12.66 34.23 7.27
N GLN A 96 -13.41 35.34 7.41
CA GLN A 96 -14.67 35.49 6.69
C GLN A 96 -14.76 36.84 6.01
N LYS A 97 -15.79 37.00 5.18
CA LYS A 97 -16.05 38.24 4.49
C LYS A 97 -15.97 39.42 5.47
N GLY A 98 -15.18 40.42 5.11
CA GLY A 98 -14.98 41.60 5.97
C GLY A 98 -13.66 41.58 6.76
N ASP A 99 -13.06 40.41 6.92
CA ASP A 99 -11.78 40.29 7.64
C ASP A 99 -10.61 40.67 6.75
N HIS A 100 -9.50 41.03 7.38
CA HIS A 100 -8.28 41.40 6.70
C HIS A 100 -7.17 40.43 7.13
N LEU A 101 -6.35 40.06 6.16
CA LEU A 101 -5.22 39.20 6.32
C LEU A 101 -3.99 39.97 5.87
N ILE A 102 -2.96 40.02 6.70
CA ILE A 102 -1.61 40.46 6.28
C ILE A 102 -0.81 39.21 6.02
N ALA A 103 -0.23 39.05 4.83
CA ALA A 103 0.66 37.89 4.59
C ALA A 103 2.03 38.35 4.08
N GLY A 104 3.06 37.52 4.26
CA GLY A 104 4.39 37.82 3.70
C GLY A 104 4.33 38.02 2.19
N ASP A 105 5.23 38.84 1.65
CA ASP A 105 5.27 39.07 0.20
C ASP A 105 6.08 38.02 -0.52
N THR A 106 6.78 37.16 0.20
CA THR A 106 7.56 36.08 -0.44
C THR A 106 7.04 34.78 0.08
N LEU A 107 6.25 34.12 -0.74
CA LEU A 107 5.59 32.89 -0.29
C LEU A 107 5.67 31.91 -1.41
N TYR A 108 5.56 30.64 -1.03
CA TYR A 108 5.30 29.56 -1.96
C TYR A 108 4.24 29.98 -3.02
N GLY A 109 4.51 29.66 -4.30
CA GLY A 109 3.67 30.15 -5.42
C GLY A 109 2.19 29.88 -5.26
N CYS A 110 1.80 28.67 -4.90
CA CYS A 110 0.37 28.33 -4.75
C CYS A 110 -0.27 29.00 -3.54
N THR A 111 0.54 29.38 -2.55
CA THR A 111 0.02 30.18 -1.45
C THR A 111 -0.32 31.59 -1.96
N VAL A 112 0.56 32.16 -2.80
CA VAL A 112 0.24 33.44 -3.42
C VAL A 112 -1.07 33.31 -4.19
N SER A 113 -1.20 32.21 -4.94
CA SER A 113 -2.39 31.97 -5.76
C SER A 113 -3.65 31.93 -4.86
N LEU A 114 -3.55 31.20 -3.74
CA LEU A 114 -4.69 31.06 -2.81
C LEU A 114 -5.08 32.43 -2.24
N PHE A 115 -4.10 33.20 -1.76
CA PHE A 115 -4.37 34.45 -1.07
C PHE A 115 -4.83 35.54 -2.03
N THR A 116 -4.33 35.44 -3.25
CA THR A 116 -4.44 36.51 -4.22
C THR A 116 -5.63 36.24 -5.17
N HIS A 117 -5.90 34.98 -5.47
CA HIS A 117 -7.07 34.69 -6.34
C HIS A 117 -8.34 34.31 -5.53
N TRP A 118 -8.21 33.33 -4.63
CA TRP A 118 -9.41 32.82 -3.95
C TRP A 118 -9.88 33.64 -2.77
N LEU A 119 -9.02 34.03 -1.83
CA LEU A 119 -9.55 34.80 -0.68
C LEU A 119 -10.36 36.07 -1.04
N PRO A 120 -9.88 36.90 -2.03
CA PRO A 120 -10.70 38.07 -2.36
C PRO A 120 -12.07 37.74 -2.91
N ARG A 121 -12.22 36.58 -3.54
CA ARG A 121 -13.53 36.17 -4.07
C ARG A 121 -14.51 35.86 -2.96
N PHE A 122 -13.96 35.58 -1.78
CA PHE A 122 -14.76 35.27 -0.59
C PHE A 122 -14.91 36.51 0.33
N GLY A 123 -14.46 37.67 -0.15
CA GLY A 123 -14.73 38.96 0.47
C GLY A 123 -13.72 39.25 1.56
N ILE A 124 -12.64 38.48 1.55
CA ILE A 124 -11.54 38.65 2.52
C ILE A 124 -10.51 39.59 1.89
N GLU A 125 -10.13 40.63 2.63
CA GLU A 125 -9.12 41.59 2.20
C GLU A 125 -7.73 41.08 2.51
N VAL A 126 -6.82 41.22 1.57
CA VAL A 126 -5.48 40.64 1.72
C VAL A 126 -4.43 41.67 1.31
N ASP A 127 -3.44 41.87 2.16
CA ASP A 127 -2.24 42.60 1.78
C ASP A 127 -0.96 41.75 1.93
N LEU A 128 -0.15 41.68 0.89
CA LEU A 128 1.17 41.01 0.98
C LEU A 128 2.20 42.07 1.30
N ILE A 129 2.97 41.85 2.36
CA ILE A 129 3.73 42.92 3.03
C ILE A 129 5.14 42.36 3.24
N ASP A 130 6.16 43.24 3.24
CA ASP A 130 7.48 42.76 3.64
C ASP A 130 7.50 42.51 5.15
N THR A 131 7.29 41.25 5.56
CA THR A 131 7.22 40.90 6.98
C THR A 131 8.59 40.81 7.66
N SER A 132 9.67 41.05 6.92
CA SER A 132 10.99 41.17 7.57
C SER A 132 11.13 42.50 8.30
N ASP A 133 10.17 43.42 8.11
CA ASP A 133 10.15 44.69 8.85
C ASP A 133 8.83 44.80 9.66
N VAL A 134 8.93 44.66 10.98
CA VAL A 134 7.76 44.75 11.89
C VAL A 134 7.01 46.09 11.74
N GLU A 135 7.72 47.15 11.39
CA GLU A 135 7.08 48.47 11.25
C GLU A 135 6.14 48.53 10.03
N LYS A 136 6.53 47.83 8.98
CA LYS A 136 5.71 47.65 7.79
C LYS A 136 4.47 46.79 8.08
N VAL A 137 4.62 45.79 8.96
CA VAL A 137 3.47 45.03 9.40
C VAL A 137 2.47 45.94 10.18
N LYS A 138 3.00 46.73 11.11
CA LYS A 138 2.15 47.65 11.87
C LYS A 138 1.48 48.67 10.97
N ALA A 139 2.24 49.18 10.00
CA ALA A 139 1.72 50.24 9.13
C ALA A 139 0.54 49.70 8.26
N ALA A 140 0.54 48.39 8.00
CA ALA A 140 -0.51 47.75 7.16
C ALA A 140 -1.73 47.28 7.97
N TRP A 141 -1.64 47.42 9.29
CA TRP A 141 -2.70 46.90 10.20
C TRP A 141 -3.96 47.77 10.06
N LYS A 142 -5.13 47.14 10.10
CA LYS A 142 -6.43 47.84 10.02
C LYS A 142 -7.33 47.38 11.16
N PRO A 143 -8.42 48.14 11.46
CA PRO A 143 -9.26 47.70 12.58
C PRO A 143 -9.82 46.29 12.35
N ASN A 144 -9.92 45.84 11.09
CA ASN A 144 -10.49 44.52 10.78
C ASN A 144 -9.42 43.45 10.53
N THR A 145 -8.15 43.76 10.83
CA THR A 145 -7.11 42.71 10.72
C THR A 145 -7.30 41.56 11.72
N LYS A 146 -7.42 40.33 11.21
CA LYS A 146 -7.73 39.13 12.02
C LYS A 146 -6.64 38.08 11.98
N MET A 147 -5.71 38.21 11.01
CA MET A 147 -4.69 37.20 10.82
C MET A 147 -3.46 37.77 10.18
N VAL A 148 -2.29 37.31 10.65
CA VAL A 148 -1.00 37.50 9.98
C VAL A 148 -0.47 36.10 9.62
N TYR A 149 0.01 35.92 8.39
CA TYR A 149 0.47 34.61 7.89
C TYR A 149 1.89 34.80 7.37
N LEU A 150 2.83 34.02 7.91
CA LEU A 150 4.27 34.17 7.59
C LEU A 150 4.87 32.84 7.14
N GLU A 151 5.83 32.91 6.22
CA GLU A 151 6.75 31.80 5.94
C GLU A 151 8.09 32.35 6.28
N SER A 152 8.86 31.67 7.09
CA SER A 152 10.19 32.18 7.40
C SER A 152 11.07 30.99 7.78
N PRO A 153 12.23 30.84 7.12
CA PRO A 153 12.74 31.54 5.92
C PRO A 153 11.79 31.28 4.75
N ALA A 154 11.55 32.28 3.89
CA ALA A 154 10.55 32.15 2.78
C ALA A 154 11.06 31.29 1.63
N ASN A 155 10.14 30.63 0.93
CA ASN A 155 10.44 29.83 -0.24
C ASN A 155 10.24 30.76 -1.46
N PRO A 156 11.29 30.96 -2.29
CA PRO A 156 12.58 30.30 -2.28
C PRO A 156 13.72 31.19 -1.76
N THR A 157 13.46 32.46 -1.42
CA THR A 157 14.60 33.38 -1.15
C THR A 157 15.23 33.33 0.26
N CYS A 158 14.60 32.58 1.16
CA CYS A 158 15.06 32.45 2.55
C CYS A 158 14.93 33.72 3.40
N LYS A 159 14.21 34.71 2.88
CA LYS A 159 13.97 35.94 3.61
C LYS A 159 13.42 35.62 5.00
N VAL A 160 14.04 36.20 6.03
CA VAL A 160 13.68 35.93 7.42
C VAL A 160 12.71 37.01 7.95
N SER A 161 11.62 36.57 8.59
CA SER A 161 10.73 37.46 9.37
C SER A 161 10.95 37.27 10.87
N ASP A 162 10.72 38.33 11.64
CA ASP A 162 10.83 38.32 13.09
C ASP A 162 9.51 37.80 13.64
N ILE A 163 9.44 36.49 13.87
CA ILE A 163 8.20 35.84 14.27
C ILE A 163 7.79 36.28 15.66
N LYS A 164 8.77 36.36 16.58
CA LYS A 164 8.51 36.79 17.94
C LYS A 164 7.95 38.20 17.98
N GLY A 165 8.59 39.14 17.28
CA GLY A 165 8.16 40.52 17.26
C GLY A 165 6.79 40.72 16.63
N ILE A 166 6.48 39.97 15.59
CA ILE A 166 5.19 40.11 14.93
C ILE A 166 4.09 39.50 15.84
N ALA A 167 4.42 38.37 16.48
CA ALA A 167 3.52 37.74 17.51
C ALA A 167 3.04 38.72 18.59
N VAL A 168 3.96 39.54 19.11
CA VAL A 168 3.60 40.57 20.08
C VAL A 168 2.46 41.45 19.53
N VAL A 169 2.65 41.97 18.30
CA VAL A 169 1.62 42.81 17.70
C VAL A 169 0.30 42.03 17.56
N CYS A 170 0.35 40.82 17.02
CA CYS A 170 -0.86 39.99 16.88
C CYS A 170 -1.56 39.80 18.23
N HIS A 171 -0.77 39.53 19.29
CA HIS A 171 -1.37 39.21 20.57
C HIS A 171 -2.00 40.47 21.18
N GLU A 172 -1.42 41.64 20.95
CA GLU A 172 -2.00 42.88 21.48
C GLU A 172 -3.25 43.32 20.72
N ARG A 173 -3.42 42.87 19.49
CA ARG A 173 -4.51 43.42 18.68
C ARG A 173 -5.57 42.39 18.31
N GLY A 174 -5.50 41.19 18.84
CA GLY A 174 -6.54 40.19 18.58
C GLY A 174 -6.48 39.51 17.20
N ALA A 175 -5.27 39.30 16.66
CA ALA A 175 -5.11 38.57 15.39
C ALA A 175 -4.37 37.25 15.64
N ARG A 176 -4.74 36.19 14.91
CA ARG A 176 -4.00 34.92 14.94
C ARG A 176 -2.75 35.03 14.13
N LEU A 177 -1.68 34.46 14.63
CA LEU A 177 -0.46 34.36 13.87
C LEU A 177 -0.31 32.91 13.40
N VAL A 178 -0.16 32.77 12.09
CA VAL A 178 -0.01 31.47 11.44
C VAL A 178 1.35 31.41 10.76
N VAL A 179 2.12 30.34 11.01
CA VAL A 179 3.46 30.21 10.45
C VAL A 179 3.57 28.89 9.69
N ASP A 180 3.94 29.02 8.41
CA ASP A 180 4.35 27.89 7.58
C ASP A 180 5.85 27.65 7.80
N ALA A 181 6.14 26.58 8.52
CA ALA A 181 7.51 26.21 8.92
C ALA A 181 8.12 25.05 8.07
N THR A 182 7.48 24.78 6.94
CA THR A 182 7.90 23.75 6.01
C THR A 182 9.42 23.73 5.71
N PHE A 183 10.03 24.90 5.47
CA PHE A 183 11.45 24.98 5.02
C PHE A 183 12.48 24.56 6.06
N THR A 184 12.04 24.52 7.30
CA THR A 184 12.97 24.34 8.42
C THR A 184 12.72 23.04 9.18
N SER A 185 11.45 22.60 9.22
CA SER A 185 10.97 21.40 9.92
C SER A 185 10.77 21.70 11.38
N PRO A 186 9.92 20.90 12.07
CA PRO A 186 9.66 21.18 13.47
C PRO A 186 10.86 20.82 14.35
N CYS A 187 11.88 20.13 13.83
CA CYS A 187 13.09 19.95 14.67
C CYS A 187 13.80 21.24 15.01
N PHE A 188 13.74 22.20 14.09
CA PHE A 188 14.55 23.44 14.18
C PHE A 188 13.73 24.70 14.36
N LEU A 189 12.47 24.68 13.97
CA LEU A 189 11.58 25.85 14.09
C LEU A 189 10.28 25.41 14.74
N LYS A 190 10.00 25.99 15.92
CA LYS A 190 8.77 25.67 16.66
C LYS A 190 7.95 26.96 16.85
N PRO A 191 7.13 27.30 15.87
CA PRO A 191 6.48 28.62 15.91
C PRO A 191 5.61 28.83 17.16
N LEU A 192 5.00 27.75 17.67
CA LEU A 192 4.22 27.86 18.92
C LEU A 192 5.05 28.26 20.12
N GLU A 193 6.35 27.98 20.13
CA GLU A 193 7.19 28.52 21.20
C GLU A 193 7.57 29.99 20.99
N LEU A 194 7.35 30.52 19.79
CA LEU A 194 7.71 31.91 19.50
C LEU A 194 6.50 32.86 19.55
N GLY A 195 5.33 32.34 19.88
CA GLY A 195 4.13 33.17 19.95
C GLY A 195 3.10 32.93 18.85
N ALA A 196 3.36 32.03 17.90
CA ALA A 196 2.35 31.75 16.88
C ALA A 196 1.16 30.99 17.45
N ASP A 197 0.01 31.16 16.81
CA ASP A 197 -1.16 30.41 17.18
C ASP A 197 -1.27 29.09 16.43
N ILE A 198 -0.73 29.05 15.21
CA ILE A 198 -0.82 27.87 14.37
C ILE A 198 0.53 27.68 13.65
N ALA A 199 1.00 26.43 13.62
CA ALA A 199 2.23 26.06 12.92
C ALA A 199 1.82 24.98 11.94
N LEU A 200 2.18 25.14 10.66
CA LEU A 200 1.81 24.16 9.64
C LEU A 200 2.98 23.77 8.75
N HIS A 201 2.83 22.65 8.06
CA HIS A 201 3.87 22.13 7.16
C HIS A 201 3.26 21.44 5.98
N SER A 202 3.93 21.60 4.84
CA SER A 202 3.87 20.59 3.84
C SER A 202 4.71 19.41 4.34
N VAL A 203 4.03 18.32 4.67
CA VAL A 203 4.63 17.06 5.08
C VAL A 203 5.31 16.38 3.90
N SER A 204 4.83 16.70 2.68
CA SER A 204 5.50 16.35 1.42
C SER A 204 7.01 16.60 1.36
N1 LLP A 205 4.41 25.67 1.75
C2 LLP A 205 5.74 25.58 1.36
C2' LLP A 205 6.75 26.48 2.00
C3 LLP A 205 6.13 24.68 0.37
O3 LLP A 205 7.32 24.64 0.05
C4 LLP A 205 5.21 23.84 -0.23
C4' LLP A 205 5.67 22.84 -1.24
C5 LLP A 205 3.87 23.95 0.15
C6 LLP A 205 3.49 24.85 1.14
C5' LLP A 205 2.79 23.11 -0.45
OP4 LLP A 205 2.68 21.77 0.03
P LLP A 205 1.99 20.66 -0.89
OP1 LLP A 205 2.25 19.46 -0.04
OP2 LLP A 205 2.86 20.68 -2.10
OP3 LLP A 205 0.60 21.10 -1.09
N LLP A 205 7.47 17.55 2.15
CA LLP A 205 8.87 17.93 2.13
CB LLP A 205 9.00 19.47 2.17
CG LLP A 205 8.05 20.30 1.17
CD LLP A 205 8.06 19.87 -0.26
CE LLP A 205 7.12 20.73 -1.21
NZ LLP A 205 6.60 22.08 -0.59
C LLP A 205 9.66 17.16 3.22
O LLP A 205 9.67 15.93 3.21
N TYR A 206 10.30 17.85 4.17
CA TYR A 206 11.13 17.20 5.19
C TYR A 206 10.45 16.16 6.10
N ILE A 207 9.27 16.45 6.60
CA ILE A 207 8.71 15.58 7.65
C ILE A 207 8.66 14.12 7.13
N ASN A 208 8.08 13.93 5.94
CA ASN A 208 8.02 12.62 5.35
C ASN A 208 9.41 12.27 4.82
N GLY A 209 10.00 13.23 4.07
CA GLY A 209 11.43 13.18 3.72
C GLY A 209 11.85 12.22 2.60
N HIS A 210 10.89 11.42 2.07
CA HIS A 210 11.26 10.36 1.14
C HIS A 210 10.70 10.57 -0.27
N GLY A 211 10.13 11.76 -0.51
CA GLY A 211 9.67 12.14 -1.87
C GLY A 211 8.59 11.21 -2.43
N ASP A 212 7.82 10.57 -1.58
CA ASP A 212 6.83 9.63 -2.09
C ASP A 212 5.42 9.85 -1.56
N VAL A 213 5.19 10.98 -0.87
CA VAL A 213 3.87 11.31 -0.36
C VAL A 213 3.66 12.80 -0.52
N ILE A 214 2.44 13.20 -0.86
CA ILE A 214 1.99 14.60 -0.70
C ILE A 214 1.09 14.66 0.51
N GLY A 215 1.35 15.59 1.43
CA GLY A 215 0.52 15.69 2.60
C GLY A 215 0.79 16.98 3.35
N GLY A 216 -0.12 17.32 4.26
CA GLY A 216 0.00 18.53 5.05
C GLY A 216 -0.35 18.28 6.51
N VAL A 217 0.03 19.19 7.38
CA VAL A 217 -0.31 19.10 8.78
C VAL A 217 -0.39 20.53 9.34
N SER A 218 -1.34 20.73 10.24
CA SER A 218 -1.45 22.00 10.96
C SER A 218 -1.64 21.75 12.46
N SER A 219 -0.95 22.51 13.29
CA SER A 219 -1.01 22.29 14.73
C SER A 219 -1.39 23.62 15.42
N ALA A 220 -2.32 23.58 16.37
CA ALA A 220 -2.82 24.81 16.98
C ALA A 220 -2.49 24.83 18.45
N LYS A 221 -2.23 26.04 18.98
CA LYS A 221 -1.93 26.24 20.39
C LYS A 221 -3.14 25.91 21.33
N THR A 222 -4.35 25.93 20.78
CA THR A 222 -5.57 25.93 21.59
C THR A 222 -6.49 24.80 21.10
N ALA A 223 -7.12 24.10 22.04
CA ALA A 223 -8.05 23.05 21.69
C ALA A 223 -9.15 23.59 20.74
N GLU A 224 -9.60 24.80 21.01
CA GLU A 224 -10.68 25.36 20.25
C GLU A 224 -10.29 25.56 18.79
N ASP A 225 -9.07 26.06 18.56
CA ASP A 225 -8.63 26.34 17.21
C ASP A 225 -8.41 25.04 16.45
N ILE A 226 -7.84 24.02 17.09
CA ILE A 226 -7.68 22.77 16.36
C ILE A 226 -9.05 22.10 16.04
N ALA A 227 -10.03 22.19 16.95
CA ALA A 227 -11.37 21.69 16.65
C ALA A 227 -11.99 22.45 15.46
N THR A 228 -11.81 23.76 15.40
CA THR A 228 -12.32 24.57 14.26
C THR A 228 -11.67 24.15 12.95
N ILE A 229 -10.33 24.04 12.97
CA ILE A 229 -9.59 23.49 11.80
C ILE A 229 -10.17 22.14 11.33
N LYS A 230 -10.38 21.20 12.24
CA LYS A 230 -10.94 19.87 11.89
C LYS A 230 -12.38 19.94 11.43
N PHE A 231 -13.14 20.87 11.99
CA PHE A 231 -14.50 21.14 11.53
C PHE A 231 -14.48 21.63 10.08
N TYR A 232 -13.60 22.57 9.77
CA TYR A 232 -13.44 22.96 8.37
C TYR A 232 -13.06 21.77 7.46
N ARG A 233 -12.04 21.00 7.89
CA ARG A 233 -11.55 19.83 7.15
C ARG A 233 -12.66 18.84 6.81
N LYS A 234 -13.57 18.66 7.77
CA LYS A 234 -14.65 17.74 7.61
C LYS A 234 -15.56 18.16 6.43
N ASP A 235 -15.66 19.47 6.18
CA ASP A 235 -16.50 19.98 5.11
C ASP A 235 -15.77 20.29 3.82
N ALA A 236 -14.48 20.65 3.92
CA ALA A 236 -13.66 20.98 2.76
C ALA A 236 -13.00 19.72 2.18
N GLY A 237 -12.76 18.74 3.04
CA GLY A 237 -12.39 17.40 2.60
C GLY A 237 -10.96 17.10 2.17
N SER A 238 -10.00 17.93 2.57
CA SER A 238 -8.58 17.56 2.33
C SER A 238 -8.06 16.61 3.38
N LEU A 239 -8.05 15.31 3.05
CA LEU A 239 -7.73 14.24 3.99
C LEU A 239 -6.40 13.60 3.68
N MET A 240 -5.70 13.18 4.73
CA MET A 240 -4.53 12.33 4.53
C MET A 240 -5.02 10.88 4.46
N ALA A 241 -4.69 10.18 3.36
CA ALA A 241 -5.04 8.76 3.21
C ALA A 241 -4.33 7.91 4.27
N PRO A 242 -4.96 6.79 4.69
CA PRO A 242 -4.35 5.91 5.68
C PRO A 242 -2.96 5.41 5.23
N MET A 243 -2.80 5.04 3.96
CA MET A 243 -1.48 4.55 3.49
C MET A 243 -0.47 5.70 3.57
N ASP A 244 -0.89 6.89 3.17
CA ASP A 244 0.01 8.02 3.22
C ASP A 244 0.41 8.40 4.67
N ALA A 245 -0.55 8.32 5.60
CA ALA A 245 -0.25 8.54 7.04
C ALA A 245 0.74 7.49 7.58
N PHE A 246 0.56 6.23 7.20
CA PHE A 246 1.55 5.18 7.54
C PHE A 246 2.95 5.58 7.02
N LEU A 247 3.04 6.00 5.77
CA LEU A 247 4.35 6.40 5.19
C LEU A 247 4.92 7.64 5.86
N CYS A 248 4.09 8.65 6.15
CA CYS A 248 4.60 9.87 6.82
C CYS A 248 5.10 9.59 8.22
N ALA A 249 4.36 8.79 8.98
CA ALA A 249 4.82 8.39 10.35
C ALA A 249 6.13 7.62 10.29
N ARG A 250 6.22 6.71 9.33
CA ARG A 250 7.45 5.98 9.06
C ARG A 250 8.64 6.92 8.67
N GLY A 251 8.42 7.84 7.75
CA GLY A 251 9.47 8.81 7.39
C GLY A 251 9.87 9.67 8.59
N MET A 252 8.88 10.06 9.35
CA MET A 252 9.11 10.87 10.53
C MET A 252 9.95 10.16 11.62
N LYS A 253 10.00 8.83 11.61
CA LYS A 253 10.84 8.10 12.60
C LYS A 253 12.32 8.48 12.50
N THR A 254 12.76 8.90 11.32
CA THR A 254 14.15 9.35 11.08
C THR A 254 14.30 10.85 10.90
N LEU A 255 13.27 11.60 11.20
CA LEU A 255 13.34 13.04 10.94
C LEU A 255 14.52 13.70 11.69
N PRO A 256 14.69 13.47 13.02
CA PRO A 256 15.76 14.21 13.68
C PRO A 256 17.14 13.93 13.10
N ILE A 257 17.47 12.66 12.83
CA ILE A 257 18.79 12.36 12.25
C ILE A 257 18.89 12.89 10.82
N ARG A 258 17.83 12.76 10.01
CA ARG A 258 17.88 13.35 8.66
C ARG A 258 18.12 14.87 8.73
N MET A 259 17.36 15.55 9.57
CA MET A 259 17.53 17.01 9.69
C MET A 259 18.94 17.38 10.11
N GLN A 260 19.60 16.56 10.93
CA GLN A 260 20.94 16.91 11.42
C GLN A 260 21.89 16.89 10.23
N ILE A 261 21.77 15.86 9.42
CA ILE A 261 22.60 15.74 8.23
C ILE A 261 22.24 16.77 7.15
N HIS A 262 20.94 16.98 6.90
CA HIS A 262 20.53 18.07 5.98
C HIS A 262 21.16 19.40 6.43
N MET A 263 21.01 19.73 7.72
CA MET A 263 21.51 21.03 8.17
C MET A 263 23.01 21.16 7.87
N GLU A 264 23.80 20.18 8.29
CA GLU A 264 25.27 20.23 8.13
C GLU A 264 25.62 20.23 6.66
N ASN A 265 25.01 19.35 5.86
CA ASN A 265 25.30 19.31 4.43
C ASN A 265 25.01 20.67 3.77
N GLY A 266 23.85 21.24 4.09
CA GLY A 266 23.41 22.47 3.44
C GLY A 266 24.33 23.64 3.71
N LEU A 267 24.83 23.71 4.93
CA LEU A 267 25.76 24.79 5.31
C LEU A 267 27.11 24.67 4.63
N LYS A 268 27.60 23.43 4.47
CA LYS A 268 28.89 23.21 3.81
C LYS A 268 28.77 23.48 2.32
N VAL A 269 27.66 23.09 1.72
CA VAL A 269 27.41 23.39 0.31
C VAL A 269 27.29 24.91 0.12
N ALA A 270 26.52 25.57 0.98
CA ALA A 270 26.41 27.04 0.92
C ALA A 270 27.81 27.71 1.03
N LYS A 271 28.68 27.23 1.92
CA LYS A 271 30.00 27.87 2.08
C LYS A 271 30.88 27.64 0.86
N PHE A 272 30.79 26.44 0.30
CA PHE A 272 31.47 26.12 -0.95
C PHE A 272 31.00 27.05 -2.11
N LEU A 273 29.69 27.17 -2.29
CA LEU A 273 29.18 28.06 -3.33
C LEU A 273 29.58 29.49 -3.03
N GLU A 274 29.48 29.92 -1.76
CA GLU A 274 29.79 31.32 -1.42
C GLU A 274 31.20 31.72 -1.84
N GLN A 275 32.15 30.79 -1.78
CA GLN A 275 33.54 31.13 -2.13
C GLN A 275 33.86 30.85 -3.61
N HIS A 276 32.92 30.30 -4.37
CA HIS A 276 33.22 29.92 -5.75
C HIS A 276 33.10 31.13 -6.68
N GLU A 277 34.09 31.32 -7.54
CA GLU A 277 34.14 32.52 -8.41
C GLU A 277 32.92 32.69 -9.33
N LYS A 278 32.25 31.59 -9.66
CA LYS A 278 31.10 31.62 -10.55
C LYS A 278 29.83 32.10 -9.84
N ILE A 279 29.86 32.08 -8.50
CA ILE A 279 28.67 32.33 -7.72
C ILE A 279 28.65 33.79 -7.26
N VAL A 280 27.55 34.50 -7.55
CA VAL A 280 27.45 35.92 -7.20
C VAL A 280 27.07 36.13 -5.73
N LYS A 281 26.12 35.35 -5.25
CA LYS A 281 25.56 35.52 -3.91
C LYS A 281 24.92 34.20 -3.48
N VAL A 282 24.88 33.95 -2.16
CA VAL A 282 24.24 32.75 -1.62
C VAL A 282 23.26 33.17 -0.53
N ASN A 283 21.99 32.81 -0.70
CA ASN A 283 20.93 33.16 0.26
C ASN A 283 20.66 31.97 1.17
N HIS A 284 21.54 31.69 2.11
CA HIS A 284 21.27 30.64 3.11
C HIS A 284 21.25 31.35 4.44
N PRO A 285 20.17 31.20 5.24
CA PRO A 285 20.05 32.03 6.47
C PRO A 285 21.08 31.74 7.59
N GLY A 286 21.85 30.66 7.46
CA GLY A 286 22.90 30.32 8.43
C GLY A 286 24.25 30.96 8.10
N LEU A 287 24.33 31.62 6.95
CA LEU A 287 25.56 32.36 6.58
C LEU A 287 25.60 33.69 7.31
N GLU A 288 26.76 34.10 7.81
CA GLU A 288 26.87 35.43 8.40
C GLU A 288 26.63 36.60 7.43
N SER A 289 26.84 36.37 6.14
CA SER A 289 26.58 37.39 5.13
C SER A 289 25.08 37.64 4.94
N PHE A 290 24.22 36.77 5.48
CA PHE A 290 22.82 36.83 5.10
C PHE A 290 22.02 37.86 5.93
N PRO A 291 21.31 38.81 5.28
CA PRO A 291 20.47 39.72 6.07
C PRO A 291 19.42 38.91 6.84
N GLY A 292 19.31 39.12 8.13
CA GLY A 292 18.39 38.30 8.89
C GLY A 292 18.99 37.02 9.48
N HIS A 293 20.28 36.77 9.23
CA HIS A 293 20.96 35.70 9.94
C HIS A 293 20.81 35.81 11.47
N ASP A 294 20.90 37.03 12.02
CA ASP A 294 20.84 37.22 13.48
C ASP A 294 19.47 36.81 14.07
N ILE A 295 18.38 37.17 13.39
CA ILE A 295 17.04 36.75 13.79
C ILE A 295 16.87 35.22 13.65
N ALA A 296 17.26 34.66 12.50
CA ALA A 296 17.20 33.21 12.24
C ALA A 296 17.92 32.39 13.34
N LYS A 297 19.13 32.81 13.73
CA LYS A 297 19.90 32.06 14.73
C LYS A 297 19.32 32.14 16.15
N LYS A 298 18.63 33.22 16.50
CA LYS A 298 18.02 33.37 17.82
C LYS A 298 16.69 32.63 17.91
N GLN A 299 15.95 32.58 16.79
CA GLN A 299 14.55 32.09 16.82
C GLN A 299 14.41 30.64 16.37
N MET A 300 15.47 30.10 15.78
CA MET A 300 15.53 28.71 15.35
C MET A 300 16.72 28.02 16.00
N THR A 301 16.69 26.71 15.94
CA THR A 301 17.58 25.85 16.67
C THR A 301 18.42 25.09 15.59
N GLY A 302 18.21 25.45 14.33
CA GLY A 302 19.00 24.94 13.20
C GLY A 302 18.48 25.50 11.89
N TYR A 303 18.90 24.91 10.77
CA TYR A 303 18.47 25.39 9.45
C TYR A 303 18.06 24.21 8.58
N GLY A 304 17.08 24.42 7.71
CA GLY A 304 16.80 23.43 6.66
C GLY A 304 17.94 23.53 5.64
N SER A 305 17.85 22.77 4.55
CA SER A 305 18.97 22.75 3.62
C SER A 305 18.56 23.10 2.19
N THR A 306 17.46 23.83 2.09
CA THR A 306 16.96 24.35 0.83
C THR A 306 17.20 25.83 0.78
N PHE A 307 17.90 26.26 -0.26
CA PHE A 307 18.27 27.67 -0.32
C PHE A 307 18.59 28.02 -1.77
N LEU A 308 18.88 29.29 -2.01
CA LEU A 308 18.98 29.78 -3.34
C LEU A 308 20.33 30.46 -3.54
N PHE A 309 20.80 30.44 -4.76
CA PHE A 309 22.05 31.18 -5.07
C PHE A 309 21.94 31.79 -6.44
N GLU A 310 22.74 32.83 -6.64
CA GLU A 310 22.71 33.65 -7.86
C GLU A 310 23.90 33.35 -8.76
N MET A 311 23.63 32.94 -10.01
CA MET A 311 24.67 32.80 -11.02
C MET A 311 24.89 34.13 -11.76
N LYS A 312 25.84 34.16 -12.69
CA LYS A 312 26.13 35.41 -13.42
C LYS A 312 25.17 35.64 -14.56
N SER A 313 24.44 34.59 -14.94
CA SER A 313 23.53 34.75 -16.06
C SER A 313 22.57 33.60 -16.08
N PHE A 314 21.48 33.76 -16.80
CA PHE A 314 20.56 32.67 -17.02
C PHE A 314 21.29 31.49 -17.71
N GLU A 315 22.13 31.78 -18.69
CA GLU A 315 22.84 30.71 -19.39
C GLU A 315 23.74 29.91 -18.46
N ALA A 316 24.43 30.58 -17.55
CA ALA A 316 25.29 29.88 -16.58
C ALA A 316 24.45 29.02 -15.61
N ALA A 317 23.25 29.46 -15.29
CA ALA A 317 22.36 28.74 -14.38
C ALA A 317 21.90 27.47 -15.09
N LYS A 318 21.50 27.58 -16.36
CA LYS A 318 21.07 26.42 -17.17
C LYS A 318 22.23 25.43 -17.36
N LYS A 319 23.44 25.93 -17.64
CA LYS A 319 24.61 25.05 -17.82
C LYS A 319 24.88 24.22 -16.56
N LEU A 320 24.86 24.90 -15.41
CA LEU A 320 25.02 24.24 -14.12
C LEU A 320 23.92 23.18 -13.89
N MET A 321 22.65 23.60 -13.96
CA MET A 321 21.51 22.72 -13.67
C MET A 321 21.44 21.45 -14.52
N GLU A 322 21.90 21.56 -15.77
CA GLU A 322 21.80 20.48 -16.74
C GLU A 322 23.01 19.55 -16.82
N HIS A 323 24.01 19.74 -15.96
CA HIS A 323 25.24 18.95 -16.06
C HIS A 323 25.63 18.35 -14.70
N LEU A 324 24.62 18.09 -13.88
CA LEU A 324 24.81 17.45 -12.57
C LEU A 324 24.52 15.96 -12.65
N LYS A 325 25.22 15.14 -11.88
CA LYS A 325 24.99 13.69 -11.93
C LYS A 325 24.39 13.15 -10.65
N VAL A 326 24.57 13.88 -9.57
CA VAL A 326 24.03 13.51 -8.30
C VAL A 326 22.73 14.34 -8.09
N CYS A 327 22.81 15.67 -8.17
CA CYS A 327 21.61 16.49 -8.01
C CYS A 327 20.58 16.13 -9.10
N THR A 328 19.29 16.15 -8.77
CA THR A 328 18.23 15.86 -9.74
C THR A 328 17.39 17.12 -10.04
N LEU A 329 17.22 17.42 -11.33
CA LEU A 329 16.44 18.53 -11.79
C LEU A 329 14.95 18.22 -11.64
N ALA A 330 14.33 18.85 -10.66
CA ALA A 330 12.93 18.60 -10.28
C ALA A 330 12.52 19.68 -9.31
N VAL A 331 11.23 19.96 -9.24
CA VAL A 331 10.72 20.84 -8.17
C VAL A 331 10.52 19.97 -6.88
N SER A 332 10.03 20.60 -5.82
CA SER A 332 9.92 20.02 -4.45
C SER A 332 11.25 20.10 -3.74
N LEU A 333 11.27 19.69 -2.49
CA LEU A 333 12.46 19.85 -1.64
C LEU A 333 12.35 18.96 -0.42
N GLY A 334 13.45 18.88 0.36
CA GLY A 334 13.36 18.21 1.68
C GLY A 334 13.43 16.69 1.56
N CYS A 335 13.89 16.19 0.40
CA CYS A 335 14.04 14.75 0.15
CA CYS A 335 14.00 14.75 0.17
C CYS A 335 15.39 14.29 0.60
N VAL A 336 15.55 12.97 0.79
CA VAL A 336 16.84 12.42 1.19
C VAL A 336 17.90 12.65 0.10
N ASP A 337 17.47 12.73 -1.17
CA ASP A 337 18.40 13.01 -2.29
C ASP A 337 18.28 14.46 -2.79
N THR A 338 19.38 14.98 -3.35
CA THR A 338 19.50 16.39 -3.64
C THR A 338 18.70 16.77 -4.91
N LEU A 339 17.90 17.83 -4.79
CA LEU A 339 17.08 18.36 -5.88
C LEU A 339 17.55 19.76 -6.29
N ILE A 340 17.29 20.15 -7.54
CA ILE A 340 17.66 21.48 -7.96
C ILE A 340 16.65 22.01 -8.99
N GLU A 341 16.36 23.30 -8.95
CA GLU A 341 15.35 23.87 -9.86
C GLU A 341 15.59 25.34 -10.12
N HIS A 342 14.84 25.85 -11.11
CA HIS A 342 14.94 27.24 -11.56
C HIS A 342 13.64 28.01 -11.21
N PRO A 343 13.60 28.70 -10.05
CA PRO A 343 12.39 29.37 -9.58
C PRO A 343 11.70 30.25 -10.65
N ALA A 344 12.47 30.99 -11.44
CA ALA A 344 11.89 31.97 -12.38
C ALA A 344 10.99 31.32 -13.42
N SER A 345 11.36 30.10 -13.85
CA SER A 345 10.63 29.40 -14.92
C SER A 345 9.89 28.15 -14.42
N MET A 346 9.98 27.87 -13.12
CA MET A 346 9.34 26.68 -12.51
C MET A 346 8.41 26.96 -11.29
N THR A 347 8.90 26.88 -10.04
CA THR A 347 8.04 26.95 -8.83
C THR A 347 7.31 28.27 -8.62
N HIS A 348 7.89 29.33 -9.18
CA HIS A 348 7.42 30.71 -9.03
C HIS A 348 7.22 31.34 -10.39
N ALA A 349 7.01 30.52 -11.43
CA ALA A 349 6.69 31.04 -12.78
C ALA A 349 5.24 31.53 -12.93
N ALA A 350 4.35 31.18 -11.99
CA ALA A 350 2.96 31.66 -12.00
C ALA A 350 2.72 32.91 -11.15
N VAL A 351 3.74 33.29 -10.37
CA VAL A 351 3.66 34.47 -9.50
C VAL A 351 3.59 35.72 -10.37
N PRO A 352 2.47 36.49 -10.23
CA PRO A 352 2.25 37.72 -11.02
C PRO A 352 3.48 38.65 -10.93
N GLU A 353 3.82 39.26 -12.06
CA GLU A 353 5.08 40.00 -12.24
C GLU A 353 5.44 41.06 -11.19
N ASN A 354 4.44 41.74 -10.61
CA ASN A 354 4.67 42.72 -9.52
C ASN A 354 5.12 42.10 -8.18
N ILE A 355 4.55 40.93 -7.86
CA ILE A 355 4.92 40.19 -6.65
C ILE A 355 6.32 39.55 -6.87
N MET A 356 6.55 38.99 -8.06
CA MET A 356 7.82 38.33 -8.40
C MET A 356 8.99 39.31 -8.52
N ARG A 357 8.65 40.58 -8.72
CA ARG A 357 9.57 41.71 -8.68
C ARG A 357 9.90 42.06 -7.24
N LYS A 358 8.86 42.21 -6.41
CA LYS A 358 9.02 42.46 -4.98
C LYS A 358 9.68 41.28 -4.27
N GLN A 359 9.43 40.06 -4.77
CA GLN A 359 10.04 38.85 -4.22
C GLN A 359 11.54 38.75 -4.51
N GLY A 360 12.03 39.47 -5.54
CA GLY A 360 13.44 39.42 -5.93
C GLY A 360 13.89 38.15 -6.68
N ILE A 361 12.98 37.55 -7.45
CA ILE A 361 13.27 36.35 -8.23
C ILE A 361 13.62 36.72 -9.67
N THR A 362 14.85 36.38 -10.07
CA THR A 362 15.38 36.74 -11.38
C THR A 362 15.86 35.45 -12.11
N PRO A 363 16.07 35.49 -13.44
CA PRO A 363 16.47 34.26 -14.14
C PRO A 363 17.87 33.74 -13.77
N GLU A 364 18.65 34.52 -13.01
CA GLU A 364 19.98 34.07 -12.60
C GLU A 364 19.97 33.17 -11.38
N LEU A 365 18.81 33.02 -10.72
CA LEU A 365 18.75 32.28 -9.45
C LEU A 365 18.47 30.81 -9.65
N VAL A 366 19.20 30.00 -8.91
CA VAL A 366 19.00 28.55 -8.84
C VAL A 366 18.69 28.16 -7.39
N ARG A 367 17.70 27.29 -7.16
CA ARG A 367 17.39 26.82 -5.81
C ARG A 367 17.82 25.37 -5.66
N ILE A 368 18.54 25.06 -4.58
CA ILE A 368 19.03 23.70 -4.34
C ILE A 368 18.42 23.20 -3.04
N SER A 369 17.95 21.96 -3.03
CA SER A 369 17.52 21.31 -1.81
C SER A 369 18.51 20.19 -1.48
N VAL A 370 19.43 20.46 -0.54
CA VAL A 370 20.53 19.53 -0.29
C VAL A 370 20.04 18.34 0.51
N GLY A 371 20.33 17.15 0.00
CA GLY A 371 19.95 15.90 0.64
C GLY A 371 20.99 15.40 1.64
N ILE A 372 20.89 14.11 1.92
CA ILE A 372 21.72 13.46 2.93
C ILE A 372 22.82 12.55 2.35
N GLU A 373 23.02 12.64 1.03
CA GLU A 373 24.22 12.06 0.36
C GLU A 373 25.48 12.57 1.06
N ASN A 374 26.60 11.89 0.86
CA ASN A 374 27.85 12.38 1.40
C ASN A 374 28.16 13.76 0.83
N VAL A 375 28.51 14.69 1.72
CA VAL A 375 28.60 16.09 1.35
C VAL A 375 29.70 16.37 0.32
N ASP A 376 30.81 15.63 0.44
CA ASP A 376 31.87 15.71 -0.54
C ASP A 376 31.45 15.28 -1.96
N ASP A 377 30.58 14.25 -2.06
CA ASP A 377 30.06 13.82 -3.36
C ASP A 377 29.16 14.90 -3.99
N ILE A 378 28.32 15.54 -3.16
CA ILE A 378 27.51 16.70 -3.62
C ILE A 378 28.36 17.89 -4.09
N ILE A 379 29.32 18.29 -3.27
CA ILE A 379 30.23 19.35 -3.66
C ILE A 379 31.03 19.03 -4.92
N ALA A 380 31.52 17.79 -5.08
CA ALA A 380 32.29 17.42 -6.27
C ALA A 380 31.42 17.50 -7.54
N ASP A 381 30.13 17.18 -7.40
CA ASP A 381 29.20 17.18 -8.53
C ASP A 381 28.97 18.65 -8.95
N LEU A 382 28.73 19.53 -7.98
CA LEU A 382 28.57 20.96 -8.26
C LEU A 382 29.84 21.53 -8.86
N LYS A 383 30.97 21.16 -8.27
CA LYS A 383 32.25 21.73 -8.72
C LYS A 383 32.56 21.34 -10.18
N GLN A 384 32.35 20.06 -10.55
CA GLN A 384 32.60 19.64 -11.93
C GLN A 384 31.72 20.39 -12.93
N ALA A 385 30.43 20.56 -12.62
CA ALA A 385 29.54 21.33 -13.52
C ALA A 385 29.96 22.80 -13.60
N LEU A 386 30.37 23.37 -12.47
CA LEU A 386 30.79 24.78 -12.46
C LEU A 386 32.09 24.98 -13.22
N GLU A 387 32.91 23.95 -13.33
CA GLU A 387 34.20 24.06 -14.01
C GLU A 387 34.21 23.60 -15.48
N LEU A 388 33.04 23.37 -16.05
CA LEU A 388 32.94 22.88 -17.41
C LEU A 388 33.55 23.81 -18.43
N TRP A 389 34.17 23.19 -19.44
CA TRP A 389 34.53 23.83 -20.72
C TRP A 389 33.39 24.76 -21.21
N ALA B 3 -27.13 -23.09 5.05
CA ALA B 3 -28.04 -22.57 3.98
C ALA B 3 -27.63 -21.16 3.53
N GLN B 4 -26.85 -20.48 4.37
CA GLN B 4 -26.33 -19.16 4.04
C GLN B 4 -25.50 -19.31 2.76
N ASP B 5 -25.75 -18.44 1.79
CA ASP B 5 -25.09 -18.54 0.47
C ASP B 5 -23.60 -18.15 0.52
N ILE B 6 -22.80 -18.73 -0.39
CA ILE B 6 -21.35 -18.46 -0.44
C ILE B 6 -21.03 -16.96 -0.54
N THR B 7 -21.82 -16.24 -1.34
CA THR B 7 -21.70 -14.77 -1.45
C THR B 7 -21.72 -14.09 -0.07
N THR B 8 -22.69 -14.48 0.76
CA THR B 8 -22.87 -13.93 2.10
C THR B 8 -21.71 -14.31 3.03
N THR B 9 -21.30 -15.58 2.96
CA THR B 9 -20.18 -16.10 3.75
C THR B 9 -18.87 -15.32 3.52
N LEU B 10 -18.51 -15.11 2.25
CA LEU B 10 -17.28 -14.34 1.93
C LEU B 10 -17.34 -12.87 2.36
N LEU B 11 -18.54 -12.29 2.34
CA LEU B 11 -18.77 -10.90 2.77
C LEU B 11 -18.84 -10.73 4.28
N HIS B 12 -19.05 -11.84 4.99
CA HIS B 12 -19.17 -11.82 6.46
C HIS B 12 -18.30 -12.84 7.16
N PRO B 13 -16.97 -12.69 7.04
CA PRO B 13 -16.00 -13.63 7.62
C PRO B 13 -16.17 -13.73 9.13
N LYS B 14 -15.84 -14.88 9.70
CA LYS B 14 -15.76 -15.06 11.16
C LYS B 14 -14.56 -14.27 11.72
N GLY B 15 -14.69 -13.79 12.94
CA GLY B 15 -13.61 -13.00 13.57
C GLY B 15 -14.11 -11.70 14.16
N ASP B 16 -13.35 -11.19 15.11
CA ASP B 16 -13.61 -9.89 15.73
C ASP B 16 -13.15 -8.79 14.78
N HIS B 17 -13.87 -7.68 14.76
CA HIS B 17 -13.37 -6.45 14.16
C HIS B 17 -12.17 -5.96 14.99
N VAL B 18 -11.24 -5.28 14.32
CA VAL B 18 -10.13 -4.63 15.01
C VAL B 18 -10.46 -3.14 15.20
N LEU B 19 -10.42 -2.66 16.45
CA LEU B 19 -10.77 -1.26 16.73
C LEU B 19 -12.10 -0.79 16.08
N HIS B 20 -13.07 -1.69 15.98
CA HIS B 20 -14.36 -1.41 15.33
C HIS B 20 -14.26 -1.09 13.84
N SER B 21 -13.09 -1.27 13.24
CA SER B 21 -12.91 -1.01 11.80
C SER B 21 -13.78 -1.93 10.96
N HIS B 22 -14.50 -1.38 9.99
CA HIS B 22 -15.37 -2.19 9.08
C HIS B 22 -14.54 -3.03 8.13
N ALA B 23 -13.57 -2.40 7.46
CA ALA B 23 -12.61 -3.15 6.67
C ALA B 23 -11.53 -3.69 7.60
N TYR B 24 -11.03 -4.88 7.32
CA TYR B 24 -10.00 -5.48 8.16
C TYR B 24 -8.68 -4.79 7.89
N PRO B 25 -8.03 -4.24 8.94
CA PRO B 25 -6.78 -3.48 8.80
C PRO B 25 -5.67 -4.28 8.16
N ILE B 26 -4.73 -3.56 7.55
CA ILE B 26 -3.54 -4.15 6.96
C ILE B 26 -2.44 -4.14 8.03
N PHE B 27 -2.08 -5.33 8.51
CA PHE B 27 -1.07 -5.40 9.57
C PHE B 27 0.29 -5.45 8.96
N GLN B 28 0.73 -4.28 8.50
CA GLN B 28 2.06 -4.10 7.89
C GLN B 28 3.11 -3.98 9.01
N THR B 29 3.40 -5.14 9.60
CA THR B 29 4.35 -5.20 10.73
C THR B 29 5.18 -6.47 10.61
N SER B 30 6.41 -6.46 11.10
CA SER B 30 7.11 -7.72 11.19
C SER B 30 6.78 -8.42 12.51
N THR B 31 6.86 -7.68 13.62
CA THR B 31 6.79 -8.29 14.94
C THR B 31 5.61 -7.81 15.78
N PHE B 32 5.36 -8.53 16.89
CA PHE B 32 4.30 -8.22 17.87
C PHE B 32 4.91 -8.09 19.26
N CYS B 33 4.30 -7.25 20.10
CA CYS B 33 4.74 -6.97 21.46
C CYS B 33 4.18 -8.00 22.45
N PHE B 34 4.92 -8.23 23.54
CA PHE B 34 4.48 -9.13 24.58
C PHE B 34 4.13 -8.34 25.84
N ASP B 35 3.12 -8.82 26.56
CA ASP B 35 2.73 -8.22 27.86
C ASP B 35 3.74 -8.50 28.95
N SER B 36 4.43 -9.64 28.85
CA SER B 36 5.27 -10.13 29.93
C SER B 36 6.09 -11.27 29.38
N THR B 37 7.15 -11.66 30.09
CA THR B 37 7.98 -12.78 29.67
C THR B 37 7.13 -14.05 29.48
N GLN B 38 6.22 -14.30 30.43
CA GLN B 38 5.42 -15.51 30.45
C GLN B 38 4.45 -15.57 29.28
N GLN B 39 3.83 -14.45 28.96
CA GLN B 39 2.89 -14.37 27.84
C GLN B 39 3.58 -14.69 26.49
N GLY B 40 4.76 -14.13 26.29
CA GLY B 40 5.61 -14.46 25.12
C GLY B 40 6.05 -15.92 25.13
N ALA B 41 6.58 -16.41 26.26
CA ALA B 41 6.94 -17.82 26.35
C ALA B 41 5.72 -18.74 26.10
N ASP B 42 4.54 -18.36 26.61
CA ASP B 42 3.33 -19.15 26.36
C ASP B 42 3.00 -19.19 24.86
N LEU B 43 3.07 -18.06 24.18
CA LEU B 43 2.78 -18.03 22.75
C LEU B 43 3.74 -18.91 21.98
N PHE B 44 5.03 -18.87 22.32
CA PHE B 44 5.99 -19.74 21.63
C PHE B 44 5.68 -21.24 21.80
N MET B 45 4.98 -21.60 22.89
CA MET B 45 4.57 -22.99 23.14
C MET B 45 3.18 -23.33 22.61
N GLY B 46 2.53 -22.39 21.92
CA GLY B 46 1.17 -22.62 21.39
C GLY B 46 0.06 -22.47 22.41
N LYS B 47 0.36 -21.78 23.50
CA LYS B 47 -0.53 -21.61 24.65
C LYS B 47 -1.04 -20.16 24.67
N GLY B 48 -2.36 -19.99 24.71
CA GLY B 48 -2.99 -18.67 24.71
C GLY B 48 -3.24 -18.17 23.30
N GLU B 49 -3.82 -16.98 23.18
CA GLU B 49 -4.18 -16.38 21.90
C GLU B 49 -3.30 -15.18 21.66
N GLY B 50 -2.88 -14.98 20.42
CA GLY B 50 -1.99 -13.87 20.13
C GLY B 50 -1.06 -14.15 18.99
N HIS B 51 -0.23 -13.15 18.72
CA HIS B 51 0.72 -13.20 17.61
C HIS B 51 2.12 -12.92 18.15
N ILE B 52 3.11 -13.33 17.36
CA ILE B 52 4.50 -13.21 17.73
C ILE B 52 5.25 -12.49 16.61
N TYR B 53 5.07 -12.95 15.36
CA TYR B 53 5.97 -12.53 14.28
C TYR B 53 5.29 -12.91 12.97
N SER B 54 5.28 -11.99 11.99
CA SER B 54 4.47 -12.22 10.76
C SER B 54 4.74 -13.50 9.98
N ARG B 55 5.99 -13.95 9.91
CA ARG B 55 6.26 -15.27 9.31
C ARG B 55 5.48 -16.42 9.99
N LEU B 56 5.34 -16.38 11.31
CA LEU B 56 4.56 -17.40 12.03
C LEU B 56 3.07 -17.16 11.87
N GLY B 57 2.65 -15.90 11.83
CA GLY B 57 1.25 -15.59 11.67
C GLY B 57 0.97 -14.10 11.67
N ASN B 58 0.22 -13.66 10.67
CA ASN B 58 -0.14 -12.26 10.50
C ASN B 58 -1.66 -12.15 10.44
N PRO B 59 -2.25 -11.23 11.22
CA PRO B 59 -3.72 -11.22 11.28
C PRO B 59 -4.40 -10.96 9.91
N THR B 60 -3.81 -10.10 9.08
CA THR B 60 -4.41 -9.81 7.78
C THR B 60 -4.36 -11.05 6.89
N VAL B 61 -3.20 -11.73 6.90
CA VAL B 61 -3.05 -12.98 6.18
C VAL B 61 -4.04 -14.05 6.69
N GLU B 62 -4.12 -14.23 8.01
CA GLU B 62 -5.04 -15.21 8.59
C GLU B 62 -6.50 -14.99 8.23
N GLN B 63 -6.91 -13.74 8.06
CA GLN B 63 -8.28 -13.42 7.66
C GLN B 63 -8.54 -13.98 6.26
N PHE B 64 -7.58 -13.79 5.36
CA PHE B 64 -7.71 -14.34 4.00
C PHE B 64 -7.70 -15.88 4.03
N GLU B 65 -6.79 -16.45 4.82
CA GLU B 65 -6.77 -17.91 5.03
C GLU B 65 -8.14 -18.48 5.52
N GLU B 66 -8.78 -17.80 6.48
CA GLU B 66 -10.10 -18.24 6.98
C GLU B 66 -11.15 -18.23 5.90
N MET B 67 -11.12 -17.20 5.06
CA MET B 67 -12.02 -17.08 3.91
C MET B 67 -11.93 -18.28 2.97
N VAL B 68 -10.71 -18.64 2.60
CA VAL B 68 -10.48 -19.78 1.73
C VAL B 68 -10.85 -21.07 2.44
N CYS B 69 -10.45 -21.20 3.69
CA CYS B 69 -10.83 -22.36 4.51
C CYS B 69 -12.36 -22.57 4.56
N SER B 70 -13.12 -21.49 4.67
CA SER B 70 -14.59 -21.62 4.67
C SER B 70 -15.11 -22.22 3.35
N ILE B 71 -14.65 -21.69 2.22
CA ILE B 71 -15.17 -22.18 0.92
C ILE B 71 -14.70 -23.61 0.58
N GLU B 72 -13.48 -23.99 1.00
CA GLU B 72 -12.97 -25.35 0.74
C GLU B 72 -13.56 -26.46 1.63
N GLY B 73 -14.18 -26.06 2.75
CA GLY B 73 -14.54 -26.99 3.82
C GLY B 73 -13.34 -27.65 4.48
N ALA B 74 -12.26 -26.90 4.68
CA ALA B 74 -10.99 -27.48 5.17
C ALA B 74 -10.87 -27.44 6.68
N ALA B 75 -9.89 -28.16 7.24
CA ALA B 75 -9.48 -27.99 8.64
C ALA B 75 -8.72 -26.66 8.82
N GLY B 76 -7.99 -26.23 7.80
CA GLY B 76 -7.23 -24.98 7.85
C GLY B 76 -6.64 -24.70 6.49
N SER B 77 -6.19 -23.47 6.28
CA SER B 77 -5.57 -23.03 5.03
C SER B 77 -4.32 -22.22 5.31
N ALA B 78 -3.41 -22.22 4.37
CA ALA B 78 -2.13 -21.49 4.47
C ALA B 78 -1.92 -20.69 3.20
N ALA B 79 -1.61 -19.39 3.36
CA ALA B 79 -1.31 -18.50 2.26
C ALA B 79 0.20 -18.39 2.03
N PHE B 80 0.56 -18.16 0.77
CA PHE B 80 1.95 -18.12 0.33
C PHE B 80 2.16 -16.98 -0.63
N GLY B 81 3.44 -16.74 -0.90
CA GLY B 81 3.91 -15.72 -1.82
C GLY B 81 3.54 -15.99 -3.29
N SER B 82 3.12 -17.21 -3.61
CA SER B 82 2.82 -17.58 -5.00
C SER B 82 2.18 -18.95 -5.00
N GLY B 83 1.49 -19.27 -6.09
CA GLY B 83 1.05 -20.62 -6.35
C GLY B 83 2.19 -21.64 -6.27
N MET B 84 3.37 -21.29 -6.79
CA MET B 84 4.47 -22.24 -6.72
C MET B 84 4.90 -22.50 -5.25
N GLY B 85 4.81 -21.46 -4.41
CA GLY B 85 5.02 -21.63 -2.96
C GLY B 85 3.98 -22.57 -2.33
N ALA B 86 2.73 -22.48 -2.77
CA ALA B 86 1.74 -23.40 -2.24
C ALA B 86 2.00 -24.84 -2.69
N ILE B 87 2.40 -25.00 -3.95
CA ILE B 87 2.67 -26.32 -4.52
C ILE B 87 3.91 -26.96 -3.88
N SER B 88 5.01 -26.22 -3.83
CA SER B 88 6.24 -26.68 -3.16
C SER B 88 5.96 -27.09 -1.71
N SER B 89 5.24 -26.25 -0.98
CA SER B 89 4.93 -26.53 0.42
C SER B 89 3.89 -27.63 0.62
N SER B 90 3.08 -27.93 -0.39
CA SER B 90 2.07 -28.97 -0.23
C SER B 90 2.62 -30.31 -0.64
N THR B 91 3.82 -30.33 -1.23
CA THR B 91 4.43 -31.62 -1.67
C THR B 91 5.66 -31.97 -0.85
N LEU B 92 6.63 -31.05 -0.79
CA LEU B 92 7.89 -31.27 -0.09
C LEU B 92 7.75 -31.20 1.42
N ALA B 93 6.58 -30.75 1.89
CA ALA B 93 6.31 -30.81 3.31
C ALA B 93 6.13 -32.26 3.75
N PHE B 94 5.78 -33.13 2.79
CA PHE B 94 5.43 -34.53 3.08
C PHE B 94 6.38 -35.55 2.45
N LEU B 95 6.79 -35.30 1.22
CA LEU B 95 7.63 -36.24 0.50
C LEU B 95 9.07 -36.13 0.99
N GLN B 96 9.73 -37.26 1.16
CA GLN B 96 11.15 -37.28 1.51
C GLN B 96 11.90 -38.34 0.68
N LYS B 97 13.22 -38.36 0.81
CA LYS B 97 14.08 -39.29 0.08
C LYS B 97 13.54 -40.73 0.15
N GLY B 98 13.44 -41.39 -0.99
CA GLY B 98 12.94 -42.76 -1.05
C GLY B 98 11.45 -42.87 -1.32
N ASP B 99 10.73 -41.75 -1.21
CA ASP B 99 9.30 -41.73 -1.54
C ASP B 99 9.08 -41.63 -3.04
N HIS B 100 7.85 -41.92 -3.45
CA HIS B 100 7.46 -41.89 -4.84
C HIS B 100 6.18 -41.08 -4.97
N LEU B 101 6.16 -40.24 -6.01
CA LEU B 101 5.05 -39.36 -6.37
C LEU B 101 4.54 -39.71 -7.77
N ILE B 102 3.22 -39.90 -7.88
CA ILE B 102 2.56 -39.99 -9.19
C ILE B 102 1.91 -38.63 -9.49
N ALA B 103 2.29 -37.99 -10.58
CA ALA B 103 1.72 -36.68 -10.94
C ALA B 103 1.08 -36.76 -12.33
N GLY B 104 0.06 -35.94 -12.58
CA GLY B 104 -0.55 -35.86 -13.91
C GLY B 104 0.52 -35.47 -14.92
N ASP B 105 0.34 -35.86 -16.17
CA ASP B 105 1.37 -35.61 -17.18
C ASP B 105 1.23 -34.23 -17.79
N THR B 106 0.07 -33.61 -17.60
CA THR B 106 -0.18 -32.29 -18.15
C THR B 106 -0.30 -31.32 -16.98
N LEU B 107 0.76 -30.56 -16.74
CA LEU B 107 0.78 -29.61 -15.62
C LEU B 107 1.25 -28.25 -16.08
N TYR B 108 0.93 -27.24 -15.28
CA TYR B 108 1.57 -25.96 -15.42
C TYR B 108 3.11 -26.15 -15.55
N GLY B 109 3.71 -25.37 -16.44
CA GLY B 109 5.16 -25.47 -16.74
C GLY B 109 6.11 -25.52 -15.55
N CYS B 110 5.94 -24.61 -14.60
CA CYS B 110 6.82 -24.59 -13.43
C CYS B 110 6.59 -25.74 -12.44
N THR B 111 5.37 -26.26 -12.40
CA THR B 111 5.10 -27.50 -11.68
C THR B 111 5.93 -28.66 -12.30
N VAL B 112 5.98 -28.75 -13.62
CA VAL B 112 6.82 -29.75 -14.29
C VAL B 112 8.30 -29.56 -13.93
N SER B 113 8.77 -28.32 -13.96
CA SER B 113 10.13 -28.02 -13.60
C SER B 113 10.36 -28.44 -12.14
N LEU B 114 9.43 -28.10 -11.25
CA LEU B 114 9.56 -28.51 -9.86
C LEU B 114 9.70 -30.05 -9.72
N PHE B 115 8.75 -30.76 -10.31
CA PHE B 115 8.68 -32.20 -10.15
C PHE B 115 9.80 -32.96 -10.89
N THR B 116 10.31 -32.35 -11.95
CA THR B 116 11.26 -33.01 -12.86
C THR B 116 12.70 -32.65 -12.55
N HIS B 117 12.91 -31.44 -12.05
CA HIS B 117 14.26 -31.01 -11.73
C HIS B 117 14.60 -31.07 -10.25
N TRP B 118 13.78 -30.47 -9.40
CA TRP B 118 14.14 -30.38 -7.97
C TRP B 118 13.81 -31.64 -7.16
N LEU B 119 12.61 -32.21 -7.32
CA LEU B 119 12.28 -33.38 -6.46
C LEU B 119 13.29 -34.54 -6.60
N PRO B 120 13.74 -34.85 -7.83
CA PRO B 120 14.69 -35.97 -7.90
C PRO B 120 16.06 -35.65 -7.30
N ARG B 121 16.41 -34.35 -7.20
CA ARG B 121 17.66 -33.98 -6.50
C ARG B 121 17.54 -34.24 -5.00
N PHE B 122 16.31 -34.31 -4.51
CA PHE B 122 16.07 -34.61 -3.10
C PHE B 122 15.76 -36.11 -2.86
N GLY B 123 16.06 -36.95 -3.85
CA GLY B 123 15.89 -38.40 -3.73
C GLY B 123 14.44 -38.85 -3.84
N ILE B 124 13.57 -38.01 -4.35
CA ILE B 124 12.16 -38.36 -4.48
C ILE B 124 11.88 -38.88 -5.89
N GLU B 125 11.25 -40.05 -6.01
CA GLU B 125 10.96 -40.65 -7.31
C GLU B 125 9.66 -40.08 -7.84
N VAL B 126 9.66 -39.71 -9.12
CA VAL B 126 8.52 -39.04 -9.73
C VAL B 126 8.14 -39.66 -11.08
N ASP B 127 6.89 -40.09 -11.23
CA ASP B 127 6.39 -40.53 -12.53
C ASP B 127 5.25 -39.66 -12.99
N LEU B 128 5.37 -39.10 -14.19
CA LEU B 128 4.28 -38.34 -14.79
C LEU B 128 3.46 -39.31 -15.60
N ILE B 129 2.16 -39.39 -15.31
CA ILE B 129 1.31 -40.36 -15.98
C ILE B 129 -0.06 -39.80 -16.36
N ASP B 130 -0.73 -40.43 -17.32
CA ASP B 130 -2.05 -39.96 -17.74
C ASP B 130 -3.10 -40.26 -16.65
N THR B 131 -3.43 -39.25 -15.86
CA THR B 131 -4.34 -39.43 -14.71
C THR B 131 -5.84 -39.39 -15.07
N SER B 132 -6.16 -39.14 -16.35
CA SER B 132 -7.54 -39.25 -16.83
C SER B 132 -7.99 -40.73 -16.93
N ASP B 133 -7.06 -41.64 -16.64
CA ASP B 133 -7.36 -43.08 -16.63
C ASP B 133 -6.88 -43.71 -15.31
N VAL B 134 -7.85 -43.98 -14.43
CA VAL B 134 -7.58 -44.51 -13.09
C VAL B 134 -6.77 -45.81 -13.11
N GLU B 135 -7.04 -46.69 -14.07
CA GLU B 135 -6.24 -47.93 -14.19
C GLU B 135 -4.76 -47.67 -14.49
N LYS B 136 -4.45 -46.57 -15.17
CA LYS B 136 -3.05 -46.14 -15.39
C LYS B 136 -2.37 -45.66 -14.10
N VAL B 137 -3.13 -45.02 -13.23
CA VAL B 137 -2.66 -44.66 -11.89
C VAL B 137 -2.34 -45.90 -11.06
N LYS B 138 -3.21 -46.91 -11.14
CA LYS B 138 -3.02 -48.16 -10.42
C LYS B 138 -1.78 -48.93 -10.92
N ALA B 139 -1.57 -48.98 -12.23
CA ALA B 139 -0.42 -49.66 -12.84
C ALA B 139 0.91 -48.99 -12.49
N ALA B 140 0.90 -47.67 -12.33
CA ALA B 140 2.08 -46.90 -11.97
C ALA B 140 2.42 -46.98 -10.49
N TRP B 141 1.50 -47.51 -9.69
CA TRP B 141 1.68 -47.64 -8.23
C TRP B 141 2.87 -48.51 -7.80
N LYS B 142 3.58 -48.10 -6.75
CA LYS B 142 4.72 -48.87 -6.22
C LYS B 142 4.53 -49.00 -4.70
N PRO B 143 5.35 -49.86 -4.04
CA PRO B 143 5.15 -49.99 -2.58
C PRO B 143 5.48 -48.70 -1.84
N ASN B 144 6.26 -47.82 -2.45
CA ASN B 144 6.64 -46.58 -1.78
C ASN B 144 5.89 -45.32 -2.26
N THR B 145 4.81 -45.51 -3.02
CA THR B 145 4.00 -44.36 -3.48
C THR B 145 3.35 -43.68 -2.25
N LYS B 146 3.62 -42.39 -2.07
CA LYS B 146 3.09 -41.64 -0.92
C LYS B 146 2.13 -40.53 -1.34
N MET B 147 2.08 -40.22 -2.64
CA MET B 147 1.28 -39.10 -3.09
C MET B 147 0.91 -39.22 -4.55
N VAL B 148 -0.32 -38.79 -4.85
CA VAL B 148 -0.78 -38.47 -6.21
C VAL B 148 -1.07 -36.96 -6.30
N TYR B 149 -0.51 -36.30 -7.32
CA TYR B 149 -0.70 -34.87 -7.52
C TYR B 149 -1.43 -34.66 -8.85
N LEU B 150 -2.53 -33.90 -8.81
CA LEU B 150 -3.41 -33.71 -9.98
C LEU B 150 -3.69 -32.23 -10.23
N GLU B 151 -3.88 -31.89 -11.51
CA GLU B 151 -4.56 -30.66 -11.94
C GLU B 151 -5.71 -31.10 -12.83
N SER B 152 -6.91 -30.57 -12.60
CA SER B 152 -8.07 -30.96 -13.39
C SER B 152 -9.14 -29.88 -13.32
N PRO B 153 -9.53 -29.32 -14.50
CA PRO B 153 -8.99 -29.58 -15.83
C PRO B 153 -7.54 -29.09 -15.91
N ALA B 154 -6.71 -29.76 -16.69
CA ALA B 154 -5.27 -29.49 -16.70
C ALA B 154 -4.90 -28.19 -17.42
N ASN B 155 -3.78 -27.57 -17.03
CA ASN B 155 -3.23 -26.42 -17.73
C ASN B 155 -2.19 -26.91 -18.76
N PRO B 156 -2.44 -26.67 -20.08
CA PRO B 156 -3.45 -25.79 -20.67
C PRO B 156 -4.55 -26.48 -21.47
N THR B 157 -4.39 -27.79 -21.73
CA THR B 157 -5.27 -28.61 -22.59
C THR B 157 -6.65 -28.95 -21.99
N CYS B 158 -6.85 -28.58 -20.72
CA CYS B 158 -8.09 -28.87 -19.97
C CYS B 158 -8.42 -30.35 -19.74
N LYS B 159 -7.42 -31.24 -19.89
CA LYS B 159 -7.63 -32.67 -19.70
C LYS B 159 -8.22 -32.92 -18.32
N VAL B 160 -9.26 -33.75 -18.24
CA VAL B 160 -9.97 -33.99 -16.97
C VAL B 160 -9.53 -35.33 -16.34
N SER B 161 -9.30 -35.33 -15.03
CA SER B 161 -9.11 -36.56 -14.28
C SER B 161 -10.28 -36.85 -13.34
N ASP B 162 -10.51 -38.13 -13.07
CA ASP B 162 -11.51 -38.56 -12.10
C ASP B 162 -10.91 -38.48 -10.69
N ILE B 163 -11.02 -37.29 -10.09
CA ILE B 163 -10.50 -37.01 -8.76
C ILE B 163 -11.12 -37.98 -7.72
N LYS B 164 -12.42 -38.19 -7.85
CA LYS B 164 -13.17 -39.02 -6.91
C LYS B 164 -12.69 -40.48 -6.90
N GLY B 165 -12.49 -41.05 -8.08
CA GLY B 165 -12.03 -42.43 -8.21
C GLY B 165 -10.57 -42.60 -7.80
N ILE B 166 -9.74 -41.61 -8.16
CA ILE B 166 -8.33 -41.61 -7.76
C ILE B 166 -8.20 -41.47 -6.26
N ALA B 167 -9.11 -40.68 -5.65
CA ALA B 167 -9.16 -40.50 -4.20
C ALA B 167 -9.43 -41.79 -3.45
N VAL B 168 -10.36 -42.61 -3.96
CA VAL B 168 -10.62 -43.95 -3.42
C VAL B 168 -9.34 -44.82 -3.44
N VAL B 169 -8.64 -44.84 -4.59
CA VAL B 169 -7.37 -45.55 -4.72
C VAL B 169 -6.33 -45.07 -3.68
N CYS B 170 -6.22 -43.75 -3.52
CA CYS B 170 -5.34 -43.15 -2.53
C CYS B 170 -5.71 -43.52 -1.08
N HIS B 171 -6.99 -43.39 -0.72
CA HIS B 171 -7.48 -43.85 0.60
C HIS B 171 -7.14 -45.33 0.86
N GLU B 172 -7.45 -46.20 -0.12
CA GLU B 172 -7.17 -47.64 -0.03
C GLU B 172 -5.69 -47.97 0.13
N ARG B 173 -4.82 -47.21 -0.53
CA ARG B 173 -3.41 -47.62 -0.62
C ARG B 173 -2.43 -46.78 0.19
N GLY B 174 -2.95 -45.82 0.96
CA GLY B 174 -2.12 -45.00 1.87
C GLY B 174 -1.28 -43.90 1.23
N ALA B 175 -1.89 -43.12 0.35
CA ALA B 175 -1.21 -42.00 -0.25
C ALA B 175 -2.08 -40.76 -0.13
N ARG B 176 -1.46 -39.58 0.00
CA ARG B 176 -2.20 -38.30 -0.04
C ARG B 176 -2.58 -37.94 -1.45
N LEU B 177 -3.81 -37.44 -1.62
CA LEU B 177 -4.20 -36.82 -2.88
C LEU B 177 -4.18 -35.27 -2.77
N VAL B 178 -3.39 -34.65 -3.65
CA VAL B 178 -3.21 -33.20 -3.71
C VAL B 178 -3.77 -32.74 -5.06
N VAL B 179 -4.65 -31.75 -5.04
CA VAL B 179 -5.28 -31.26 -6.26
C VAL B 179 -5.09 -29.77 -6.40
N ASP B 180 -4.54 -29.38 -7.55
CA ASP B 180 -4.41 -27.99 -7.94
C ASP B 180 -5.68 -27.57 -8.68
N ALA B 181 -6.47 -26.70 -8.05
CA ALA B 181 -7.79 -26.39 -8.60
C ALA B 181 -7.83 -24.96 -9.14
N THR B 182 -6.64 -24.42 -9.41
CA THR B 182 -6.47 -23.08 -9.95
C THR B 182 -7.44 -22.76 -11.10
N PHE B 183 -7.55 -23.67 -12.08
CA PHE B 183 -8.30 -23.40 -13.31
C PHE B 183 -9.79 -23.19 -13.11
N THR B 184 -10.32 -23.71 -12.02
CA THR B 184 -11.75 -23.79 -11.87
C THR B 184 -12.28 -22.92 -10.75
N SER B 185 -11.42 -22.66 -9.77
CA SER B 185 -11.72 -21.87 -8.57
C SER B 185 -12.52 -22.70 -7.55
N PRO B 186 -12.48 -22.29 -6.25
CA PRO B 186 -13.20 -23.05 -5.22
C PRO B 186 -14.73 -22.86 -5.24
N CYS B 187 -15.24 -21.95 -6.09
CA CYS B 187 -16.69 -21.82 -6.28
C CYS B 187 -17.26 -23.02 -7.00
N PHE B 188 -16.45 -23.67 -7.84
CA PHE B 188 -16.96 -24.69 -8.77
C PHE B 188 -16.32 -26.07 -8.56
N LEU B 189 -15.12 -26.09 -7.95
CA LEU B 189 -14.40 -27.34 -7.69
C LEU B 189 -13.90 -27.36 -6.25
N LYS B 190 -14.39 -28.32 -5.49
CA LYS B 190 -14.02 -28.47 -4.08
C LYS B 190 -13.40 -29.85 -3.86
N PRO B 191 -12.09 -29.99 -4.15
CA PRO B 191 -11.44 -31.29 -4.11
C PRO B 191 -11.62 -32.06 -2.79
N LEU B 192 -11.63 -31.33 -1.66
CA LEU B 192 -11.81 -31.99 -0.36
C LEU B 192 -13.17 -32.68 -0.23
N GLU B 193 -14.19 -32.19 -0.94
CA GLU B 193 -15.49 -32.86 -1.01
C GLU B 193 -15.45 -34.12 -1.86
N LEU B 194 -14.41 -34.23 -2.71
CA LEU B 194 -14.27 -35.37 -3.61
C LEU B 194 -13.35 -36.46 -3.06
N GLY B 195 -12.73 -36.19 -1.91
CA GLY B 195 -11.87 -37.17 -1.25
C GLY B 195 -10.40 -36.80 -1.22
N ALA B 196 -10.03 -35.68 -1.83
CA ALA B 196 -8.63 -35.20 -1.76
C ALA B 196 -8.24 -34.84 -0.33
N ASP B 197 -6.95 -34.90 -0.06
CA ASP B 197 -6.40 -34.48 1.23
C ASP B 197 -6.02 -33.01 1.27
N ILE B 198 -5.60 -32.50 0.12
CA ILE B 198 -5.15 -31.11 -0.03
C ILE B 198 -5.70 -30.51 -1.31
N ALA B 199 -6.24 -29.28 -1.20
CA ALA B 199 -6.68 -28.46 -2.34
C ALA B 199 -5.93 -27.13 -2.36
N LEU B 200 -5.34 -26.78 -3.51
CA LEU B 200 -4.48 -25.60 -3.58
C LEU B 200 -4.78 -24.78 -4.81
N HIS B 201 -4.45 -23.48 -4.75
CA HIS B 201 -4.70 -22.54 -5.84
C HIS B 201 -3.55 -21.60 -5.95
N SER B 202 -3.25 -21.25 -7.20
CA SER B 202 -2.59 -19.97 -7.46
C SER B 202 -3.68 -18.89 -7.24
N VAL B 203 -3.53 -18.12 -6.18
CA VAL B 203 -4.46 -17.04 -5.87
C VAL B 203 -4.32 -15.92 -6.92
N SER B 204 -3.17 -15.90 -7.59
CA SER B 204 -2.84 -14.96 -8.66
C SER B 204 -3.90 -14.93 -9.75
N LYS B 205 -4.62 -16.05 -9.91
CA LYS B 205 -5.62 -16.17 -10.96
C LYS B 205 -7.01 -15.73 -10.49
N TYR B 206 -8.00 -16.63 -10.56
CA TYR B 206 -9.39 -16.26 -10.32
C TYR B 206 -9.71 -15.67 -8.93
N ILE B 207 -9.07 -16.21 -7.89
CA ILE B 207 -9.45 -15.92 -6.49
C ILE B 207 -9.25 -14.43 -6.26
N ASN B 208 -8.03 -13.94 -6.52
CA ASN B 208 -7.81 -12.50 -6.52
C ASN B 208 -8.55 -11.83 -7.69
N GLY B 209 -8.38 -12.42 -8.88
CA GLY B 209 -9.10 -12.04 -10.09
C GLY B 209 -8.85 -10.67 -10.70
N HIS B 210 -7.96 -9.87 -10.10
CA HIS B 210 -7.75 -8.51 -10.62
C HIS B 210 -6.36 -8.27 -11.25
N GLY B 211 -5.59 -9.35 -11.44
CA GLY B 211 -4.27 -9.29 -12.08
C GLY B 211 -3.22 -8.42 -11.42
N ASP B 212 -3.33 -8.20 -10.11
CA ASP B 212 -2.41 -7.27 -9.47
C ASP B 212 -1.70 -7.86 -8.25
N VAL B 213 -1.81 -9.17 -8.10
CA VAL B 213 -1.22 -9.92 -7.00
C VAL B 213 -0.73 -11.32 -7.49
N ILE B 214 0.42 -11.75 -6.97
CA ILE B 214 0.85 -13.15 -7.03
C ILE B 214 0.73 -13.73 -5.64
N GLY B 215 0.03 -14.85 -5.50
CA GLY B 215 -0.13 -15.52 -4.22
C GLY B 215 -0.57 -16.95 -4.42
N GLY B 216 -0.42 -17.75 -3.38
CA GLY B 216 -0.83 -19.13 -3.38
C GLY B 216 -1.60 -19.39 -2.11
N VAL B 217 -2.42 -20.42 -2.14
CA VAL B 217 -3.10 -20.90 -0.94
C VAL B 217 -3.20 -22.42 -1.00
N SER B 218 -3.02 -23.08 0.14
CA SER B 218 -3.24 -24.51 0.25
C SER B 218 -4.13 -24.81 1.46
N SER B 219 -5.04 -25.76 1.29
CA SER B 219 -6.06 -26.15 2.30
C SER B 219 -6.06 -27.64 2.52
N ALA B 220 -6.12 -28.08 3.78
CA ALA B 220 -5.94 -29.48 4.13
C ALA B 220 -7.17 -29.98 4.85
N LYS B 221 -7.53 -31.23 4.55
CA LYS B 221 -8.61 -31.93 5.22
C LYS B 221 -8.34 -32.09 6.73
N THR B 222 -7.10 -32.34 7.13
CA THR B 222 -6.83 -32.55 8.55
C THR B 222 -6.06 -31.41 9.21
N ALA B 223 -6.29 -31.26 10.52
CA ALA B 223 -5.54 -30.32 11.37
C ALA B 223 -4.04 -30.64 11.35
N GLU B 224 -3.68 -31.92 11.42
CA GLU B 224 -2.25 -32.31 11.37
C GLU B 224 -1.55 -31.94 10.06
N ASP B 225 -2.22 -32.17 8.93
CA ASP B 225 -1.65 -31.81 7.63
C ASP B 225 -1.46 -30.30 7.43
N ILE B 226 -2.43 -29.47 7.80
CA ILE B 226 -2.21 -28.05 7.65
C ILE B 226 -1.12 -27.52 8.60
N ALA B 227 -1.05 -28.07 9.82
CA ALA B 227 0.07 -27.76 10.72
C ALA B 227 1.45 -28.07 10.12
N THR B 228 1.53 -29.21 9.42
CA THR B 228 2.79 -29.63 8.75
C THR B 228 3.12 -28.67 7.62
N ILE B 229 2.12 -28.34 6.81
CA ILE B 229 2.32 -27.34 5.75
C ILE B 229 2.86 -26.00 6.31
N LYS B 230 2.25 -25.49 7.39
CA LYS B 230 2.71 -24.24 7.99
C LYS B 230 4.09 -24.34 8.65
N PHE B 231 4.41 -25.53 9.14
CA PHE B 231 5.74 -25.79 9.67
C PHE B 231 6.78 -25.73 8.56
N TYR B 232 6.49 -26.35 7.41
CA TYR B 232 7.35 -26.23 6.23
C TYR B 232 7.49 -24.76 5.76
N ARG B 233 6.37 -24.05 5.70
CA ARG B 233 6.33 -22.61 5.34
C ARG B 233 7.21 -21.73 6.25
N LYS B 234 7.16 -22.00 7.56
CA LYS B 234 7.98 -21.32 8.55
C LYS B 234 9.48 -21.35 8.13
N ASP B 235 9.94 -22.50 7.62
CA ASP B 235 11.37 -22.66 7.23
C ASP B 235 11.68 -22.37 5.75
N ALA B 236 10.72 -22.66 4.86
CA ALA B 236 10.88 -22.40 3.43
C ALA B 236 10.65 -20.91 3.09
N GLY B 237 9.72 -20.27 3.81
CA GLY B 237 9.60 -18.79 3.77
C GLY B 237 8.86 -18.15 2.60
N SER B 238 8.02 -18.92 1.91
CA SER B 238 7.10 -18.30 0.94
C SER B 238 5.85 -17.72 1.66
N LEU B 239 5.89 -16.42 1.93
CA LEU B 239 4.80 -15.76 2.67
C LEU B 239 3.94 -14.89 1.76
N MET B 240 2.65 -14.78 2.08
CA MET B 240 1.81 -13.74 1.45
C MET B 240 2.06 -12.46 2.25
N ALA B 241 2.42 -11.38 1.57
CA ALA B 241 2.58 -10.08 2.24
C ALA B 241 1.25 -9.55 2.76
N PRO B 242 1.27 -8.76 3.85
CA PRO B 242 0.01 -8.25 4.42
C PRO B 242 -0.79 -7.41 3.42
N MET B 243 -0.11 -6.59 2.59
CA MET B 243 -0.81 -5.81 1.57
C MET B 243 -1.48 -6.72 0.52
N ASP B 244 -0.76 -7.76 0.07
CA ASP B 244 -1.32 -8.71 -0.89
C ASP B 244 -2.51 -9.49 -0.31
N ALA B 245 -2.43 -9.86 0.97
CA ALA B 245 -3.58 -10.54 1.63
C ALA B 245 -4.76 -9.62 1.70
N PHE B 246 -4.49 -8.34 1.97
CA PHE B 246 -5.55 -7.34 1.96
C PHE B 246 -6.19 -7.30 0.57
N LEU B 247 -5.38 -7.26 -0.49
CA LEU B 247 -5.92 -7.25 -1.89
C LEU B 247 -6.61 -8.54 -2.31
N CYS B 248 -6.10 -9.70 -1.88
CA CYS B 248 -6.73 -11.00 -2.24
C CYS B 248 -8.10 -11.20 -1.59
N ALA B 249 -8.21 -10.83 -0.30
CA ALA B 249 -9.48 -10.86 0.43
C ALA B 249 -10.48 -9.95 -0.24
N ARG B 250 -10.01 -8.78 -0.67
CA ARG B 250 -10.86 -7.79 -1.29
C ARG B 250 -11.33 -8.32 -2.64
N GLY B 251 -10.40 -8.94 -3.40
CA GLY B 251 -10.74 -9.53 -4.69
C GLY B 251 -11.75 -10.66 -4.53
N MET B 252 -11.59 -11.42 -3.47
CA MET B 252 -12.41 -12.58 -3.24
C MET B 252 -13.85 -12.24 -2.86
N LYS B 253 -14.07 -11.02 -2.35
CA LYS B 253 -15.45 -10.53 -2.07
C LYS B 253 -16.38 -10.62 -3.30
N THR B 254 -15.82 -10.51 -4.50
CA THR B 254 -16.64 -10.60 -5.73
C THR B 254 -16.44 -11.92 -6.48
N LEU B 255 -15.78 -12.88 -5.86
CA LEU B 255 -15.44 -14.13 -6.54
C LEU B 255 -16.67 -14.84 -7.11
N PRO B 256 -17.74 -15.03 -6.30
CA PRO B 256 -18.87 -15.79 -6.86
C PRO B 256 -19.49 -15.15 -8.10
N ILE B 257 -19.78 -13.85 -8.07
CA ILE B 257 -20.38 -13.19 -9.23
C ILE B 257 -19.40 -13.18 -10.43
N ARG B 258 -18.13 -12.93 -10.16
CA ARG B 258 -17.12 -12.97 -11.22
C ARG B 258 -17.06 -14.33 -11.88
N MET B 259 -17.01 -15.40 -11.06
CA MET B 259 -16.97 -16.76 -11.62
C MET B 259 -18.18 -17.08 -12.46
N GLN B 260 -19.37 -16.67 -12.01
CA GLN B 260 -20.62 -16.91 -12.74
C GLN B 260 -20.50 -16.31 -14.14
N ILE B 261 -20.02 -15.08 -14.22
CA ILE B 261 -19.80 -14.42 -15.51
C ILE B 261 -18.69 -15.10 -16.34
N HIS B 262 -17.55 -15.38 -15.70
CA HIS B 262 -16.45 -16.10 -16.34
C HIS B 262 -16.98 -17.39 -17.00
N MET B 263 -17.73 -18.18 -16.23
CA MET B 263 -18.27 -19.44 -16.70
C MET B 263 -19.12 -19.25 -17.94
N GLU B 264 -20.13 -18.38 -17.85
CA GLU B 264 -21.07 -18.15 -18.95
C GLU B 264 -20.35 -17.54 -20.16
N ASN B 265 -19.49 -16.57 -19.90
CA ASN B 265 -18.68 -15.95 -20.96
C ASN B 265 -17.82 -16.97 -21.70
N GLY B 266 -16.99 -17.72 -20.97
CA GLY B 266 -16.15 -18.74 -21.57
C GLY B 266 -16.88 -19.79 -22.38
N LEU B 267 -18.03 -20.26 -21.88
CA LEU B 267 -18.82 -21.25 -22.62
C LEU B 267 -19.30 -20.71 -23.96
N LYS B 268 -19.80 -19.47 -23.97
CA LYS B 268 -20.30 -18.83 -25.18
C LYS B 268 -19.18 -18.62 -26.20
N VAL B 269 -18.01 -18.16 -25.74
CA VAL B 269 -16.85 -17.97 -26.61
C VAL B 269 -16.36 -19.31 -27.21
N ALA B 270 -16.34 -20.38 -26.40
CA ALA B 270 -15.93 -21.70 -26.89
C ALA B 270 -16.88 -22.26 -27.96
N LYS B 271 -18.19 -22.03 -27.80
CA LYS B 271 -19.14 -22.50 -28.80
C LYS B 271 -19.05 -21.68 -30.08
N PHE B 272 -18.78 -20.37 -29.95
CA PHE B 272 -18.53 -19.56 -31.15
C PHE B 272 -17.36 -20.13 -31.95
N LEU B 273 -16.23 -20.32 -31.26
CA LEU B 273 -15.03 -20.88 -31.86
C LEU B 273 -15.23 -22.30 -32.40
N GLU B 274 -15.94 -23.15 -31.66
CA GLU B 274 -16.16 -24.54 -32.11
C GLU B 274 -16.89 -24.65 -33.43
N GLN B 275 -17.77 -23.69 -33.72
CA GLN B 275 -18.53 -23.65 -34.98
C GLN B 275 -17.91 -22.77 -36.09
N HIS B 276 -16.80 -22.09 -35.78
CA HIS B 276 -16.07 -21.27 -36.77
C HIS B 276 -15.23 -22.12 -37.71
N GLU B 277 -15.15 -21.70 -38.98
CA GLU B 277 -14.49 -22.48 -40.05
C GLU B 277 -12.98 -22.60 -39.90
N LYS B 278 -12.37 -21.70 -39.12
CA LYS B 278 -10.90 -21.68 -38.99
C LYS B 278 -10.34 -22.48 -37.82
N ILE B 279 -11.25 -22.98 -36.99
CA ILE B 279 -10.88 -23.68 -35.75
C ILE B 279 -11.04 -25.20 -35.87
N VAL B 280 -9.94 -25.92 -35.66
CA VAL B 280 -9.94 -27.39 -35.78
C VAL B 280 -10.63 -28.05 -34.58
N LYS B 281 -10.43 -27.48 -33.39
CA LYS B 281 -11.10 -27.98 -32.18
C LYS B 281 -10.94 -27.04 -30.98
N VAL B 282 -11.90 -27.13 -30.07
CA VAL B 282 -11.91 -26.34 -28.85
C VAL B 282 -11.95 -27.28 -27.65
N ASN B 283 -10.98 -27.11 -26.76
CA ASN B 283 -10.88 -27.92 -25.56
C ASN B 283 -11.46 -27.13 -24.40
N HIS B 284 -12.77 -27.23 -24.23
CA HIS B 284 -13.44 -26.65 -23.07
C HIS B 284 -14.20 -27.80 -22.37
N PRO B 285 -13.94 -28.01 -21.06
CA PRO B 285 -14.51 -29.15 -20.34
C PRO B 285 -16.05 -29.16 -20.29
N GLY B 286 -16.67 -28.02 -20.60
CA GLY B 286 -18.13 -27.89 -20.63
C GLY B 286 -18.78 -28.08 -21.99
N LEU B 287 -17.97 -28.40 -23.01
CA LEU B 287 -18.49 -28.75 -24.33
C LEU B 287 -18.82 -30.23 -24.38
N GLU B 288 -19.99 -30.55 -24.94
CA GLU B 288 -20.45 -31.94 -25.03
C GLU B 288 -19.44 -32.82 -25.78
N SER B 289 -18.79 -32.24 -26.79
CA SER B 289 -17.77 -32.90 -27.61
C SER B 289 -16.47 -33.24 -26.86
N PHE B 290 -16.21 -32.59 -25.72
CA PHE B 290 -14.94 -32.78 -25.02
C PHE B 290 -14.85 -34.12 -24.29
N PRO B 291 -13.77 -34.89 -24.54
CA PRO B 291 -13.50 -36.13 -23.82
C PRO B 291 -13.29 -35.81 -22.34
N GLY B 292 -14.10 -36.40 -21.48
CA GLY B 292 -14.00 -36.03 -20.07
C GLY B 292 -15.04 -35.02 -19.61
N HIS B 293 -15.85 -34.51 -20.55
CA HIS B 293 -16.96 -33.63 -20.19
C HIS B 293 -17.85 -34.24 -19.11
N ASP B 294 -18.08 -35.56 -19.22
CA ASP B 294 -19.05 -36.25 -18.35
C ASP B 294 -18.57 -36.34 -16.90
N ILE B 295 -17.28 -36.53 -16.71
CA ILE B 295 -16.66 -36.53 -15.38
C ILE B 295 -16.63 -35.12 -14.77
N ALA B 296 -16.33 -34.12 -15.60
CA ALA B 296 -16.30 -32.73 -15.14
C ALA B 296 -17.69 -32.22 -14.71
N LYS B 297 -18.75 -32.52 -15.45
CA LYS B 297 -20.09 -32.09 -15.06
C LYS B 297 -20.54 -32.74 -13.73
N LYS B 298 -20.12 -33.97 -13.50
CA LYS B 298 -20.43 -34.70 -12.26
C LYS B 298 -19.62 -34.19 -11.05
N GLN B 299 -18.33 -33.92 -11.24
CA GLN B 299 -17.43 -33.62 -10.10
C GLN B 299 -17.24 -32.13 -9.80
N MET B 300 -17.71 -31.31 -10.71
CA MET B 300 -17.61 -29.86 -10.55
C MET B 300 -19.01 -29.26 -10.62
N THR B 301 -19.18 -28.07 -10.06
CA THR B 301 -20.48 -27.37 -10.11
C THR B 301 -20.46 -26.21 -11.10
N GLY B 302 -19.37 -26.10 -11.84
CA GLY B 302 -19.27 -25.12 -12.92
C GLY B 302 -17.92 -25.23 -13.60
N TYR B 303 -17.64 -24.30 -14.52
CA TYR B 303 -16.38 -24.31 -15.27
C TYR B 303 -15.69 -22.94 -15.19
N GLY B 304 -14.36 -22.95 -15.08
CA GLY B 304 -13.55 -21.75 -15.33
C GLY B 304 -13.62 -21.39 -16.80
N SER B 305 -12.99 -20.28 -17.18
CA SER B 305 -13.08 -19.79 -18.55
C SER B 305 -11.75 -19.72 -19.28
N THR B 306 -10.79 -20.55 -18.87
CA THR B 306 -9.50 -20.68 -19.56
C THR B 306 -9.48 -22.03 -20.29
N PHE B 307 -9.23 -22.00 -21.60
CA PHE B 307 -9.24 -23.20 -22.41
C PHE B 307 -8.43 -22.96 -23.66
N LEU B 308 -8.07 -24.02 -24.37
CA LEU B 308 -7.31 -23.83 -25.58
C LEU B 308 -8.07 -24.30 -26.82
N PHE B 309 -7.67 -23.75 -27.96
CA PHE B 309 -8.25 -24.14 -29.26
C PHE B 309 -7.16 -24.23 -30.33
N GLU B 310 -7.46 -24.97 -31.39
CA GLU B 310 -6.47 -25.32 -32.41
C GLU B 310 -6.70 -24.58 -33.73
N MET B 311 -5.63 -23.96 -34.24
CA MET B 311 -5.67 -23.29 -35.53
C MET B 311 -5.13 -24.26 -36.58
N LYS B 312 -5.35 -23.94 -37.86
CA LYS B 312 -4.92 -24.78 -38.96
C LYS B 312 -3.40 -24.79 -39.14
N SER B 313 -2.75 -23.69 -38.79
CA SER B 313 -1.28 -23.60 -38.83
C SER B 313 -0.74 -22.64 -37.74
N PHE B 314 0.58 -22.55 -37.64
CA PHE B 314 1.24 -21.62 -36.73
C PHE B 314 1.07 -20.18 -37.20
N GLU B 315 1.07 -19.99 -38.52
CA GLU B 315 0.88 -18.66 -39.11
C GLU B 315 -0.51 -18.10 -38.78
N ALA B 316 -1.54 -18.95 -38.90
CA ALA B 316 -2.91 -18.60 -38.49
C ALA B 316 -3.02 -18.21 -37.00
N ALA B 317 -2.38 -18.98 -36.13
CA ALA B 317 -2.38 -18.70 -34.69
C ALA B 317 -1.73 -17.35 -34.42
N LYS B 318 -0.54 -17.17 -34.98
CA LYS B 318 0.21 -15.92 -34.95
C LYS B 318 -0.64 -14.73 -35.45
N LYS B 319 -1.37 -14.93 -36.56
CA LYS B 319 -2.25 -13.89 -37.11
C LYS B 319 -3.41 -13.51 -36.19
N LEU B 320 -4.01 -14.52 -35.56
CA LEU B 320 -5.12 -14.30 -34.64
C LEU B 320 -4.64 -13.57 -33.40
N MET B 321 -3.63 -14.12 -32.74
CA MET B 321 -3.10 -13.55 -31.49
C MET B 321 -2.63 -12.10 -31.61
N GLU B 322 -2.14 -11.72 -32.78
CA GLU B 322 -1.55 -10.38 -32.96
C GLU B 322 -2.47 -9.32 -33.59
N HIS B 323 -3.69 -9.69 -33.94
CA HIS B 323 -4.66 -8.71 -34.50
C HIS B 323 -5.93 -8.54 -33.66
N LEU B 324 -5.80 -8.78 -32.36
CA LEU B 324 -6.90 -8.62 -31.42
C LEU B 324 -6.79 -7.25 -30.77
N LYS B 325 -7.92 -6.56 -30.64
CA LYS B 325 -7.94 -5.22 -30.03
C LYS B 325 -8.39 -5.17 -28.57
N VAL B 326 -9.17 -6.16 -28.14
CA VAL B 326 -9.71 -6.20 -26.78
C VAL B 326 -8.89 -7.17 -25.93
N CYS B 327 -8.82 -8.43 -26.36
CA CYS B 327 -7.94 -9.44 -25.77
C CYS B 327 -6.49 -8.95 -25.73
N THR B 328 -5.81 -9.23 -24.62
CA THR B 328 -4.41 -8.83 -24.41
C THR B 328 -3.48 -10.04 -24.50
N LEU B 329 -2.42 -9.90 -25.30
CA LEU B 329 -1.39 -10.91 -25.41
C LEU B 329 -0.48 -10.89 -24.16
N ALA B 330 -0.60 -11.94 -23.35
CA ALA B 330 0.05 -12.00 -22.04
C ALA B 330 -0.15 -13.41 -21.45
N VAL B 331 0.80 -13.86 -20.64
CA VAL B 331 0.61 -15.08 -19.84
C VAL B 331 -0.23 -14.74 -18.60
N SER B 332 -0.63 -15.79 -17.85
CA SER B 332 -1.53 -15.71 -16.71
C SER B 332 -2.98 -15.94 -17.13
N LEU B 333 -3.87 -15.98 -16.14
CA LEU B 333 -5.26 -16.24 -16.42
C LEU B 333 -6.12 -15.84 -15.24
N GLY B 334 -7.43 -15.92 -15.45
CA GLY B 334 -8.39 -15.66 -14.39
C GLY B 334 -8.51 -14.20 -14.01
N CYS B 335 -8.05 -13.31 -14.89
CA CYS B 335 -8.17 -11.87 -14.62
CA CYS B 335 -8.16 -11.86 -14.65
C CYS B 335 -9.54 -11.37 -15.10
N VAL B 336 -9.95 -10.17 -14.64
CA VAL B 336 -11.23 -9.59 -15.07
C VAL B 336 -11.29 -9.31 -16.58
N ASP B 337 -10.13 -9.02 -17.18
CA ASP B 337 -10.09 -8.81 -18.65
C ASP B 337 -9.55 -10.04 -19.39
N THR B 338 -9.83 -10.14 -20.68
CA THR B 338 -9.44 -11.30 -21.49
C THR B 338 -7.96 -11.33 -21.88
N LEU B 339 -7.32 -12.45 -21.54
CA LEU B 339 -5.93 -12.72 -21.89
C LEU B 339 -5.83 -13.82 -22.94
N ILE B 340 -4.74 -13.79 -23.69
CA ILE B 340 -4.49 -14.80 -24.71
C ILE B 340 -2.99 -15.09 -24.80
N GLU B 341 -2.65 -16.32 -25.15
CA GLU B 341 -1.31 -16.83 -24.93
C GLU B 341 -0.98 -17.95 -25.93
N HIS B 342 0.31 -18.14 -26.19
CA HIS B 342 0.79 -19.24 -27.07
C HIS B 342 1.61 -20.22 -26.23
N PRO B 343 0.99 -21.33 -25.76
CA PRO B 343 1.61 -22.26 -24.80
C PRO B 343 2.96 -22.86 -25.26
N ALA B 344 3.06 -23.27 -26.52
CA ALA B 344 4.28 -23.89 -27.05
C ALA B 344 5.56 -23.07 -26.80
N SER B 345 5.45 -21.73 -26.89
CA SER B 345 6.63 -20.86 -26.80
C SER B 345 6.58 -19.90 -25.60
N MET B 346 5.56 -20.04 -24.75
CA MET B 346 5.44 -19.20 -23.57
C MET B 346 5.30 -20.05 -22.30
N THR B 347 4.07 -20.27 -21.81
CA THR B 347 3.87 -20.92 -20.50
C THR B 347 4.52 -22.29 -20.39
N HIS B 348 4.57 -23.01 -21.51
CA HIS B 348 5.10 -24.38 -21.53
C HIS B 348 6.29 -24.53 -22.46
N ALA B 349 7.10 -23.47 -22.57
CA ALA B 349 8.27 -23.49 -23.47
C ALA B 349 9.41 -24.36 -22.93
N ALA B 350 9.56 -24.39 -21.59
CA ALA B 350 10.72 -25.05 -20.97
C ALA B 350 10.53 -26.56 -20.69
N VAL B 351 9.31 -27.05 -20.86
CA VAL B 351 9.03 -28.47 -20.61
C VAL B 351 9.72 -29.35 -21.67
N PRO B 352 10.48 -30.38 -21.23
CA PRO B 352 11.23 -31.27 -22.14
C PRO B 352 10.35 -31.88 -23.25
N GLU B 353 10.90 -31.97 -24.47
CA GLU B 353 10.17 -32.50 -25.64
C GLU B 353 9.34 -33.72 -25.27
N ASN B 354 10.01 -34.71 -24.66
CA ASN B 354 9.41 -35.93 -24.11
C ASN B 354 8.04 -35.71 -23.42
N ILE B 355 8.02 -34.88 -22.38
CA ILE B 355 6.79 -34.56 -21.64
C ILE B 355 5.79 -33.74 -22.48
N MET B 356 6.30 -32.86 -23.34
CA MET B 356 5.47 -31.95 -24.16
C MET B 356 4.62 -32.66 -25.20
N ARG B 357 5.19 -33.71 -25.79
CA ARG B 357 4.47 -34.51 -26.76
C ARG B 357 3.44 -35.42 -26.08
N LYS B 358 3.79 -35.96 -24.91
CA LYS B 358 2.81 -36.61 -24.03
C LYS B 358 1.63 -35.68 -23.69
N GLN B 359 1.91 -34.39 -23.51
CA GLN B 359 0.89 -33.37 -23.21
C GLN B 359 -0.03 -33.00 -24.40
N GLY B 360 0.40 -33.33 -25.62
CA GLY B 360 -0.31 -32.91 -26.84
C GLY B 360 -0.29 -31.42 -27.12
N ILE B 361 0.80 -30.75 -26.73
CA ILE B 361 0.93 -29.30 -26.96
C ILE B 361 1.73 -29.03 -28.23
N THR B 362 1.12 -28.32 -29.18
CA THR B 362 1.72 -28.10 -30.50
C THR B 362 1.75 -26.60 -30.84
N PRO B 363 2.58 -26.19 -31.83
CA PRO B 363 2.63 -24.76 -32.16
C PRO B 363 1.31 -24.19 -32.69
N GLU B 364 0.31 -25.04 -32.94
CA GLU B 364 -0.97 -24.60 -33.51
C GLU B 364 -2.03 -24.24 -32.45
N LEU B 365 -1.72 -24.46 -31.17
CA LEU B 365 -2.66 -24.22 -30.07
C LEU B 365 -2.53 -22.84 -29.47
N VAL B 366 -3.68 -22.22 -29.20
CA VAL B 366 -3.78 -20.90 -28.57
C VAL B 366 -4.65 -21.03 -27.31
N ARG B 367 -4.16 -20.51 -26.18
CA ARG B 367 -4.93 -20.56 -24.92
C ARG B 367 -5.55 -19.19 -24.65
N ILE B 368 -6.87 -19.18 -24.47
CA ILE B 368 -7.61 -17.96 -24.12
C ILE B 368 -8.15 -18.04 -22.70
N SER B 369 -8.09 -16.91 -21.98
CA SER B 369 -8.67 -16.77 -20.65
C SER B 369 -9.77 -15.70 -20.68
N VAL B 370 -11.02 -16.14 -20.78
CA VAL B 370 -12.14 -15.21 -21.05
C VAL B 370 -12.49 -14.46 -19.79
N GLY B 371 -12.49 -13.13 -19.91
CA GLY B 371 -12.74 -12.25 -18.77
C GLY B 371 -14.24 -12.00 -18.61
N ILE B 372 -14.56 -10.96 -17.85
CA ILE B 372 -15.94 -10.61 -17.55
C ILE B 372 -16.45 -9.41 -18.36
N GLU B 373 -15.76 -9.09 -19.46
CA GLU B 373 -16.26 -8.12 -20.45
C GLU B 373 -17.59 -8.62 -20.97
N ASN B 374 -18.36 -7.73 -21.60
CA ASN B 374 -19.53 -8.14 -22.39
C ASN B 374 -19.00 -9.17 -23.37
N VAL B 375 -19.59 -10.36 -23.33
CA VAL B 375 -19.13 -11.46 -24.18
C VAL B 375 -19.17 -11.11 -25.69
N ASP B 376 -20.13 -10.26 -26.08
CA ASP B 376 -20.23 -9.84 -27.48
C ASP B 376 -19.02 -9.06 -27.97
N ASP B 377 -18.36 -8.31 -27.08
CA ASP B 377 -17.16 -7.60 -27.46
C ASP B 377 -15.99 -8.54 -27.67
N ILE B 378 -15.93 -9.60 -26.86
CA ILE B 378 -14.90 -10.64 -27.00
C ILE B 378 -15.11 -11.43 -28.30
N ILE B 379 -16.33 -11.88 -28.53
CA ILE B 379 -16.68 -12.61 -29.75
C ILE B 379 -16.38 -11.74 -31.00
N ALA B 380 -16.75 -10.46 -30.96
CA ALA B 380 -16.51 -9.54 -32.10
C ALA B 380 -15.02 -9.28 -32.32
N ASP B 381 -14.25 -9.18 -31.24
CA ASP B 381 -12.79 -9.06 -31.34
C ASP B 381 -12.19 -10.25 -32.10
N LEU B 382 -12.52 -11.46 -31.64
CA LEU B 382 -12.09 -12.69 -32.28
C LEU B 382 -12.60 -12.77 -33.70
N LYS B 383 -13.87 -12.42 -33.91
CA LYS B 383 -14.51 -12.49 -35.22
C LYS B 383 -13.79 -11.60 -36.24
N GLN B 384 -13.58 -10.34 -35.86
CA GLN B 384 -12.80 -9.36 -36.61
C GLN B 384 -11.45 -9.91 -37.05
N ALA B 385 -10.71 -10.53 -36.12
CA ALA B 385 -9.34 -11.00 -36.36
C ALA B 385 -9.29 -12.24 -37.25
N LEU B 386 -10.23 -13.15 -37.03
CA LEU B 386 -10.35 -14.35 -37.86
C LEU B 386 -10.69 -14.09 -39.34
N GLU B 387 -11.01 -12.85 -39.69
CA GLU B 387 -11.36 -12.51 -41.08
C GLU B 387 -10.22 -11.99 -41.97
N LEU B 388 -9.10 -11.58 -41.38
CA LEU B 388 -8.02 -10.92 -42.14
C LEU B 388 -7.37 -11.80 -43.22
N ALA C 3 36.18 7.86 -4.90
CA ALA C 3 35.13 6.81 -4.75
C ALA C 3 33.88 7.37 -4.06
N GLN C 4 32.75 7.27 -4.75
CA GLN C 4 31.47 7.77 -4.27
C GLN C 4 31.02 7.00 -3.01
N ASP C 5 30.56 7.73 -2.00
CA ASP C 5 30.14 7.11 -0.73
C ASP C 5 28.90 6.22 -0.91
N ILE C 6 28.81 5.15 -0.10
CA ILE C 6 27.63 4.26 -0.12
C ILE C 6 26.31 5.05 0.14
N THR C 7 26.37 6.06 0.99
CA THR C 7 25.22 6.92 1.21
C THR C 7 24.70 7.42 -0.16
N THR C 8 25.59 7.99 -0.99
CA THR C 8 25.22 8.53 -2.29
C THR C 8 24.74 7.45 -3.26
N THR C 9 25.47 6.35 -3.35
CA THR C 9 25.11 5.21 -4.19
C THR C 9 23.69 4.69 -3.93
N LEU C 10 23.35 4.53 -2.66
CA LEU C 10 22.01 4.02 -2.33
C LEU C 10 20.87 5.02 -2.67
N LEU C 11 21.19 6.32 -2.62
CA LEU C 11 20.25 7.39 -2.95
C LEU C 11 20.16 7.62 -4.48
N HIS C 12 21.13 7.07 -5.22
CA HIS C 12 21.25 7.23 -6.70
C HIS C 12 21.44 5.92 -7.45
N PRO C 13 20.42 5.02 -7.38
CA PRO C 13 20.66 3.70 -7.98
C PRO C 13 20.58 3.76 -9.52
N LYS C 14 21.30 2.86 -10.19
CA LYS C 14 21.28 2.80 -11.66
C LYS C 14 19.87 2.45 -12.15
N GLY C 15 19.55 2.89 -13.35
CA GLY C 15 18.32 2.48 -14.04
C GLY C 15 17.55 3.71 -14.48
N ASP C 16 16.76 3.60 -15.53
CA ASP C 16 15.93 4.72 -15.96
C ASP C 16 14.76 4.98 -15.03
N HIS C 17 14.39 6.25 -14.90
CA HIS C 17 13.14 6.61 -14.26
C HIS C 17 11.98 6.05 -15.09
N VAL C 18 10.87 5.76 -14.42
CA VAL C 18 9.65 5.31 -15.11
C VAL C 18 8.67 6.50 -15.19
N LEU C 19 8.31 6.87 -16.42
CA LEU C 19 7.47 8.04 -16.70
C LEU C 19 7.97 9.28 -15.97
N HIS C 20 9.29 9.47 -15.97
CA HIS C 20 9.94 10.55 -15.24
C HIS C 20 9.65 10.60 -13.71
N SER C 21 9.02 9.56 -13.16
CA SER C 21 8.75 9.54 -11.71
C SER C 21 10.05 9.61 -10.91
N HIS C 22 10.12 10.53 -9.96
CA HIS C 22 11.26 10.63 -9.06
C HIS C 22 11.37 9.39 -8.13
N ALA C 23 10.29 9.03 -7.42
CA ALA C 23 10.28 7.75 -6.69
C ALA C 23 9.99 6.63 -7.71
N TYR C 24 10.59 5.47 -7.51
CA TYR C 24 10.36 4.34 -8.38
C TYR C 24 8.95 3.76 -8.09
N PRO C 25 8.12 3.65 -9.14
CA PRO C 25 6.73 3.25 -8.94
C PRO C 25 6.57 1.86 -8.36
N ILE C 26 5.40 1.57 -7.78
CA ILE C 26 5.16 0.25 -7.27
C ILE C 26 4.43 -0.51 -8.39
N PHE C 27 5.07 -1.55 -8.90
CA PHE C 27 4.47 -2.37 -9.95
C PHE C 27 3.63 -3.48 -9.36
N GLN C 28 2.47 -3.07 -8.86
CA GLN C 28 1.53 -3.98 -8.24
C GLN C 28 0.77 -4.66 -9.37
N THR C 29 1.43 -5.63 -10.01
CA THR C 29 0.88 -6.34 -11.17
C THR C 29 1.34 -7.78 -11.09
N SER C 30 0.55 -8.69 -11.66
CA SER C 30 1.03 -10.05 -11.77
C SER C 30 1.69 -10.25 -13.13
N THR C 31 1.01 -9.85 -14.20
CA THR C 31 1.54 -10.07 -15.56
C THR C 31 1.92 -8.80 -16.34
N PHE C 32 2.54 -9.01 -17.49
CA PHE C 32 3.02 -7.97 -18.40
C PHE C 32 2.56 -8.28 -19.84
N CYS C 33 2.36 -7.25 -20.66
CA CYS C 33 1.84 -7.40 -22.03
C CYS C 33 2.97 -7.61 -23.05
N PHE C 34 2.72 -8.40 -24.08
CA PHE C 34 3.70 -8.60 -25.12
C PHE C 34 3.35 -7.75 -26.34
N ASP C 35 4.35 -7.26 -27.05
CA ASP C 35 4.13 -6.57 -28.32
C ASP C 35 3.64 -7.50 -29.42
N SER C 36 4.11 -8.74 -29.40
CA SER C 36 3.91 -9.69 -30.49
C SER C 36 4.26 -11.06 -29.95
N THR C 37 3.86 -12.10 -30.69
CA THR C 37 4.22 -13.48 -30.33
C THR C 37 5.75 -13.70 -30.22
N GLN C 38 6.51 -13.18 -31.19
CA GLN C 38 7.97 -13.28 -31.18
C GLN C 38 8.61 -12.58 -29.96
N GLN C 39 8.16 -11.34 -29.69
CA GLN C 39 8.73 -10.58 -28.58
C GLN C 39 8.60 -11.34 -27.26
N GLY C 40 7.42 -11.95 -27.04
CA GLY C 40 7.16 -12.76 -25.84
C GLY C 40 7.95 -14.06 -25.82
N ALA C 41 7.92 -14.80 -26.93
CA ALA C 41 8.74 -16.02 -27.07
C ALA C 41 10.21 -15.76 -26.77
N ASP C 42 10.76 -14.69 -27.35
CA ASP C 42 12.14 -14.27 -27.10
C ASP C 42 12.42 -14.04 -25.61
N LEU C 43 11.51 -13.32 -24.93
CA LEU C 43 11.66 -13.02 -23.50
C LEU C 43 11.74 -14.30 -22.66
N PHE C 44 10.94 -15.30 -23.04
CA PHE C 44 10.99 -16.61 -22.39
C PHE C 44 12.32 -17.35 -22.63
N MET C 45 12.94 -17.13 -23.79
CA MET C 45 14.32 -17.60 -24.07
C MET C 45 15.46 -16.72 -23.50
N GLY C 46 15.12 -15.66 -22.77
CA GLY C 46 16.14 -14.74 -22.24
C GLY C 46 16.74 -13.79 -23.27
N LYS C 47 16.08 -13.63 -24.43
CA LYS C 47 16.50 -12.70 -25.46
C LYS C 47 15.70 -11.39 -25.38
N GLY C 48 16.41 -10.26 -25.42
CA GLY C 48 15.79 -8.95 -25.37
C GLY C 48 15.58 -8.46 -23.96
N GLU C 49 15.10 -7.21 -23.83
CA GLU C 49 14.91 -6.55 -22.55
C GLU C 49 13.42 -6.44 -22.28
N GLY C 50 13.01 -6.70 -21.05
CA GLY C 50 11.59 -6.60 -20.71
C GLY C 50 11.12 -7.58 -19.66
N HIS C 51 9.81 -7.60 -19.45
CA HIS C 51 9.22 -8.39 -18.37
C HIS C 51 8.12 -9.33 -18.85
N ILE C 52 7.88 -10.40 -18.10
CA ILE C 52 6.87 -11.42 -18.41
C ILE C 52 5.79 -11.53 -17.33
N TYR C 53 6.24 -11.67 -16.08
CA TYR C 53 5.38 -12.12 -14.98
C TYR C 53 6.16 -11.93 -13.70
N SER C 54 5.52 -11.38 -12.67
CA SER C 54 6.24 -10.87 -11.49
C SER C 54 7.03 -11.94 -10.73
N ARG C 55 6.57 -13.19 -10.74
CA ARG C 55 7.37 -14.29 -10.13
C ARG C 55 8.78 -14.42 -10.77
N LEU C 56 8.83 -14.20 -12.10
CA LEU C 56 10.09 -14.25 -12.87
C LEU C 56 10.86 -12.93 -12.71
N GLY C 57 10.16 -11.80 -12.67
CA GLY C 57 10.83 -10.53 -12.40
C GLY C 57 9.83 -9.37 -12.37
N ASN C 58 9.98 -8.52 -11.37
CA ASN C 58 9.08 -7.41 -11.20
C ASN C 58 9.99 -6.18 -11.08
N PRO C 59 9.68 -5.09 -11.82
CA PRO C 59 10.61 -3.92 -11.80
C PRO C 59 10.86 -3.30 -10.41
N THR C 60 9.84 -3.20 -9.58
CA THR C 60 10.04 -2.63 -8.24
C THR C 60 10.99 -3.53 -7.43
N VAL C 61 10.78 -4.83 -7.52
CA VAL C 61 11.61 -5.76 -6.76
C VAL C 61 13.05 -5.71 -7.32
N GLU C 62 13.17 -5.70 -8.65
CA GLU C 62 14.50 -5.58 -9.31
C GLU C 62 15.31 -4.34 -8.88
N GLN C 63 14.63 -3.20 -8.70
CA GLN C 63 15.27 -1.98 -8.17
C GLN C 63 15.89 -2.20 -6.80
N PHE C 64 15.15 -2.89 -5.92
CA PHE C 64 15.67 -3.20 -4.57
C PHE C 64 16.88 -4.14 -4.65
N GLU C 65 16.80 -5.16 -5.51
CA GLU C 65 17.90 -6.12 -5.71
C GLU C 65 19.18 -5.41 -6.18
N GLU C 66 19.04 -4.45 -7.11
CA GLU C 66 20.20 -3.69 -7.59
C GLU C 66 20.84 -2.90 -6.45
N MET C 67 20.04 -2.31 -5.56
CA MET C 67 20.60 -1.55 -4.43
C MET C 67 21.45 -2.47 -3.53
N VAL C 68 20.90 -3.64 -3.19
CA VAL C 68 21.65 -4.63 -2.39
C VAL C 68 22.89 -5.10 -3.17
N CYS C 69 22.69 -5.45 -4.44
CA CYS C 69 23.80 -5.87 -5.28
C CYS C 69 24.94 -4.83 -5.26
N SER C 70 24.59 -3.54 -5.29
CA SER C 70 25.59 -2.44 -5.31
C SER C 70 26.36 -2.35 -3.98
N ILE C 71 25.74 -2.63 -2.85
CA ILE C 71 26.50 -2.53 -1.60
C ILE C 71 27.30 -3.81 -1.28
N GLU C 72 26.82 -4.97 -1.73
CA GLU C 72 27.52 -6.27 -1.52
C GLU C 72 28.73 -6.42 -2.44
N GLY C 73 28.69 -5.76 -3.60
CA GLY C 73 29.71 -5.93 -4.63
C GLY C 73 29.50 -7.28 -5.34
N ALA C 74 28.22 -7.66 -5.55
CA ALA C 74 27.86 -8.97 -6.13
C ALA C 74 27.72 -8.95 -7.67
N ALA C 75 27.64 -10.12 -8.29
CA ALA C 75 27.26 -10.24 -9.72
C ALA C 75 25.71 -10.04 -9.86
N GLY C 76 24.96 -10.37 -8.81
CA GLY C 76 23.50 -10.14 -8.79
C GLY C 76 22.89 -10.46 -7.43
N SER C 77 21.67 -9.97 -7.17
CA SER C 77 20.97 -10.25 -5.93
C SER C 77 19.56 -10.74 -6.22
N ALA C 78 18.98 -11.52 -5.30
CA ALA C 78 17.61 -12.02 -5.47
C ALA C 78 16.89 -11.73 -4.17
N ALA C 79 15.69 -11.12 -4.29
CA ALA C 79 14.87 -10.77 -3.15
C ALA C 79 13.83 -11.87 -2.90
N PHE C 80 13.43 -12.07 -1.64
CA PHE C 80 12.52 -13.19 -1.23
C PHE C 80 11.47 -12.66 -0.26
N GLY C 81 10.41 -13.45 -0.01
CA GLY C 81 9.36 -13.11 0.95
C GLY C 81 9.82 -13.08 2.42
N SER C 82 11.01 -13.64 2.70
CA SER C 82 11.56 -13.65 4.06
C SER C 82 13.03 -14.05 3.99
N GLY C 83 13.79 -13.76 5.06
CA GLY C 83 15.15 -14.29 5.27
C GLY C 83 15.21 -15.79 5.12
N MET C 84 14.24 -16.51 5.70
CA MET C 84 14.17 -17.97 5.54
C MET C 84 14.02 -18.40 4.07
N GLY C 85 13.29 -17.62 3.27
CA GLY C 85 13.22 -17.83 1.81
C GLY C 85 14.59 -17.66 1.19
N ALA C 86 15.32 -16.65 1.63
CA ALA C 86 16.66 -16.41 1.07
C ALA C 86 17.60 -17.56 1.46
N ILE C 87 17.52 -17.99 2.74
CA ILE C 87 18.35 -19.08 3.24
C ILE C 87 18.09 -20.44 2.57
N SER C 88 16.82 -20.84 2.48
CA SER C 88 16.38 -22.03 1.75
C SER C 88 16.85 -22.04 0.31
N SER C 89 16.65 -20.90 -0.35
CA SER C 89 17.03 -20.78 -1.77
C SER C 89 18.52 -20.68 -1.97
N SER C 90 19.29 -20.37 -0.92
CA SER C 90 20.74 -20.23 -1.08
C SER C 90 21.45 -21.54 -0.74
N THR C 91 20.70 -22.52 -0.24
CA THR C 91 21.27 -23.78 0.18
C THR C 91 20.70 -24.89 -0.70
N LEU C 92 19.37 -25.00 -0.73
CA LEU C 92 18.72 -26.07 -1.46
C LEU C 92 18.75 -25.81 -2.98
N ALA C 93 19.13 -24.61 -3.39
CA ALA C 93 19.40 -24.41 -4.83
C ALA C 93 20.65 -25.19 -5.27
N PHE C 94 21.52 -25.53 -4.34
CA PHE C 94 22.81 -26.17 -4.69
C PHE C 94 23.00 -27.59 -4.17
N LEU C 95 22.57 -27.84 -2.95
CA LEU C 95 22.79 -29.09 -2.26
C LEU C 95 21.77 -30.10 -2.75
N GLN C 96 22.23 -31.32 -3.01
CA GLN C 96 21.33 -32.40 -3.37
C GLN C 96 21.68 -33.66 -2.59
N LYS C 97 20.81 -34.68 -2.68
CA LYS C 97 21.00 -35.97 -2.05
C LYS C 97 22.48 -36.42 -2.21
N GLY C 98 23.11 -36.81 -1.10
CA GLY C 98 24.49 -37.26 -1.13
C GLY C 98 25.55 -36.18 -0.85
N ASP C 99 25.16 -34.89 -0.91
CA ASP C 99 26.07 -33.78 -0.54
C ASP C 99 26.20 -33.61 0.96
N HIS C 100 27.28 -32.96 1.40
CA HIS C 100 27.45 -32.69 2.83
C HIS C 100 27.57 -31.19 3.06
N LEU C 101 26.90 -30.73 4.10
CA LEU C 101 26.92 -29.33 4.52
C LEU C 101 27.52 -29.25 5.92
N ILE C 102 28.47 -28.31 6.11
CA ILE C 102 28.98 -27.98 7.44
C ILE C 102 28.34 -26.64 7.76
N ALA C 103 27.64 -26.53 8.89
CA ALA C 103 27.06 -25.22 9.27
C ALA C 103 27.47 -24.88 10.71
N GLY C 104 27.43 -23.61 11.09
CA GLY C 104 27.77 -23.24 12.48
C GLY C 104 26.79 -23.89 13.46
N ASP C 105 27.24 -24.10 14.71
CA ASP C 105 26.42 -24.75 15.70
C ASP C 105 25.55 -23.72 16.44
N THR C 106 25.77 -22.45 16.16
CA THR C 106 24.89 -21.46 16.73
C THR C 106 24.34 -20.59 15.66
N LEU C 107 23.09 -20.87 15.32
CA LEU C 107 22.38 -20.19 14.25
C LEU C 107 21.03 -19.77 14.77
N TYR C 108 20.44 -18.78 14.10
CA TYR C 108 19.03 -18.50 14.19
C TYR C 108 18.17 -19.78 14.25
N GLY C 109 17.20 -19.81 15.17
CA GLY C 109 16.39 -21.04 15.46
C GLY C 109 15.84 -21.74 14.24
N CYS C 110 15.14 -21.01 13.36
CA CYS C 110 14.53 -21.58 12.14
C CYS C 110 15.54 -22.08 11.13
N THR C 111 16.73 -21.47 11.09
CA THR C 111 17.82 -22.06 10.32
C THR C 111 18.23 -23.44 10.88
N VAL C 112 18.35 -23.56 12.20
CA VAL C 112 18.60 -24.88 12.81
C VAL C 112 17.46 -25.84 12.37
N SER C 113 16.22 -25.36 12.42
CA SER C 113 15.08 -26.20 12.03
C SER C 113 15.20 -26.63 10.55
N LEU C 114 15.52 -25.69 9.65
CA LEU C 114 15.66 -26.02 8.23
C LEU C 114 16.71 -27.11 8.05
N PHE C 115 17.87 -26.93 8.71
CA PHE C 115 19.07 -27.74 8.45
C PHE C 115 18.96 -29.09 9.15
N THR C 116 18.30 -29.13 10.30
CA THR C 116 18.26 -30.39 11.09
C THR C 116 17.00 -31.18 10.78
N HIS C 117 15.93 -30.51 10.37
CA HIS C 117 14.71 -31.26 10.06
C HIS C 117 14.50 -31.54 8.55
N TRP C 118 14.61 -30.50 7.73
CA TRP C 118 14.25 -30.65 6.32
C TRP C 118 15.41 -31.16 5.44
N LEU C 119 16.60 -30.60 5.60
CA LEU C 119 17.70 -31.03 4.73
C LEU C 119 17.96 -32.57 4.78
N PRO C 120 18.01 -33.17 6.02
CA PRO C 120 18.17 -34.62 6.07
C PRO C 120 17.07 -35.43 5.39
N ARG C 121 15.85 -34.92 5.36
CA ARG C 121 14.75 -35.60 4.65
C ARG C 121 14.99 -35.60 3.14
N PHE C 122 15.84 -34.69 2.66
CA PHE C 122 16.16 -34.66 1.23
C PHE C 122 17.48 -35.35 0.86
N GLY C 123 18.06 -36.09 1.81
CA GLY C 123 19.25 -36.92 1.56
C GLY C 123 20.53 -36.11 1.73
N ILE C 124 20.39 -34.90 2.30
CA ILE C 124 21.54 -34.03 2.49
C ILE C 124 22.10 -34.27 3.90
N GLU C 125 23.39 -34.55 3.99
CA GLU C 125 24.07 -34.78 5.25
C GLU C 125 24.49 -33.45 5.85
N VAL C 126 24.23 -33.27 7.14
CA VAL C 126 24.49 -31.99 7.83
C VAL C 126 25.26 -32.18 9.14
N ASP C 127 26.33 -31.43 9.35
CA ASP C 127 26.94 -31.37 10.69
C ASP C 127 26.96 -29.93 11.18
N LEU C 128 26.57 -29.71 12.43
CA LEU C 128 26.66 -28.40 13.05
C LEU C 128 27.93 -28.36 13.88
N ILE C 129 28.82 -27.46 13.54
CA ILE C 129 30.21 -27.51 13.99
C ILE C 129 30.47 -26.16 14.62
N ASP C 130 31.38 -26.10 15.58
CA ASP C 130 31.82 -24.81 16.10
C ASP C 130 32.77 -24.10 15.10
N THR C 131 32.22 -23.17 14.31
CA THR C 131 32.97 -22.53 13.22
C THR C 131 33.87 -21.39 13.68
N SER C 132 33.90 -21.12 14.99
CA SER C 132 34.87 -20.19 15.55
C SER C 132 36.27 -20.79 15.56
N ASP C 133 36.37 -22.10 15.29
CA ASP C 133 37.67 -22.80 15.25
C ASP C 133 37.82 -23.47 13.87
N VAL C 134 38.64 -22.88 12.99
CA VAL C 134 38.89 -23.44 11.64
C VAL C 134 39.39 -24.93 11.66
N GLU C 135 40.17 -25.30 12.67
CA GLU C 135 40.64 -26.70 12.81
C GLU C 135 39.46 -27.67 12.97
N LYS C 136 38.42 -27.23 13.63
CA LYS C 136 37.23 -28.07 13.79
C LYS C 136 36.44 -28.13 12.48
N VAL C 137 36.45 -27.04 11.73
CA VAL C 137 35.86 -27.06 10.38
C VAL C 137 36.61 -28.09 9.49
N LYS C 138 37.93 -28.03 9.48
CA LYS C 138 38.72 -28.99 8.71
C LYS C 138 38.48 -30.43 9.16
N ALA C 139 38.41 -30.66 10.48
CA ALA C 139 38.26 -32.03 10.96
C ALA C 139 36.93 -32.66 10.53
N ALA C 140 35.90 -31.82 10.37
CA ALA C 140 34.55 -32.24 9.98
C ALA C 140 34.38 -32.37 8.44
N TRP C 141 35.40 -31.99 7.69
CA TRP C 141 35.35 -32.00 6.20
C TRP C 141 35.33 -33.43 5.67
N LYS C 142 34.51 -33.71 4.65
CA LYS C 142 34.42 -35.04 4.02
C LYS C 142 34.62 -34.91 2.48
N PRO C 143 34.88 -36.04 1.75
CA PRO C 143 35.00 -35.96 0.27
C PRO C 143 33.76 -35.37 -0.41
N ASN C 144 32.57 -35.56 0.17
CA ASN C 144 31.34 -35.00 -0.42
C ASN C 144 30.92 -33.64 0.19
N THR C 145 31.80 -32.97 0.95
CA THR C 145 31.44 -31.62 1.48
C THR C 145 31.32 -30.59 0.34
N LYS C 146 30.15 -29.95 0.23
CA LYS C 146 29.85 -29.06 -0.92
C LYS C 146 29.61 -27.61 -0.48
N MET C 147 29.39 -27.44 0.83
CA MET C 147 29.01 -26.12 1.36
C MET C 147 29.37 -25.99 2.81
N VAL C 148 29.83 -24.79 3.14
CA VAL C 148 29.90 -24.33 4.53
C VAL C 148 28.97 -23.10 4.67
N TYR C 149 28.16 -23.09 5.72
CA TYR C 149 27.19 -22.01 6.00
C TYR C 149 27.53 -21.43 7.38
N LEU C 150 27.77 -20.11 7.43
CA LEU C 150 28.16 -19.41 8.67
C LEU C 150 27.19 -18.26 8.93
N GLU C 151 26.96 -17.98 10.20
CA GLU C 151 26.40 -16.69 10.64
C GLU C 151 27.44 -16.12 11.52
N SER C 152 27.88 -14.90 11.28
CA SER C 152 28.85 -14.32 12.21
C SER C 152 28.67 -12.79 12.24
N PRO C 153 28.58 -12.20 13.45
CA PRO C 153 28.43 -12.79 14.78
C PRO C 153 27.09 -13.57 14.82
N ALA C 154 27.05 -14.68 15.53
CA ALA C 154 25.88 -15.58 15.54
C ALA C 154 24.72 -14.97 16.33
N ASN C 155 23.51 -15.31 15.93
CA ASN C 155 22.31 -14.91 16.63
C ASN C 155 21.98 -16.05 17.61
N PRO C 156 21.96 -15.79 18.95
CA PRO C 156 22.05 -14.52 19.61
C PRO C 156 23.34 -14.25 20.39
N THR C 157 24.29 -15.19 20.42
CA THR C 157 25.44 -15.08 21.32
C THR C 157 26.59 -14.21 20.80
N CYS C 158 26.48 -13.78 19.54
CA CYS C 158 27.52 -12.98 18.88
C CYS C 158 28.85 -13.72 18.65
N LYS C 159 28.82 -15.05 18.76
CA LYS C 159 30.05 -15.83 18.52
C LYS C 159 30.65 -15.51 17.16
N VAL C 160 31.97 -15.23 17.15
CA VAL C 160 32.65 -14.82 15.90
C VAL C 160 33.30 -16.02 15.20
N SER C 161 33.07 -16.15 13.89
CA SER C 161 33.80 -17.11 13.04
C SER C 161 34.81 -16.38 12.15
N ASP C 162 35.91 -17.06 11.84
CA ASP C 162 36.91 -16.55 10.94
C ASP C 162 36.49 -16.84 9.51
N ILE C 163 35.78 -15.89 8.90
CA ILE C 163 35.18 -16.06 7.57
C ILE C 163 36.27 -16.25 6.53
N LYS C 164 37.28 -15.39 6.59
CA LYS C 164 38.42 -15.37 5.66
C LYS C 164 39.18 -16.69 5.71
N GLY C 165 39.51 -17.17 6.91
CA GLY C 165 40.23 -18.42 7.08
C GLY C 165 39.40 -19.61 6.59
N ILE C 166 38.11 -19.63 6.90
CA ILE C 166 37.25 -20.73 6.43
C ILE C 166 37.10 -20.68 4.88
N ALA C 167 36.95 -19.47 4.32
CA ALA C 167 36.92 -19.28 2.85
C ALA C 167 38.11 -19.93 2.14
N VAL C 168 39.31 -19.78 2.69
CA VAL C 168 40.48 -20.43 2.08
C VAL C 168 40.24 -21.94 1.91
N VAL C 169 39.80 -22.61 2.97
CA VAL C 169 39.53 -24.05 2.90
C VAL C 169 38.44 -24.37 1.86
N CYS C 170 37.34 -23.61 1.86
CA CYS C 170 36.27 -23.82 0.89
C CYS C 170 36.82 -23.68 -0.55
N HIS C 171 37.70 -22.71 -0.76
CA HIS C 171 38.20 -22.41 -2.10
C HIS C 171 39.17 -23.50 -2.57
N GLU C 172 39.99 -24.01 -1.65
CA GLU C 172 40.92 -25.11 -1.98
C GLU C 172 40.19 -26.42 -2.25
N ARG C 173 39.01 -26.58 -1.69
CA ARG C 173 38.36 -27.89 -1.72
C ARG C 173 37.06 -27.93 -2.51
N GLY C 174 36.71 -26.84 -3.18
CA GLY C 174 35.54 -26.89 -4.09
C GLY C 174 34.19 -26.84 -3.37
N ALA C 175 34.12 -26.17 -2.23
CA ALA C 175 32.85 -25.97 -1.52
C ALA C 175 32.40 -24.49 -1.58
N ARG C 176 31.10 -24.24 -1.68
CA ARG C 176 30.59 -22.85 -1.59
C ARG C 176 30.55 -22.37 -0.14
N LEU C 177 30.97 -21.13 0.08
CA LEU C 177 30.86 -20.51 1.38
C LEU C 177 29.69 -19.54 1.35
N VAL C 178 28.69 -19.81 2.18
CA VAL C 178 27.52 -19.00 2.33
C VAL C 178 27.50 -18.31 3.71
N VAL C 179 27.27 -17.00 3.73
CA VAL C 179 27.31 -16.22 4.98
C VAL C 179 26.01 -15.40 5.15
N ASP C 180 25.35 -15.63 6.28
CA ASP C 180 24.20 -14.83 6.72
C ASP C 180 24.77 -13.66 7.52
N ALA C 181 24.72 -12.46 6.94
CA ALA C 181 25.30 -11.26 7.56
C ALA C 181 24.21 -10.34 8.16
N THR C 182 23.01 -10.90 8.36
CA THR C 182 21.87 -10.19 8.96
C THR C 182 22.22 -9.31 10.18
N PHE C 183 23.01 -9.83 11.13
CA PHE C 183 23.25 -9.17 12.43
C PHE C 183 24.10 -7.91 12.35
N THR C 184 24.77 -7.72 11.22
CA THR C 184 25.75 -6.66 11.08
C THR C 184 25.39 -5.66 10.00
N SER C 185 24.70 -6.13 8.94
CA SER C 185 24.26 -5.33 7.80
C SER C 185 25.37 -5.20 6.79
N PRO C 186 25.01 -5.00 5.51
CA PRO C 186 26.01 -4.88 4.48
C PRO C 186 26.83 -3.60 4.60
N CYS C 187 26.47 -2.65 5.46
CA CYS C 187 27.37 -1.52 5.72
C CYS C 187 28.65 -1.93 6.40
N PHE C 188 28.60 -2.94 7.28
CA PHE C 188 29.78 -3.29 8.10
C PHE C 188 30.41 -4.62 7.81
N LEU C 189 29.69 -5.50 7.12
CA LEU C 189 30.19 -6.84 6.83
C LEU C 189 29.83 -7.13 5.38
N LYS C 190 30.87 -7.39 4.57
CA LYS C 190 30.69 -7.69 3.17
C LYS C 190 31.33 -9.04 2.90
N PRO C 191 30.56 -10.13 3.07
CA PRO C 191 31.19 -11.46 3.04
C PRO C 191 31.87 -11.75 1.70
N LEU C 192 31.32 -11.19 0.61
CA LEU C 192 31.97 -11.37 -0.72
C LEU C 192 33.36 -10.78 -0.83
N GLU C 193 33.69 -9.81 0.02
CA GLU C 193 35.07 -9.29 0.09
C GLU C 193 35.98 -10.14 0.95
N LEU C 194 35.38 -11.03 1.76
CA LEU C 194 36.16 -11.92 2.62
C LEU C 194 36.36 -13.31 2.02
N GLY C 195 35.85 -13.56 0.82
CA GLY C 195 35.94 -14.87 0.21
C GLY C 195 34.64 -15.68 0.11
N ALA C 196 33.52 -15.19 0.65
CA ALA C 196 32.25 -15.95 0.55
C ALA C 196 31.79 -15.99 -0.89
N ASP C 197 31.01 -17.01 -1.21
CA ASP C 197 30.38 -17.10 -2.52
C ASP C 197 28.99 -16.46 -2.59
N ILE C 198 28.31 -16.48 -1.46
CA ILE C 198 26.96 -15.94 -1.30
C ILE C 198 26.86 -15.22 0.05
N ALA C 199 26.20 -14.07 0.03
CA ALA C 199 25.98 -13.25 1.20
C ALA C 199 24.46 -13.04 1.28
N LEU C 200 23.83 -13.34 2.42
CA LEU C 200 22.41 -13.17 2.50
C LEU C 200 21.97 -12.39 3.75
N HIS C 201 20.73 -11.92 3.74
CA HIS C 201 20.19 -11.18 4.85
C HIS C 201 18.73 -11.45 5.01
N SER C 202 18.29 -11.51 6.26
CA SER C 202 16.92 -11.16 6.54
C SER C 202 16.78 -9.64 6.43
N VAL C 203 16.11 -9.19 5.37
CA VAL C 203 15.89 -7.77 5.16
C VAL C 203 14.91 -7.24 6.19
N SER C 204 14.15 -8.15 6.82
CA SER C 204 13.25 -7.85 7.94
C SER C 204 13.91 -7.08 9.09
N1 LLP C 205 18.94 -15.06 10.03
C2 LLP C 205 19.08 -14.26 11.13
C2' LLP C 205 20.44 -14.03 11.73
C3 LLP C 205 17.94 -13.66 11.69
O3 LLP C 205 18.09 -12.96 12.68
C4 LLP C 205 16.66 -13.83 11.15
C4' LLP C 205 15.48 -13.10 11.78
C5 LLP C 205 16.53 -14.68 10.03
C6 LLP C 205 17.68 -15.27 9.49
C5' LLP C 205 15.22 -14.96 9.39
OP4 LLP C 205 14.63 -13.91 8.59
P LLP C 205 13.08 -13.78 8.41
OP1 LLP C 205 13.05 -12.52 7.58
OP2 LLP C 205 12.51 -13.68 9.77
OP3 LLP C 205 12.65 -14.98 7.67
N LLP C 205 15.22 -7.20 9.21
CA LLP C 205 15.96 -6.62 10.32
CB LLP C 205 17.02 -7.65 10.82
CG LLP C 205 16.46 -9.12 11.01
CD LLP C 205 15.30 -9.26 11.95
CE LLP C 205 14.78 -10.73 12.10
NZ LLP C 205 15.85 -11.84 12.17
C LLP C 205 16.54 -5.25 9.91
O LLP C 205 15.75 -4.36 9.56
N TYR C 206 17.87 -5.06 9.89
CA TYR C 206 18.46 -3.72 9.64
C TYR C 206 18.19 -3.14 8.24
N ILE C 207 18.27 -3.96 7.20
CA ILE C 207 18.18 -3.34 5.84
C ILE C 207 16.90 -2.52 5.70
N ASN C 208 15.75 -3.12 5.98
CA ASN C 208 14.51 -2.38 5.90
C ASN C 208 14.46 -1.40 7.08
N GLY C 209 14.77 -1.95 8.26
CA GLY C 209 14.97 -1.17 9.47
C GLY C 209 13.76 -0.60 10.22
N HIS C 210 12.55 -0.72 9.65
CA HIS C 210 11.42 -0.02 10.20
C HIS C 210 10.37 -0.97 10.81
N GLY C 211 10.73 -2.26 10.93
CA GLY C 211 9.88 -3.26 11.65
C GLY C 211 8.53 -3.45 10.97
N ASP C 212 8.45 -3.17 9.68
CA ASP C 212 7.14 -3.26 9.06
C ASP C 212 7.10 -4.14 7.83
N VAL C 213 8.22 -4.81 7.49
CA VAL C 213 8.17 -5.82 6.43
C VAL C 213 9.00 -7.05 6.80
N ILE C 214 8.57 -8.18 6.30
CA ILE C 214 9.39 -9.39 6.33
C ILE C 214 9.92 -9.63 4.93
N GLY C 215 11.23 -9.84 4.78
CA GLY C 215 11.79 -10.08 3.45
C GLY C 215 13.21 -10.61 3.58
N GLY C 216 13.72 -11.21 2.50
CA GLY C 216 15.07 -11.77 2.48
C GLY C 216 15.77 -11.31 1.22
N VAL C 217 17.09 -11.38 1.24
CA VAL C 217 17.86 -11.09 0.02
C VAL C 217 19.09 -12.02 0.01
N SER C 218 19.46 -12.49 -1.17
CA SER C 218 20.71 -13.22 -1.31
C SER C 218 21.54 -12.68 -2.49
N SER C 219 22.86 -12.57 -2.30
CA SER C 219 23.72 -11.99 -3.34
C SER C 219 24.89 -12.95 -3.61
N ALA C 220 25.20 -13.19 -4.89
CA ALA C 220 26.23 -14.17 -5.27
C ALA C 220 27.37 -13.51 -6.00
N LYS C 221 28.58 -14.02 -5.77
CA LYS C 221 29.75 -13.58 -6.44
C LYS C 221 29.72 -13.82 -7.98
N THR C 222 28.91 -14.77 -8.45
CA THR C 222 29.05 -15.26 -9.81
C THR C 222 27.69 -15.16 -10.49
N ALA C 223 27.65 -14.77 -11.77
CA ALA C 223 26.38 -14.69 -12.49
C ALA C 223 25.70 -16.05 -12.50
N GLU C 224 26.48 -17.12 -12.67
CA GLU C 224 25.91 -18.44 -12.71
C GLU C 224 25.19 -18.78 -11.39
N ASP C 225 25.79 -18.43 -10.26
CA ASP C 225 25.18 -18.77 -8.96
C ASP C 225 23.91 -17.95 -8.71
N ILE C 226 23.91 -16.68 -9.09
CA ILE C 226 22.68 -15.91 -8.85
C ILE C 226 21.55 -16.40 -9.78
N ALA C 227 21.89 -16.79 -11.01
CA ALA C 227 20.88 -17.42 -11.92
C ALA C 227 20.27 -18.73 -11.37
N THR C 228 21.08 -19.57 -10.75
CA THR C 228 20.61 -20.83 -10.18
C THR C 228 19.69 -20.53 -8.99
N ILE C 229 20.11 -19.57 -8.16
CA ILE C 229 19.24 -19.11 -7.06
C ILE C 229 17.86 -18.63 -7.53
N LYS C 230 17.81 -17.78 -8.55
CA LYS C 230 16.56 -17.32 -9.17
C LYS C 230 15.76 -18.42 -9.85
N PHE C 231 16.46 -19.39 -10.45
CA PHE C 231 15.86 -20.59 -11.00
C PHE C 231 15.13 -21.35 -9.86
N TYR C 232 15.80 -21.55 -8.73
CA TYR C 232 15.15 -22.19 -7.60
C TYR C 232 13.95 -21.38 -7.10
N ARG C 233 14.15 -20.06 -6.94
CA ARG C 233 13.06 -19.16 -6.48
C ARG C 233 11.79 -19.29 -7.36
N LYS C 234 12.00 -19.40 -8.68
CA LYS C 234 10.89 -19.50 -9.62
C LYS C 234 9.94 -20.68 -9.31
N ASP C 235 10.53 -21.79 -8.85
CA ASP C 235 9.78 -23.03 -8.55
C ASP C 235 9.40 -23.18 -7.09
N ALA C 236 10.22 -22.64 -6.18
CA ALA C 236 9.91 -22.66 -4.74
C ALA C 236 8.97 -21.51 -4.29
N GLY C 237 9.01 -20.39 -5.00
CA GLY C 237 7.98 -19.37 -4.89
C GLY C 237 8.02 -18.40 -3.73
N SER C 238 9.20 -18.24 -3.10
CA SER C 238 9.35 -17.22 -2.05
C SER C 238 9.71 -15.87 -2.66
N LEU C 239 8.68 -15.02 -2.80
CA LEU C 239 8.75 -13.78 -3.56
C LEU C 239 8.62 -12.58 -2.65
N MET C 240 9.38 -11.54 -2.94
CA MET C 240 9.16 -10.23 -2.30
C MET C 240 8.02 -9.56 -3.03
N ALA C 241 6.98 -9.17 -2.30
CA ALA C 241 5.84 -8.46 -2.87
C ALA C 241 6.26 -7.06 -3.31
N PRO C 242 5.63 -6.52 -4.39
CA PRO C 242 5.99 -5.19 -4.91
C PRO C 242 5.91 -4.10 -3.83
N MET C 243 4.85 -4.10 -3.02
CA MET C 243 4.71 -3.08 -1.96
C MET C 243 5.86 -3.27 -0.95
N ASP C 244 6.21 -4.51 -0.65
CA ASP C 244 7.31 -4.75 0.31
C ASP C 244 8.67 -4.31 -0.23
N ALA C 245 8.90 -4.57 -1.52
CA ALA C 245 10.11 -4.04 -2.21
C ALA C 245 10.21 -2.51 -2.17
N PHE C 246 9.08 -1.84 -2.43
CA PHE C 246 9.03 -0.39 -2.32
C PHE C 246 9.41 0.04 -0.90
N LEU C 247 8.81 -0.58 0.11
CA LEU C 247 9.16 -0.29 1.54
C LEU C 247 10.61 -0.59 1.89
N CYS C 248 11.14 -1.74 1.43
CA CYS C 248 12.55 -2.11 1.70
C CYS C 248 13.53 -1.15 1.02
N ALA C 249 13.27 -0.78 -0.25
CA ALA C 249 14.17 0.20 -0.92
C ALA C 249 14.13 1.52 -0.17
N ARG C 250 12.93 1.94 0.24
CA ARG C 250 12.76 3.18 1.00
C ARG C 250 13.52 3.14 2.37
N GLY C 251 13.35 2.05 3.11
CA GLY C 251 14.09 1.86 4.37
C GLY C 251 15.59 1.93 4.13
N MET C 252 16.04 1.32 3.03
CA MET C 252 17.46 1.22 2.78
C MET C 252 18.11 2.59 2.41
N LYS C 253 17.29 3.54 1.94
CA LYS C 253 17.78 4.92 1.68
C LYS C 253 18.49 5.54 2.91
N THR C 254 18.05 5.18 4.12
CA THR C 254 18.66 5.64 5.39
C THR C 254 19.54 4.60 6.07
N LEU C 255 19.83 3.50 5.39
CA LEU C 255 20.64 2.44 6.04
C LEU C 255 22.00 2.93 6.58
N PRO C 256 22.84 3.62 5.76
CA PRO C 256 24.14 3.97 6.31
C PRO C 256 24.08 4.83 7.56
N ILE C 257 23.21 5.85 7.58
CA ILE C 257 23.15 6.70 8.76
C ILE C 257 22.51 5.96 9.96
N ARG C 258 21.49 5.12 9.71
CA ARG C 258 20.90 4.34 10.82
C ARG C 258 22.00 3.42 11.42
N MET C 259 22.72 2.69 10.55
CA MET C 259 23.77 1.81 11.04
C MET C 259 24.83 2.54 11.86
N GLN C 260 25.17 3.78 11.49
CA GLN C 260 26.17 4.56 12.26
C GLN C 260 25.67 4.80 13.67
N ILE C 261 24.41 5.23 13.79
CA ILE C 261 23.76 5.42 15.08
C ILE C 261 23.55 4.13 15.87
N HIS C 262 23.03 3.08 15.22
CA HIS C 262 22.96 1.77 15.86
C HIS C 262 24.34 1.37 16.42
N MET C 263 25.38 1.44 15.58
CA MET C 263 26.70 0.95 16.03
C MET C 263 27.13 1.71 17.29
N GLU C 264 27.01 3.03 17.28
CA GLU C 264 27.55 3.85 18.37
C GLU C 264 26.69 3.65 19.62
N ASN C 265 25.37 3.63 19.44
CA ASN C 265 24.47 3.36 20.56
C ASN C 265 24.73 2.01 21.20
N GLY C 266 24.84 0.99 20.35
CA GLY C 266 25.03 -0.37 20.85
C GLY C 266 26.30 -0.50 21.67
N LEU C 267 27.38 0.11 21.22
CA LEU C 267 28.66 0.07 21.95
C LEU C 267 28.57 0.77 23.31
N LYS C 268 27.89 1.92 23.33
CA LYS C 268 27.73 2.67 24.57
C LYS C 268 26.82 1.93 25.56
N VAL C 269 25.78 1.29 25.05
CA VAL C 269 24.92 0.51 25.92
C VAL C 269 25.67 -0.70 26.48
N ALA C 270 26.47 -1.35 25.64
CA ALA C 270 27.24 -2.50 26.09
C ALA C 270 28.28 -2.14 27.17
N LYS C 271 28.93 -0.98 27.02
CA LYS C 271 29.88 -0.53 28.05
C LYS C 271 29.21 -0.17 29.36
N PHE C 272 28.04 0.49 29.27
CA PHE C 272 27.25 0.75 30.46
C PHE C 272 26.89 -0.56 31.19
N LEU C 273 26.31 -1.51 30.46
CA LEU C 273 25.99 -2.81 31.05
C LEU C 273 27.23 -3.52 31.61
N GLU C 274 28.36 -3.44 30.88
CA GLU C 274 29.54 -4.18 31.29
C GLU C 274 30.05 -3.68 32.64
N GLN C 275 29.84 -2.39 32.93
CA GLN C 275 30.29 -1.87 34.21
C GLN C 275 29.22 -1.96 35.30
N HIS C 276 28.02 -2.43 34.96
CA HIS C 276 26.95 -2.42 35.97
C HIS C 276 27.01 -3.64 36.92
N GLU C 277 26.87 -3.41 38.22
CA GLU C 277 26.92 -4.47 39.27
C GLU C 277 25.99 -5.68 39.03
N LYS C 278 24.83 -5.46 38.44
CA LYS C 278 23.86 -6.53 38.21
C LYS C 278 24.22 -7.42 37.01
N ILE C 279 25.12 -6.94 36.16
CA ILE C 279 25.42 -7.63 34.92
C ILE C 279 26.67 -8.49 35.09
N VAL C 280 26.53 -9.77 34.72
CA VAL C 280 27.64 -10.73 34.88
C VAL C 280 28.62 -10.66 33.74
N LYS C 281 28.08 -10.57 32.52
CA LYS C 281 28.88 -10.58 31.30
C LYS C 281 28.12 -9.92 30.18
N VAL C 282 28.83 -9.37 29.19
CA VAL C 282 28.21 -8.79 28.01
C VAL C 282 28.88 -9.36 26.77
N ASN C 283 28.08 -9.97 25.90
CA ASN C 283 28.58 -10.52 24.64
C ASN C 283 28.35 -9.57 23.45
N HIS C 284 29.16 -8.52 23.36
CA HIS C 284 29.15 -7.60 22.23
C HIS C 284 30.52 -7.74 21.56
N PRO C 285 30.55 -8.04 20.25
CA PRO C 285 31.86 -8.33 19.61
C PRO C 285 32.77 -7.13 19.48
N GLY C 286 32.24 -5.93 19.75
CA GLY C 286 33.07 -4.71 19.76
C GLY C 286 33.77 -4.44 21.08
N LEU C 287 33.50 -5.23 22.13
CA LEU C 287 34.19 -5.11 23.43
C LEU C 287 35.53 -5.82 23.43
N GLU C 288 36.53 -5.24 24.06
CA GLU C 288 37.82 -5.93 24.13
C GLU C 288 37.80 -7.21 24.96
N SER C 289 36.88 -7.30 25.91
CA SER C 289 36.72 -8.49 26.72
C SER C 289 36.15 -9.66 25.89
N PHE C 290 35.61 -9.42 24.69
CA PHE C 290 34.88 -10.47 23.97
C PHE C 290 35.81 -11.43 23.16
N PRO C 291 35.74 -12.76 23.41
CA PRO C 291 36.58 -13.69 22.62
C PRO C 291 36.17 -13.59 21.14
N GLY C 292 37.12 -13.36 20.25
CA GLY C 292 36.74 -13.15 18.85
C GLY C 292 36.64 -11.69 18.43
N HIS C 293 36.81 -10.78 19.40
CA HIS C 293 36.88 -9.37 19.10
C HIS C 293 37.96 -9.03 18.06
N ASP C 294 39.14 -9.63 18.20
CA ASP C 294 40.24 -9.36 17.25
C ASP C 294 39.87 -9.76 15.80
N ILE C 295 39.14 -10.86 15.63
CA ILE C 295 38.68 -11.28 14.30
C ILE C 295 37.58 -10.33 13.75
N ALA C 296 36.55 -10.09 14.56
CA ALA C 296 35.44 -9.18 14.18
C ALA C 296 36.00 -7.82 13.73
N LYS C 297 36.95 -7.30 14.49
CA LYS C 297 37.52 -5.98 14.23
C LYS C 297 38.29 -5.90 12.88
N LYS C 298 38.94 -7.00 12.51
CA LYS C 298 39.70 -7.12 11.28
C LYS C 298 38.79 -7.37 10.08
N GLN C 299 37.74 -8.18 10.25
CA GLN C 299 36.94 -8.61 9.11
C GLN C 299 35.70 -7.78 8.85
N MET C 300 35.36 -6.90 9.79
CA MET C 300 34.20 -6.01 9.68
C MET C 300 34.63 -4.57 9.79
N THR C 301 33.81 -3.64 9.32
CA THR C 301 34.16 -2.22 9.42
C THR C 301 33.24 -1.52 10.42
N GLY C 302 32.47 -2.33 11.16
CA GLY C 302 31.66 -1.83 12.25
C GLY C 302 30.92 -2.99 12.90
N TYR C 303 29.94 -2.67 13.73
CA TYR C 303 29.19 -3.69 14.47
C TYR C 303 27.72 -3.35 14.42
N GLY C 304 26.88 -4.38 14.33
CA GLY C 304 25.46 -4.19 14.58
C GLY C 304 25.23 -3.89 16.06
N SER C 305 23.98 -3.71 16.44
CA SER C 305 23.71 -3.29 17.80
C SER C 305 22.83 -4.26 18.58
N THR C 306 22.81 -5.51 18.15
CA THR C 306 22.06 -6.56 18.80
C THR C 306 23.03 -7.49 19.47
N PHE C 307 22.84 -7.69 20.77
CA PHE C 307 23.81 -8.51 21.51
C PHE C 307 23.18 -8.99 22.78
N LEU C 308 23.90 -9.81 23.50
CA LEU C 308 23.27 -10.50 24.59
C LEU C 308 24.06 -10.19 25.86
N PHE C 309 23.41 -10.26 27.00
CA PHE C 309 24.13 -10.09 28.28
C PHE C 309 23.59 -11.03 29.32
N GLU C 310 24.39 -11.29 30.33
CA GLU C 310 24.07 -12.26 31.36
C GLU C 310 23.70 -11.59 32.68
N MET C 311 22.46 -11.86 33.15
CA MET C 311 22.02 -11.44 34.47
C MET C 311 22.44 -12.50 35.51
N LYS C 312 22.26 -12.16 36.80
CA LYS C 312 22.57 -13.11 37.88
C LYS C 312 21.57 -14.24 38.06
N SER C 313 20.36 -14.07 37.51
CA SER C 313 19.38 -15.13 37.61
C SER C 313 18.30 -14.93 36.59
N PHE C 314 17.51 -15.97 36.37
CA PHE C 314 16.29 -15.82 35.57
C PHE C 314 15.33 -14.73 36.15
N GLU C 315 15.15 -14.73 37.45
CA GLU C 315 14.23 -13.77 38.07
C GLU C 315 14.71 -12.35 37.84
N ALA C 316 16.02 -12.12 37.92
CA ALA C 316 16.58 -10.79 37.64
C ALA C 316 16.39 -10.39 36.15
N ALA C 317 16.50 -11.36 35.25
CA ALA C 317 16.30 -11.10 33.81
C ALA C 317 14.86 -10.69 33.61
N LYS C 318 13.92 -11.43 34.21
CA LYS C 318 12.49 -11.15 34.10
C LYS C 318 12.19 -9.74 34.65
N LYS C 319 12.71 -9.43 35.82
CA LYS C 319 12.43 -8.13 36.43
C LYS C 319 12.92 -6.98 35.53
N LEU C 320 14.12 -7.13 34.98
CA LEU C 320 14.60 -6.14 34.04
C LEU C 320 13.66 -5.99 32.82
N MET C 321 13.40 -7.12 32.14
CA MET C 321 12.72 -7.04 30.82
C MET C 321 11.31 -6.52 30.93
N GLU C 322 10.72 -6.67 32.11
CA GLU C 322 9.31 -6.30 32.32
C GLU C 322 9.11 -4.93 32.95
N HIS C 323 10.18 -4.18 33.21
CA HIS C 323 10.04 -2.83 33.81
C HIS C 323 10.73 -1.73 33.01
N LEU C 324 10.71 -1.90 31.69
CA LEU C 324 11.33 -0.97 30.76
C LEU C 324 10.22 -0.12 30.12
N LYS C 325 10.50 1.16 29.87
CA LYS C 325 9.48 2.05 29.30
C LYS C 325 9.87 2.46 27.89
N VAL C 326 11.16 2.36 27.56
CA VAL C 326 11.58 2.73 26.24
C VAL C 326 11.76 1.42 25.42
N CYS C 327 12.45 0.42 25.97
CA CYS C 327 12.68 -0.84 25.28
C CYS C 327 11.34 -1.56 25.18
N THR C 328 11.10 -2.23 24.05
CA THR C 328 9.88 -3.00 23.84
C THR C 328 10.15 -4.51 23.91
N LEU C 329 9.35 -5.24 24.71
CA LEU C 329 9.50 -6.68 24.81
C LEU C 329 8.85 -7.33 23.58
N ALA C 330 9.68 -7.97 22.75
CA ALA C 330 9.28 -8.49 21.43
C ALA C 330 10.50 -9.18 20.86
N VAL C 331 10.28 -10.19 20.00
CA VAL C 331 11.35 -10.77 19.22
C VAL C 331 11.62 -9.87 17.99
N SER C 332 12.56 -10.30 17.15
CA SER C 332 13.10 -9.53 16.02
C SER C 332 14.14 -8.52 16.49
N LEU C 333 14.75 -7.82 15.54
CA LEU C 333 15.90 -6.93 15.83
C LEU C 333 16.13 -5.98 14.67
N GLY C 334 16.99 -4.99 14.88
CA GLY C 334 17.47 -4.12 13.78
C GLY C 334 16.43 -3.04 13.41
N CYS C 335 15.46 -2.81 14.29
CA CYS C 335 14.42 -1.79 14.14
CA CYS C 335 14.44 -1.79 14.07
C CYS C 335 14.95 -0.46 14.61
N VAL C 336 14.36 0.63 14.15
CA VAL C 336 14.75 1.97 14.62
C VAL C 336 14.56 2.09 16.14
N ASP C 337 13.57 1.41 16.69
CA ASP C 337 13.35 1.44 18.15
C ASP C 337 13.91 0.19 18.86
N THR C 338 14.24 0.32 20.14
CA THR C 338 14.92 -0.71 20.90
C THR C 338 13.99 -1.87 21.31
N LEU C 339 14.44 -3.10 21.04
CA LEU C 339 13.67 -4.32 21.32
C LEU C 339 14.46 -5.15 22.31
N ILE C 340 13.74 -5.94 23.12
CA ILE C 340 14.39 -6.80 24.08
C ILE C 340 13.63 -8.14 24.17
N GLU C 341 14.35 -9.25 24.36
CA GLU C 341 13.72 -10.57 24.48
C GLU C 341 14.58 -11.54 25.30
N HIS C 342 13.96 -12.67 25.61
CA HIS C 342 14.58 -13.74 26.43
C HIS C 342 14.78 -14.98 25.54
N PRO C 343 15.99 -15.18 25.00
CA PRO C 343 16.22 -16.29 24.07
C PRO C 343 15.78 -17.68 24.60
N ALA C 344 16.08 -18.00 25.87
CA ALA C 344 15.83 -19.36 26.37
C ALA C 344 14.36 -19.75 26.21
N SER C 345 13.45 -18.78 26.43
CA SER C 345 12.02 -19.08 26.37
C SER C 345 11.29 -18.50 25.14
N MET C 346 12.03 -17.84 24.25
CA MET C 346 11.45 -17.19 23.08
C MET C 346 12.09 -17.63 21.74
N THR C 347 13.06 -16.89 21.23
CA THR C 347 13.64 -17.15 19.89
C THR C 347 14.32 -18.51 19.72
N HIS C 348 14.52 -19.22 20.83
CA HIS C 348 15.44 -20.37 20.90
C HIS C 348 14.86 -21.34 21.90
N ALA C 349 13.57 -21.19 22.18
CA ALA C 349 12.82 -22.18 22.95
C ALA C 349 12.55 -23.45 22.12
N ALA C 350 12.70 -23.35 20.80
CA ALA C 350 12.49 -24.50 19.88
C ALA C 350 13.77 -25.24 19.45
N VAL C 351 14.94 -24.73 19.87
CA VAL C 351 16.22 -25.37 19.52
C VAL C 351 16.46 -26.61 20.42
N PRO C 352 16.66 -27.80 19.79
CA PRO C 352 16.91 -29.06 20.53
C PRO C 352 17.95 -28.87 21.66
N GLU C 353 17.66 -29.41 22.84
CA GLU C 353 18.52 -29.26 24.03
C GLU C 353 20.01 -29.55 23.82
N ASN C 354 20.33 -30.58 23.03
CA ASN C 354 21.73 -30.91 22.60
C ASN C 354 22.43 -29.69 21.97
N ILE C 355 21.65 -28.88 21.24
CA ILE C 355 22.15 -27.69 20.54
C ILE C 355 22.07 -26.44 21.48
N MET C 356 21.10 -26.42 22.41
CA MET C 356 20.90 -25.33 23.41
C MET C 356 22.10 -25.15 24.33
N ARG C 357 22.68 -26.29 24.71
CA ARG C 357 23.74 -26.36 25.71
C ARG C 357 25.05 -25.92 25.10
N LYS C 358 25.29 -26.33 23.86
CA LYS C 358 26.53 -25.96 23.16
C LYS C 358 26.39 -24.64 22.39
N GLN C 359 25.15 -24.14 22.21
CA GLN C 359 24.96 -22.75 21.82
C GLN C 359 25.30 -21.83 23.01
N GLY C 360 25.23 -22.36 24.23
CA GLY C 360 25.54 -21.60 25.44
C GLY C 360 24.39 -20.70 25.90
N ILE C 361 23.16 -21.08 25.60
CA ILE C 361 21.97 -20.26 25.91
C ILE C 361 21.32 -20.72 27.23
N THR C 362 21.25 -19.82 28.21
CA THR C 362 20.75 -20.13 29.54
C THR C 362 19.61 -19.17 29.94
N PRO C 363 18.79 -19.53 30.96
CA PRO C 363 17.68 -18.62 31.34
C PRO C 363 18.15 -17.26 31.86
N GLU C 364 19.44 -17.12 32.18
CA GLU C 364 19.95 -15.84 32.69
C GLU C 364 20.22 -14.82 31.58
N LEU C 365 20.08 -15.21 30.31
CA LEU C 365 20.53 -14.34 29.22
C LEU C 365 19.40 -13.49 28.69
N VAL C 366 19.68 -12.23 28.41
CA VAL C 366 18.73 -11.30 27.81
C VAL C 366 19.37 -10.74 26.53
N ARG C 367 18.62 -10.70 25.43
CA ARG C 367 19.15 -10.11 24.18
C ARG C 367 18.50 -8.75 23.91
N ILE C 368 19.34 -7.74 23.62
CA ILE C 368 18.79 -6.39 23.37
C ILE C 368 19.17 -6.01 21.94
N SER C 369 18.24 -5.39 21.23
CA SER C 369 18.52 -4.89 19.90
C SER C 369 18.44 -3.37 19.99
N VAL C 370 19.59 -2.72 20.13
CA VAL C 370 19.61 -1.28 20.41
C VAL C 370 19.22 -0.45 19.18
N GLY C 371 18.19 0.38 19.35
CA GLY C 371 17.69 1.25 18.28
C GLY C 371 18.44 2.58 18.17
N ILE C 372 17.82 3.54 17.48
CA ILE C 372 18.41 4.86 17.24
C ILE C 372 17.88 6.00 18.10
N GLU C 373 17.09 5.65 19.15
CA GLU C 373 16.75 6.59 20.23
C GLU C 373 18.03 7.25 20.79
N ASN C 374 17.89 8.42 21.39
CA ASN C 374 18.99 9.00 22.11
C ASN C 374 19.53 7.97 23.11
N VAL C 375 20.82 7.68 22.99
CA VAL C 375 21.47 6.68 23.82
C VAL C 375 21.33 6.91 25.33
N ASP C 376 21.38 8.18 25.77
CA ASP C 376 21.19 8.46 27.21
C ASP C 376 19.80 8.08 27.73
N ASP C 377 18.78 8.22 26.87
CA ASP C 377 17.41 7.81 27.20
C ASP C 377 17.31 6.26 27.32
N ILE C 378 18.04 5.55 26.44
CA ILE C 378 18.07 4.08 26.48
C ILE C 378 18.77 3.63 27.76
N ILE C 379 19.93 4.22 28.02
CA ILE C 379 20.68 3.88 29.21
C ILE C 379 19.87 4.22 30.50
N ALA C 380 19.24 5.39 30.56
CA ALA C 380 18.46 5.73 31.77
C ALA C 380 17.29 4.73 32.00
N ASP C 381 16.71 4.22 30.92
CA ASP C 381 15.62 3.26 30.98
C ASP C 381 16.14 1.94 31.58
N LEU C 382 17.29 1.48 31.10
CA LEU C 382 17.87 0.25 31.63
C LEU C 382 18.29 0.47 33.08
N LYS C 383 18.88 1.63 33.37
CA LYS C 383 19.39 1.88 34.72
C LYS C 383 18.26 1.89 35.77
N GLN C 384 17.16 2.57 35.45
CA GLN C 384 16.02 2.61 36.38
C GLN C 384 15.44 1.22 36.63
N ALA C 385 15.36 0.38 35.61
CA ALA C 385 14.79 -0.96 35.83
C ALA C 385 15.77 -1.83 36.62
N LEU C 386 17.05 -1.65 36.38
CA LEU C 386 18.10 -2.40 37.10
C LEU C 386 18.17 -1.98 38.57
N GLU C 387 17.76 -0.76 38.87
CA GLU C 387 17.87 -0.23 40.20
C GLU C 387 16.54 -0.33 40.98
N LEU C 388 15.60 -1.13 40.51
CA LEU C 388 14.31 -1.27 41.16
C LEU C 388 14.37 -1.85 42.55
N TRP C 389 13.50 -1.35 43.42
CA TRP C 389 13.16 -2.00 44.69
C TRP C 389 12.93 -3.50 44.47
N ASP D 5 -21.60 -3.05 -23.61
CA ASP D 5 -21.92 -2.39 -22.32
C ASP D 5 -20.68 -1.79 -21.60
N ILE D 6 -20.96 -1.18 -20.46
CA ILE D 6 -19.99 -0.41 -19.67
C ILE D 6 -18.79 -1.22 -19.14
N THR D 7 -18.97 -2.52 -18.88
CA THR D 7 -17.89 -3.31 -18.28
C THR D 7 -16.64 -3.33 -19.17
N THR D 8 -16.84 -3.53 -20.48
CA THR D 8 -15.73 -3.56 -21.44
C THR D 8 -14.91 -2.27 -21.43
N THR D 9 -15.57 -1.12 -21.31
CA THR D 9 -14.90 0.19 -21.34
C THR D 9 -14.02 0.36 -20.09
N LEU D 10 -14.57 0.01 -18.92
CA LEU D 10 -13.83 0.13 -17.65
C LEU D 10 -12.62 -0.82 -17.60
N LEU D 11 -12.75 -2.01 -18.20
CA LEU D 11 -11.64 -2.98 -18.23
C LEU D 11 -10.60 -2.68 -19.32
N HIS D 12 -10.94 -1.84 -20.28
CA HIS D 12 -10.02 -1.50 -21.36
C HIS D 12 -9.84 0.03 -21.55
N PRO D 13 -9.36 0.70 -20.49
CA PRO D 13 -9.28 2.17 -20.59
C PRO D 13 -8.19 2.58 -21.60
N LYS D 14 -8.41 3.72 -22.25
CA LYS D 14 -7.44 4.31 -23.20
C LYS D 14 -6.12 4.68 -22.50
N GLY D 15 -5.03 4.71 -23.28
CA GLY D 15 -3.72 5.08 -22.73
C GLY D 15 -2.69 3.97 -22.92
N ASP D 16 -1.42 4.34 -22.84
CA ASP D 16 -0.37 3.32 -23.00
C ASP D 16 -0.12 2.62 -21.67
N HIS D 17 0.29 1.35 -21.75
CA HIS D 17 0.85 0.64 -20.62
C HIS D 17 2.16 1.29 -20.18
N VAL D 18 2.46 1.19 -18.89
CA VAL D 18 3.72 1.66 -18.36
C VAL D 18 4.67 0.46 -18.22
N LEU D 19 5.81 0.49 -18.91
CA LEU D 19 6.79 -0.61 -18.90
C LEU D 19 6.13 -1.98 -19.23
N HIS D 20 5.13 -1.95 -20.11
CA HIS D 20 4.37 -3.15 -20.48
C HIS D 20 3.58 -3.79 -19.32
N SER D 21 3.47 -3.08 -18.20
CA SER D 21 2.73 -3.63 -17.05
C SER D 21 1.26 -3.80 -17.39
N HIS D 22 0.70 -4.97 -17.09
CA HIS D 22 -0.74 -5.19 -17.32
C HIS D 22 -1.59 -4.33 -16.37
N ALA D 23 -1.37 -4.43 -15.06
CA ALA D 23 -2.05 -3.53 -14.12
C ALA D 23 -1.35 -2.18 -14.15
N TYR D 24 -2.11 -1.09 -14.06
CA TYR D 24 -1.54 0.24 -14.06
C TYR D 24 -0.77 0.48 -12.74
N PRO D 25 0.51 0.90 -12.82
CA PRO D 25 1.38 1.07 -11.63
C PRO D 25 0.92 2.15 -10.68
N ILE D 26 1.36 2.04 -9.43
CA ILE D 26 0.98 2.99 -8.40
C ILE D 26 2.13 3.98 -8.32
N PHE D 27 1.88 5.22 -8.78
CA PHE D 27 2.93 6.21 -8.75
C PHE D 27 2.97 6.87 -7.40
N GLN D 28 3.52 6.15 -6.44
CA GLN D 28 3.66 6.66 -5.11
C GLN D 28 4.88 7.59 -5.08
N THR D 29 4.66 8.80 -5.59
CA THR D 29 5.75 9.77 -5.70
C THR D 29 5.14 11.16 -5.49
N SER D 30 5.95 12.08 -5.01
CA SER D 30 5.50 13.47 -4.97
C SER D 30 5.93 14.20 -6.24
N THR D 31 7.20 14.06 -6.64
CA THR D 31 7.73 14.85 -7.72
C THR D 31 8.17 14.03 -8.95
N PHE D 32 8.42 14.75 -10.05
CA PHE D 32 8.91 14.18 -11.32
C PHE D 32 10.17 14.92 -11.77
N CYS D 33 11.03 14.21 -12.49
CA CYS D 33 12.30 14.75 -13.00
C CYS D 33 12.08 15.43 -14.33
N PHE D 34 12.91 16.43 -14.61
CA PHE D 34 12.90 17.12 -15.89
C PHE D 34 14.13 16.68 -16.71
N ASP D 35 13.98 16.59 -18.04
CA ASP D 35 15.09 16.30 -18.96
C ASP D 35 16.03 17.51 -19.10
N SER D 36 15.52 18.72 -18.87
CA SER D 36 16.29 19.94 -19.09
C SER D 36 15.47 21.08 -18.51
N THR D 37 16.09 22.24 -18.35
CA THR D 37 15.37 23.42 -17.88
C THR D 37 14.16 23.77 -18.78
N GLN D 38 14.41 23.76 -20.09
CA GLN D 38 13.40 24.05 -21.09
C GLN D 38 12.20 23.13 -20.98
N GLN D 39 12.44 21.84 -20.86
CA GLN D 39 11.32 20.90 -20.77
C GLN D 39 10.47 21.12 -19.47
N GLY D 40 11.14 21.41 -18.35
CA GLY D 40 10.44 21.80 -17.12
C GLY D 40 9.65 23.10 -17.31
N ALA D 41 10.30 24.13 -17.83
CA ALA D 41 9.62 25.40 -18.16
C ALA D 41 8.39 25.20 -19.05
N ASP D 42 8.53 24.41 -20.10
CA ASP D 42 7.42 24.11 -21.01
C ASP D 42 6.23 23.47 -20.27
N LEU D 43 6.52 22.47 -19.43
CA LEU D 43 5.46 21.81 -18.68
C LEU D 43 4.70 22.78 -17.77
N PHE D 44 5.41 23.65 -17.06
CA PHE D 44 4.75 24.67 -16.25
C PHE D 44 3.86 25.64 -17.07
N MET D 45 4.12 25.76 -18.37
CA MET D 45 3.33 26.59 -19.27
C MET D 45 2.24 25.79 -19.99
N GLY D 46 2.12 24.51 -19.67
CA GLY D 46 1.17 23.62 -20.36
C GLY D 46 1.55 23.16 -21.76
N LYS D 47 2.85 23.23 -22.07
CA LYS D 47 3.36 22.86 -23.39
C LYS D 47 4.07 21.51 -23.27
N GLY D 48 3.76 20.59 -24.17
CA GLY D 48 4.34 19.24 -24.15
C GLY D 48 3.57 18.29 -23.23
N GLU D 49 3.96 17.02 -23.23
CA GLU D 49 3.31 15.97 -22.46
C GLU D 49 4.23 15.61 -21.30
N GLY D 50 3.64 15.31 -20.15
CA GLY D 50 4.47 14.93 -19.00
C GLY D 50 3.92 15.42 -17.68
N HIS D 51 4.70 15.19 -16.63
CA HIS D 51 4.25 15.46 -15.27
C HIS D 51 5.28 16.30 -14.54
N ILE D 52 4.82 16.96 -13.48
CA ILE D 52 5.64 17.87 -12.71
C ILE D 52 5.64 17.46 -11.23
N TYR D 53 4.44 17.28 -10.66
CA TYR D 53 4.31 17.17 -9.19
C TYR D 53 2.92 16.60 -8.94
N SER D 54 2.78 15.67 -8.00
CA SER D 54 1.49 14.93 -7.85
C SER D 54 0.25 15.78 -7.57
N ARG D 55 0.39 16.89 -6.83
CA ARG D 55 -0.75 17.78 -6.63
C ARG D 55 -1.31 18.37 -7.93
N LEU D 56 -0.42 18.69 -8.88
CA LEU D 56 -0.84 19.13 -10.23
C LEU D 56 -1.34 17.95 -11.10
N GLY D 57 -0.76 16.77 -10.91
CA GLY D 57 -1.11 15.63 -11.73
C GLY D 57 -0.28 14.39 -11.43
N ASN D 58 -0.97 13.29 -11.14
CA ASN D 58 -0.34 12.02 -10.86
C ASN D 58 -0.88 10.98 -11.85
N PRO D 59 -0.01 10.21 -12.53
CA PRO D 59 -0.55 9.28 -13.56
C PRO D 59 -1.61 8.25 -13.05
N THR D 60 -1.42 7.71 -11.85
CA THR D 60 -2.34 6.71 -11.30
C THR D 60 -3.72 7.35 -11.03
N VAL D 61 -3.71 8.57 -10.48
CA VAL D 61 -4.93 9.34 -10.24
C VAL D 61 -5.59 9.69 -11.59
N GLU D 62 -4.80 10.10 -12.57
CA GLU D 62 -5.34 10.47 -13.90
C GLU D 62 -6.03 9.32 -14.63
N GLN D 63 -5.50 8.10 -14.47
CA GLN D 63 -6.11 6.89 -15.04
C GLN D 63 -7.52 6.69 -14.45
N PHE D 64 -7.67 6.88 -13.13
CA PHE D 64 -9.00 6.78 -12.49
C PHE D 64 -9.94 7.90 -12.96
N GLU D 65 -9.41 9.13 -13.06
CA GLU D 65 -10.17 10.24 -13.62
C GLU D 65 -10.69 9.94 -15.02
N GLU D 66 -9.83 9.38 -15.86
CA GLU D 66 -10.17 9.05 -17.22
C GLU D 66 -11.30 8.02 -17.27
N MET D 67 -11.26 7.04 -16.38
CA MET D 67 -12.32 6.01 -16.27
C MET D 67 -13.71 6.61 -15.96
N VAL D 68 -13.75 7.55 -15.02
CA VAL D 68 -15.00 8.21 -14.62
C VAL D 68 -15.44 9.16 -15.70
N CYS D 69 -14.51 9.92 -16.24
CA CYS D 69 -14.80 10.78 -17.37
C CYS D 69 -15.53 10.01 -18.50
N SER D 70 -15.01 8.86 -18.91
CA SER D 70 -15.63 8.08 -19.99
C SER D 70 -17.09 7.69 -19.69
N ILE D 71 -17.35 7.13 -18.51
CA ILE D 71 -18.70 6.71 -18.10
C ILE D 71 -19.71 7.90 -17.94
N GLU D 72 -19.22 9.08 -17.53
CA GLU D 72 -20.06 10.27 -17.36
C GLU D 72 -20.36 11.02 -18.66
N GLY D 73 -19.52 10.82 -19.69
CA GLY D 73 -19.58 11.56 -20.94
C GLY D 73 -19.14 13.02 -20.81
N ALA D 74 -18.08 13.25 -20.03
CA ALA D 74 -17.62 14.57 -19.64
C ALA D 74 -16.46 15.05 -20.49
N ALA D 75 -16.13 16.33 -20.41
CA ALA D 75 -14.88 16.89 -20.96
C ALA D 75 -13.66 16.53 -20.09
N GLY D 76 -13.90 16.29 -18.82
CA GLY D 76 -12.84 15.89 -17.92
C GLY D 76 -13.37 15.66 -16.52
N SER D 77 -12.59 14.94 -15.72
CA SER D 77 -12.96 14.59 -14.37
C SER D 77 -11.77 14.90 -13.45
N ALA D 78 -12.07 15.28 -12.22
CA ALA D 78 -11.04 15.54 -11.21
C ALA D 78 -11.36 14.67 -9.98
N ALA D 79 -10.33 13.99 -9.44
CA ALA D 79 -10.48 13.18 -8.25
C ALA D 79 -10.00 13.95 -7.02
N PHE D 80 -10.60 13.62 -5.88
CA PHE D 80 -10.34 14.31 -4.65
C PHE D 80 -10.17 13.35 -3.50
N GLY D 81 -9.73 13.89 -2.37
CA GLY D 81 -9.56 13.12 -1.13
C GLY D 81 -10.86 12.64 -0.46
N SER D 82 -12.01 13.16 -0.90
CA SER D 82 -13.31 12.76 -0.34
C SER D 82 -14.40 13.35 -1.20
N GLY D 83 -15.62 12.82 -1.08
CA GLY D 83 -16.75 13.45 -1.73
C GLY D 83 -16.91 14.92 -1.32
N MET D 84 -16.64 15.23 -0.04
CA MET D 84 -16.75 16.63 0.42
C MET D 84 -15.76 17.55 -0.30
N GLY D 85 -14.54 17.05 -0.57
CA GLY D 85 -13.56 17.77 -1.42
C GLY D 85 -14.10 18.02 -2.82
N ALA D 86 -14.79 17.03 -3.40
CA ALA D 86 -15.43 17.24 -4.71
C ALA D 86 -16.55 18.25 -4.61
N ILE D 87 -17.32 18.19 -3.54
CA ILE D 87 -18.47 19.10 -3.41
C ILE D 87 -18.00 20.55 -3.24
N SER D 88 -17.08 20.76 -2.31
CA SER D 88 -16.61 22.10 -2.07
C SER D 88 -15.81 22.67 -3.27
N SER D 89 -15.09 21.82 -4.00
CA SER D 89 -14.42 22.27 -5.23
C SER D 89 -15.36 22.50 -6.41
N SER D 90 -16.55 21.87 -6.44
CA SER D 90 -17.44 22.06 -7.58
C SER D 90 -18.36 23.23 -7.34
N THR D 91 -18.29 23.80 -6.14
CA THR D 91 -19.12 24.95 -5.77
C THR D 91 -18.31 26.23 -5.56
N LEU D 92 -17.35 26.20 -4.64
CA LEU D 92 -16.52 27.37 -4.33
C LEU D 92 -15.48 27.68 -5.38
N ALA D 93 -15.35 26.83 -6.39
CA ALA D 93 -14.50 27.14 -7.53
C ALA D 93 -15.18 28.20 -8.40
N PHE D 94 -16.51 28.33 -8.25
CA PHE D 94 -17.33 29.17 -9.13
C PHE D 94 -18.05 30.29 -8.40
N LEU D 95 -18.51 30.01 -7.19
CA LEU D 95 -19.34 30.97 -6.46
C LEU D 95 -18.42 31.93 -5.74
N GLN D 96 -18.83 33.17 -5.65
CA GLN D 96 -18.07 34.22 -4.93
C GLN D 96 -19.02 35.19 -4.22
N LYS D 97 -18.47 36.02 -3.34
CA LYS D 97 -19.21 37.06 -2.62
C LYS D 97 -20.22 37.75 -3.54
N GLY D 98 -21.47 37.84 -3.11
CA GLY D 98 -22.49 38.48 -3.94
C GLY D 98 -23.35 37.53 -4.74
N ASP D 99 -22.91 36.28 -4.88
CA ASP D 99 -23.67 35.25 -5.60
C ASP D 99 -24.72 34.57 -4.75
N HIS D 100 -25.70 34.00 -5.43
CA HIS D 100 -26.81 33.29 -4.80
C HIS D 100 -26.79 31.84 -5.30
N LEU D 101 -26.94 30.91 -4.36
CA LEU D 101 -27.06 29.49 -4.64
C LEU D 101 -28.42 28.97 -4.20
N ILE D 102 -29.09 28.23 -5.08
CA ILE D 102 -30.26 27.46 -4.71
C ILE D 102 -29.83 25.98 -4.56
N ALA D 103 -30.09 25.39 -3.40
CA ALA D 103 -29.75 24.00 -3.15
C ALA D 103 -30.98 23.21 -2.72
N GLY D 104 -31.01 21.90 -3.02
CA GLY D 104 -32.07 21.04 -2.51
C GLY D 104 -32.17 21.14 -1.00
N ASP D 105 -33.40 21.06 -0.48
CA ASP D 105 -33.62 21.16 0.96
C ASP D 105 -33.18 19.90 1.69
N THR D 106 -33.06 18.79 0.95
CA THR D 106 -32.60 17.54 1.54
C THR D 106 -31.26 17.07 0.95
N LEU D 107 -30.24 17.13 1.79
CA LEU D 107 -28.86 16.83 1.37
C LEU D 107 -28.16 16.06 2.46
N TYR D 108 -27.08 15.39 2.06
CA TYR D 108 -26.16 14.77 2.98
C TYR D 108 -25.80 15.79 4.08
N GLY D 109 -25.65 15.31 5.32
CA GLY D 109 -25.38 16.16 6.49
C GLY D 109 -24.26 17.17 6.34
N CYS D 110 -23.09 16.74 5.86
CA CYS D 110 -21.99 17.67 5.70
C CYS D 110 -22.14 18.67 4.57
N THR D 111 -22.94 18.34 3.55
CA THR D 111 -23.26 19.30 2.51
C THR D 111 -24.10 20.45 3.11
N VAL D 112 -25.09 20.11 3.95
CA VAL D 112 -25.88 21.11 4.69
C VAL D 112 -24.92 21.97 5.53
N SER D 113 -23.98 21.34 6.21
CA SER D 113 -23.02 22.07 7.04
C SER D 113 -22.18 23.04 6.17
N LEU D 114 -21.72 22.57 5.01
CA LEU D 114 -20.95 23.40 4.08
C LEU D 114 -21.76 24.61 3.56
N PHE D 115 -22.98 24.36 3.09
CA PHE D 115 -23.81 25.40 2.49
C PHE D 115 -24.35 26.35 3.54
N THR D 116 -24.46 25.89 4.79
CA THR D 116 -25.16 26.62 5.86
C THR D 116 -24.22 27.40 6.76
N HIS D 117 -23.04 26.82 7.02
CA HIS D 117 -22.06 27.46 7.87
C HIS D 117 -20.97 28.18 7.08
N TRP D 118 -20.32 27.50 6.14
CA TRP D 118 -19.18 28.10 5.42
C TRP D 118 -19.53 29.06 4.26
N LEU D 119 -20.41 28.66 3.34
CA LEU D 119 -20.64 29.52 2.18
C LEU D 119 -21.08 30.94 2.62
N PRO D 120 -21.99 31.06 3.62
CA PRO D 120 -22.35 32.47 3.93
C PRO D 120 -21.23 33.27 4.61
N ARG D 121 -20.23 32.62 5.21
CA ARG D 121 -19.09 33.36 5.73
C ARG D 121 -18.25 33.94 4.59
N PHE D 122 -18.41 33.38 3.41
CA PHE D 122 -17.69 33.83 2.21
C PHE D 122 -18.54 34.77 1.37
N GLY D 123 -19.69 35.17 1.92
CA GLY D 123 -20.56 36.20 1.33
C GLY D 123 -21.47 35.65 0.25
N ILE D 124 -21.68 34.33 0.25
CA ILE D 124 -22.52 33.65 -0.74
C ILE D 124 -23.90 33.39 -0.13
N GLU D 125 -24.93 33.95 -0.75
CA GLU D 125 -26.29 33.76 -0.29
C GLU D 125 -26.73 32.38 -0.71
N VAL D 126 -27.37 31.68 0.21
CA VAL D 126 -27.82 30.32 -0.01
C VAL D 126 -29.24 30.11 0.52
N ASP D 127 -30.13 29.58 -0.32
CA ASP D 127 -31.46 29.16 0.12
C ASP D 127 -31.62 27.68 -0.18
N LEU D 128 -32.13 26.94 0.80
CA LEU D 128 -32.44 25.54 0.61
C LEU D 128 -33.90 25.48 0.27
N ILE D 129 -34.23 24.84 -0.83
CA ILE D 129 -35.63 24.77 -1.22
C ILE D 129 -36.03 23.38 -1.73
N ASP D 130 -37.33 23.17 -1.91
CA ASP D 130 -37.83 21.88 -2.38
C ASP D 130 -37.69 21.76 -3.92
N THR D 131 -36.57 21.19 -4.36
CA THR D 131 -36.29 21.10 -5.79
C THR D 131 -37.04 19.97 -6.50
N SER D 132 -37.88 19.23 -5.78
CA SER D 132 -38.78 18.24 -6.40
C SER D 132 -39.91 18.93 -7.17
N ASP D 133 -40.04 20.24 -6.96
CA ASP D 133 -41.03 21.05 -7.62
C ASP D 133 -40.33 22.20 -8.33
N VAL D 134 -40.39 22.17 -9.65
CA VAL D 134 -39.63 23.12 -10.46
C VAL D 134 -40.08 24.58 -10.28
N GLU D 135 -41.37 24.79 -10.01
CA GLU D 135 -41.91 26.15 -9.81
C GLU D 135 -41.31 26.82 -8.58
N LYS D 136 -41.08 26.03 -7.53
CA LYS D 136 -40.37 26.51 -6.33
C LYS D 136 -38.96 27.00 -6.65
N VAL D 137 -38.28 26.34 -7.59
CA VAL D 137 -36.96 26.78 -8.05
C VAL D 137 -37.04 28.12 -8.77
N LYS D 138 -37.99 28.22 -9.70
CA LYS D 138 -38.26 29.47 -10.40
C LYS D 138 -38.65 30.60 -9.42
N ALA D 139 -39.38 30.27 -8.35
CA ALA D 139 -39.85 31.29 -7.39
C ALA D 139 -38.74 31.78 -6.46
N ALA D 140 -37.74 30.92 -6.22
CA ALA D 140 -36.60 31.26 -5.35
C ALA D 140 -35.50 32.03 -6.11
N TRP D 141 -35.65 32.07 -7.44
CA TRP D 141 -34.69 32.71 -8.33
C TRP D 141 -34.50 34.19 -8.05
N LYS D 142 -33.26 34.64 -8.14
CA LYS D 142 -32.91 36.04 -7.97
C LYS D 142 -32.03 36.47 -9.13
N PRO D 143 -31.80 37.80 -9.29
CA PRO D 143 -30.93 38.23 -10.39
C PRO D 143 -29.47 37.80 -10.22
N ASN D 144 -29.04 37.54 -9.00
CA ASN D 144 -27.66 37.10 -8.76
C ASN D 144 -27.51 35.58 -8.58
N THR D 145 -28.53 34.80 -8.96
CA THR D 145 -28.45 33.34 -8.84
C THR D 145 -27.50 32.79 -9.89
N LYS D 146 -26.44 32.12 -9.44
CA LYS D 146 -25.41 31.57 -10.35
C LYS D 146 -25.37 30.04 -10.36
N MET D 147 -26.03 29.40 -9.41
CA MET D 147 -25.96 27.94 -9.35
C MET D 147 -27.18 27.32 -8.69
N VAL D 148 -27.55 26.14 -9.17
CA VAL D 148 -28.49 25.24 -8.49
C VAL D 148 -27.71 23.97 -8.18
N TYR D 149 -27.80 23.50 -6.92
CA TYR D 149 -27.12 22.29 -6.47
C TYR D 149 -28.16 21.24 -6.04
N LEU D 150 -28.01 20.03 -6.56
CA LEU D 150 -29.01 18.97 -6.36
C LEU D 150 -28.39 17.64 -5.94
N GLU D 151 -29.10 16.90 -5.08
CA GLU D 151 -28.89 15.46 -4.92
C GLU D 151 -30.20 14.78 -5.32
N SER D 152 -30.13 13.75 -6.15
CA SER D 152 -31.34 13.02 -6.54
C SER D 152 -30.98 11.59 -6.93
N PRO D 153 -31.62 10.60 -6.29
CA PRO D 153 -32.50 10.78 -5.13
C PRO D 153 -31.69 11.26 -3.93
N ALA D 154 -32.35 12.03 -3.06
CA ALA D 154 -31.69 12.74 -1.97
C ALA D 154 -31.26 11.81 -0.83
N ASN D 155 -30.19 12.19 -0.13
CA ASN D 155 -29.77 11.47 1.08
C ASN D 155 -30.37 12.16 2.33
N PRO D 156 -31.24 11.44 3.09
CA PRO D 156 -31.52 10.00 3.06
C PRO D 156 -32.91 9.58 2.59
N THR D 157 -33.79 10.54 2.33
CA THR D 157 -35.20 10.26 2.08
C THR D 157 -35.50 9.77 0.66
N CYS D 158 -34.49 9.85 -0.21
CA CYS D 158 -34.62 9.54 -1.64
C CYS D 158 -35.53 10.48 -2.44
N LYS D 159 -35.73 11.69 -1.91
CA LYS D 159 -36.59 12.70 -2.56
C LYS D 159 -36.02 12.97 -3.95
N VAL D 160 -36.89 12.88 -4.96
CA VAL D 160 -36.50 12.99 -6.36
C VAL D 160 -36.74 14.39 -6.94
N SER D 161 -35.71 14.99 -7.56
CA SER D 161 -35.84 16.25 -8.30
C SER D 161 -35.82 16.00 -9.82
N ASP D 162 -36.58 16.82 -10.55
CA ASP D 162 -36.61 16.80 -12.03
C ASP D 162 -35.39 17.55 -12.55
N ILE D 163 -34.33 16.79 -12.82
CA ILE D 163 -33.02 17.33 -13.19
C ILE D 163 -33.06 18.03 -14.57
N LYS D 164 -33.72 17.39 -15.52
CA LYS D 164 -33.82 17.90 -16.90
C LYS D 164 -34.56 19.23 -16.93
N GLY D 165 -35.67 19.30 -16.20
CA GLY D 165 -36.49 20.51 -16.11
C GLY D 165 -35.74 21.64 -15.43
N ILE D 166 -35.07 21.32 -14.32
CA ILE D 166 -34.25 22.30 -13.63
C ILE D 166 -33.12 22.76 -14.55
N ALA D 167 -32.44 21.82 -15.22
CA ALA D 167 -31.36 22.18 -16.16
C ALA D 167 -31.83 23.22 -17.19
N VAL D 168 -33.02 22.99 -17.75
CA VAL D 168 -33.62 23.93 -18.71
C VAL D 168 -33.70 25.36 -18.13
N VAL D 169 -34.22 25.49 -16.90
CA VAL D 169 -34.29 26.78 -16.20
C VAL D 169 -32.89 27.38 -16.03
N CYS D 170 -31.94 26.54 -15.62
CA CYS D 170 -30.55 26.96 -15.44
C CYS D 170 -29.93 27.48 -16.74
N HIS D 171 -30.05 26.72 -17.84
CA HIS D 171 -29.53 27.14 -19.15
C HIS D 171 -30.17 28.46 -19.64
N GLU D 172 -31.47 28.59 -19.45
CA GLU D 172 -32.20 29.81 -19.81
C GLU D 172 -31.80 31.05 -19.01
N ARG D 173 -31.49 30.84 -17.72
CA ARG D 173 -31.27 31.94 -16.79
C ARG D 173 -29.80 32.18 -16.43
N GLY D 174 -28.91 31.37 -17.01
CA GLY D 174 -27.47 31.54 -16.85
C GLY D 174 -26.89 31.01 -15.54
N ALA D 175 -27.35 29.84 -15.09
CA ALA D 175 -26.80 29.27 -13.88
C ALA D 175 -26.24 27.91 -14.18
N ARG D 176 -25.23 27.51 -13.41
CA ARG D 176 -24.68 26.17 -13.48
C ARG D 176 -25.55 25.20 -12.70
N LEU D 177 -25.73 24.01 -13.27
CA LEU D 177 -26.43 22.95 -12.58
C LEU D 177 -25.39 21.90 -12.14
N VAL D 178 -25.33 21.69 -10.83
CA VAL D 178 -24.42 20.73 -10.22
C VAL D 178 -25.24 19.64 -9.56
N VAL D 179 -24.92 18.39 -9.85
CA VAL D 179 -25.67 17.25 -9.34
C VAL D 179 -24.76 16.22 -8.66
N ASP D 180 -25.11 15.93 -7.41
CA ASP D 180 -24.46 14.87 -6.65
C ASP D 180 -25.24 13.58 -6.91
N ALA D 181 -24.62 12.66 -7.66
CA ALA D 181 -25.25 11.41 -8.04
C ALA D 181 -24.71 10.19 -7.26
N THR D 182 -24.09 10.45 -6.11
CA THR D 182 -23.59 9.42 -5.21
C THR D 182 -24.54 8.24 -5.03
N PHE D 183 -25.80 8.51 -4.69
CA PHE D 183 -26.77 7.45 -4.36
C PHE D 183 -27.08 6.45 -5.49
N THR D 184 -26.74 6.78 -6.72
CA THR D 184 -27.23 5.99 -7.85
C THR D 184 -26.12 5.40 -8.69
N SER D 185 -24.99 6.09 -8.73
CA SER D 185 -23.81 5.73 -9.51
C SER D 185 -23.96 6.14 -10.98
N PRO D 186 -22.82 6.34 -11.68
CA PRO D 186 -22.87 6.69 -13.09
C PRO D 186 -23.30 5.55 -14.03
N CYS D 187 -23.50 4.35 -13.51
CA CYS D 187 -24.14 3.29 -14.31
C CYS D 187 -25.60 3.63 -14.58
N PHE D 188 -26.25 4.29 -13.64
CA PHE D 188 -27.69 4.50 -13.68
C PHE D 188 -28.13 5.96 -13.81
N LEU D 189 -27.31 6.88 -13.33
CA LEU D 189 -27.61 8.30 -13.43
C LEU D 189 -26.42 9.04 -14.04
N LYS D 190 -26.66 9.70 -15.16
CA LYS D 190 -25.66 10.50 -15.87
C LYS D 190 -26.16 11.95 -16.00
N PRO D 191 -25.89 12.80 -14.98
CA PRO D 191 -26.47 14.15 -14.95
C PRO D 191 -26.12 15.01 -16.17
N LEU D 192 -24.91 14.85 -16.71
CA LEU D 192 -24.47 15.65 -17.86
C LEU D 192 -25.31 15.36 -19.10
N GLU D 193 -25.80 14.12 -19.18
CA GLU D 193 -26.74 13.68 -20.20
C GLU D 193 -28.12 14.30 -20.02
N LEU D 194 -28.41 14.82 -18.82
CA LEU D 194 -29.72 15.40 -18.53
C LEU D 194 -29.72 16.92 -18.58
N GLY D 195 -28.58 17.50 -18.95
CA GLY D 195 -28.46 18.95 -19.09
C GLY D 195 -27.59 19.58 -18.04
N ALA D 196 -27.24 18.81 -17.00
CA ALA D 196 -26.37 19.32 -15.92
C ALA D 196 -24.97 19.69 -16.39
N ASP D 197 -24.35 20.64 -15.69
CA ASP D 197 -23.03 21.13 -16.02
C ASP D 197 -21.94 20.34 -15.31
N ILE D 198 -22.23 19.89 -14.10
CA ILE D 198 -21.27 19.16 -13.30
C ILE D 198 -21.97 17.99 -12.64
N ALA D 199 -21.30 16.84 -12.62
CA ALA D 199 -21.81 15.65 -11.98
C ALA D 199 -20.76 15.07 -11.04
N LEU D 200 -21.13 14.84 -9.79
CA LEU D 200 -20.10 14.45 -8.80
C LEU D 200 -20.55 13.29 -7.93
N HIS D 201 -19.57 12.60 -7.34
CA HIS D 201 -19.80 11.45 -6.49
C HIS D 201 -18.82 11.48 -5.35
N SER D 202 -19.29 11.02 -4.20
CA SER D 202 -18.41 10.47 -3.18
C SER D 202 -18.00 9.10 -3.74
N VAL D 203 -16.73 8.96 -4.12
CA VAL D 203 -16.23 7.67 -4.58
C VAL D 203 -16.18 6.66 -3.43
N SER D 204 -16.21 7.16 -2.19
CA SER D 204 -16.23 6.32 -0.99
C SER D 204 -17.35 5.28 -1.01
N LYS D 205 -18.39 5.54 -1.79
CA LYS D 205 -19.58 4.68 -1.79
C LYS D 205 -19.52 3.64 -2.89
N TYR D 206 -20.44 3.73 -3.84
CA TYR D 206 -20.62 2.68 -4.85
C TYR D 206 -19.44 2.53 -5.82
N ILE D 207 -18.83 3.64 -6.24
CA ILE D 207 -17.82 3.60 -7.30
C ILE D 207 -16.66 2.71 -6.87
N ASN D 208 -16.11 3.01 -5.69
CA ASN D 208 -15.13 2.10 -5.12
C ASN D 208 -15.77 0.80 -4.60
N GLY D 209 -16.86 0.95 -3.85
CA GLY D 209 -17.74 -0.16 -3.50
C GLY D 209 -17.25 -1.17 -2.48
N HIS D 210 -15.99 -1.01 -2.01
CA HIS D 210 -15.40 -2.00 -1.10
C HIS D 210 -15.14 -1.50 0.34
N GLY D 211 -15.63 -0.32 0.67
CA GLY D 211 -15.57 0.20 2.03
C GLY D 211 -14.18 0.44 2.59
N ASP D 212 -13.20 0.67 1.73
CA ASP D 212 -11.81 0.77 2.20
C ASP D 212 -11.09 2.01 1.71
N VAL D 213 -11.85 2.96 1.17
CA VAL D 213 -11.31 4.19 0.58
C VAL D 213 -12.36 5.31 0.79
N ILE D 214 -11.86 6.50 1.12
CA ILE D 214 -12.60 7.73 1.00
C ILE D 214 -12.04 8.53 -0.18
N GLY D 215 -12.93 8.98 -1.07
CA GLY D 215 -12.51 9.71 -2.24
C GLY D 215 -13.68 10.42 -2.87
N GLY D 216 -13.37 11.40 -3.71
CA GLY D 216 -14.42 12.11 -4.41
C GLY D 216 -14.03 12.27 -5.86
N VAL D 217 -15.03 12.53 -6.71
CA VAL D 217 -14.79 12.81 -8.12
C VAL D 217 -15.83 13.81 -8.62
N SER D 218 -15.40 14.73 -9.46
CA SER D 218 -16.30 15.69 -10.11
C SER D 218 -16.03 15.71 -11.62
N SER D 219 -17.09 15.74 -12.43
CA SER D 219 -16.93 15.75 -13.90
C SER D 219 -17.69 16.93 -14.50
N ALA D 220 -17.07 17.64 -15.43
CA ALA D 220 -17.66 18.83 -16.03
C ALA D 220 -18.00 18.61 -17.49
N LYS D 221 -19.02 19.30 -17.98
CA LYS D 221 -19.39 19.19 -19.37
C LYS D 221 -18.39 19.93 -20.25
N THR D 222 -17.80 21.04 -19.78
CA THR D 222 -16.89 21.81 -20.61
C THR D 222 -15.45 21.73 -20.12
N ALA D 223 -14.51 21.84 -21.06
CA ALA D 223 -13.08 21.91 -20.77
C ALA D 223 -12.75 23.06 -19.81
N GLU D 224 -13.33 24.23 -20.03
CA GLU D 224 -13.14 25.39 -19.14
C GLU D 224 -13.48 25.10 -17.67
N ASP D 225 -14.65 24.48 -17.45
CA ASP D 225 -15.15 24.19 -16.13
C ASP D 225 -14.29 23.19 -15.36
N ILE D 226 -13.85 22.12 -16.02
CA ILE D 226 -12.98 21.18 -15.34
C ILE D 226 -11.61 21.80 -15.05
N ALA D 227 -11.10 22.63 -15.96
CA ALA D 227 -9.85 23.37 -15.73
C ALA D 227 -9.95 24.29 -14.49
N THR D 228 -11.10 24.95 -14.32
CA THR D 228 -11.36 25.78 -13.14
C THR D 228 -11.40 24.94 -11.86
N ILE D 229 -12.11 23.82 -11.92
CA ILE D 229 -12.16 22.88 -10.80
C ILE D 229 -10.77 22.41 -10.38
N LYS D 230 -9.92 22.07 -11.35
CA LYS D 230 -8.57 21.61 -11.03
C LYS D 230 -7.66 22.73 -10.52
N PHE D 231 -7.95 23.95 -10.96
CA PHE D 231 -7.19 25.11 -10.53
C PHE D 231 -7.48 25.41 -9.06
N TYR D 232 -8.76 25.29 -8.70
CA TYR D 232 -9.17 25.36 -7.30
C TYR D 232 -8.56 24.23 -6.48
N ARG D 233 -8.59 23.00 -7.00
CA ARG D 233 -8.01 21.85 -6.33
C ARG D 233 -6.53 22.07 -6.02
N LYS D 234 -5.83 22.66 -6.99
CA LYS D 234 -4.40 22.96 -6.84
C LYS D 234 -4.13 23.77 -5.55
N ASP D 235 -5.04 24.70 -5.23
CA ASP D 235 -4.86 25.63 -4.09
C ASP D 235 -5.55 25.17 -2.79
N ALA D 236 -6.70 24.50 -2.93
CA ALA D 236 -7.47 23.95 -1.82
C ALA D 236 -6.90 22.62 -1.30
N GLY D 237 -6.39 21.80 -2.20
CA GLY D 237 -5.55 20.65 -1.79
C GLY D 237 -6.19 19.35 -1.35
N SER D 238 -7.44 19.11 -1.73
CA SER D 238 -8.08 17.80 -1.52
C SER D 238 -7.77 16.87 -2.68
N LEU D 239 -6.76 16.02 -2.47
CA LEU D 239 -6.23 15.14 -3.50
C LEU D 239 -6.58 13.69 -3.18
N MET D 240 -6.72 12.87 -4.22
CA MET D 240 -6.79 11.44 -4.03
C MET D 240 -5.36 10.92 -4.04
N ALA D 241 -5.02 10.17 -2.99
CA ALA D 241 -3.74 9.49 -2.89
C ALA D 241 -3.50 8.45 -4.00
N PRO D 242 -2.26 8.31 -4.49
CA PRO D 242 -2.02 7.30 -5.56
C PRO D 242 -2.54 5.90 -5.17
N MET D 243 -2.35 5.50 -3.92
CA MET D 243 -2.83 4.18 -3.47
C MET D 243 -4.36 4.08 -3.53
N ASP D 244 -5.05 5.10 -3.05
CA ASP D 244 -6.50 5.15 -3.13
C ASP D 244 -7.00 5.18 -4.58
N ALA D 245 -6.26 5.85 -5.47
CA ALA D 245 -6.63 5.87 -6.91
C ALA D 245 -6.46 4.48 -7.50
N PHE D 246 -5.38 3.79 -7.12
CA PHE D 246 -5.21 2.39 -7.51
C PHE D 246 -6.39 1.54 -7.01
N LEU D 247 -6.77 1.69 -5.73
CA LEU D 247 -7.90 0.92 -5.18
C LEU D 247 -9.25 1.30 -5.79
N CYS D 248 -9.45 2.57 -6.11
CA CYS D 248 -10.73 3.00 -6.70
C CYS D 248 -10.91 2.48 -8.12
N ALA D 249 -9.84 2.57 -8.93
CA ALA D 249 -9.87 2.03 -10.30
C ALA D 249 -10.15 0.52 -10.27
N ARG D 250 -9.52 -0.16 -9.31
CA ARG D 250 -9.69 -1.60 -9.11
C ARG D 250 -11.14 -1.92 -8.74
N GLY D 251 -11.69 -1.19 -7.77
CA GLY D 251 -13.10 -1.38 -7.37
C GLY D 251 -14.05 -1.11 -8.52
N MET D 252 -13.69 -0.13 -9.32
CA MET D 252 -14.55 0.27 -10.44
C MET D 252 -14.65 -0.80 -11.54
N LYS D 253 -13.65 -1.70 -11.64
CA LYS D 253 -13.72 -2.81 -12.62
C LYS D 253 -14.95 -3.69 -12.45
N THR D 254 -15.45 -3.83 -11.22
CA THR D 254 -16.68 -4.61 -10.99
C THR D 254 -17.92 -3.73 -10.84
N LEU D 255 -17.81 -2.44 -11.12
CA LEU D 255 -18.91 -1.52 -10.83
C LEU D 255 -20.24 -1.91 -11.52
N PRO D 256 -20.23 -2.09 -12.86
CA PRO D 256 -21.52 -2.37 -13.54
C PRO D 256 -22.20 -3.63 -13.03
N ILE D 257 -21.40 -4.62 -12.69
CA ILE D 257 -21.86 -5.90 -12.18
C ILE D 257 -22.39 -5.81 -10.73
N ARG D 258 -21.69 -5.07 -9.86
CA ARG D 258 -22.16 -4.79 -8.49
C ARG D 258 -23.46 -3.98 -8.51
N MET D 259 -23.49 -2.92 -9.31
CA MET D 259 -24.73 -2.15 -9.45
C MET D 259 -25.94 -3.01 -9.85
N GLN D 260 -25.78 -3.86 -10.86
CA GLN D 260 -26.88 -4.75 -11.27
C GLN D 260 -27.48 -5.49 -10.04
N ILE D 261 -26.59 -6.03 -9.20
CA ILE D 261 -26.97 -6.78 -8.00
C ILE D 261 -27.54 -5.89 -6.88
N HIS D 262 -26.89 -4.76 -6.59
CA HIS D 262 -27.42 -3.77 -5.65
C HIS D 262 -28.86 -3.42 -6.03
N MET D 263 -29.08 -3.06 -7.29
CA MET D 263 -30.39 -2.61 -7.75
C MET D 263 -31.45 -3.67 -7.52
N GLU D 264 -31.12 -4.90 -7.87
CA GLU D 264 -32.08 -5.98 -7.76
C GLU D 264 -32.33 -6.37 -6.30
N ASN D 265 -31.26 -6.50 -5.52
CA ASN D 265 -31.37 -6.74 -4.08
C ASN D 265 -32.18 -5.65 -3.36
N GLY D 266 -31.82 -4.40 -3.60
CA GLY D 266 -32.49 -3.24 -3.01
C GLY D 266 -33.98 -3.19 -3.29
N LEU D 267 -34.40 -3.60 -4.49
CA LEU D 267 -35.80 -3.57 -4.88
C LEU D 267 -36.56 -4.70 -4.21
N LYS D 268 -35.92 -5.86 -4.09
CA LYS D 268 -36.55 -7.01 -3.43
C LYS D 268 -36.71 -6.77 -1.92
N VAL D 269 -35.65 -6.28 -1.27
CA VAL D 269 -35.70 -5.92 0.14
C VAL D 269 -36.79 -4.85 0.41
N ALA D 270 -36.82 -3.79 -0.42
CA ALA D 270 -37.80 -2.70 -0.25
C ALA D 270 -39.24 -3.21 -0.30
N LYS D 271 -39.53 -4.12 -1.24
CA LYS D 271 -40.86 -4.69 -1.39
C LYS D 271 -41.22 -5.60 -0.22
N PHE D 272 -40.23 -6.34 0.29
CA PHE D 272 -40.43 -7.13 1.49
C PHE D 272 -40.85 -6.24 2.66
N LEU D 273 -40.06 -5.18 2.91
CA LEU D 273 -40.36 -4.20 3.95
C LEU D 273 -41.70 -3.50 3.74
N GLU D 274 -41.99 -3.13 2.49
CA GLU D 274 -43.22 -2.41 2.18
C GLU D 274 -44.47 -3.15 2.65
N GLN D 275 -44.47 -4.47 2.48
CA GLN D 275 -45.61 -5.29 2.89
C GLN D 275 -45.46 -5.97 4.26
N HIS D 276 -44.44 -5.61 5.03
CA HIS D 276 -44.30 -6.13 6.39
C HIS D 276 -45.14 -5.29 7.34
N GLU D 277 -46.00 -5.98 8.12
CA GLU D 277 -46.94 -5.32 9.04
C GLU D 277 -46.27 -4.28 9.94
N LYS D 278 -45.00 -4.53 10.28
CA LYS D 278 -44.27 -3.74 11.27
C LYS D 278 -43.68 -2.45 10.69
N ILE D 279 -43.80 -2.29 9.37
CA ILE D 279 -43.19 -1.17 8.66
C ILE D 279 -44.26 -0.21 8.16
N VAL D 280 -44.14 1.06 8.58
CA VAL D 280 -45.12 2.08 8.22
C VAL D 280 -45.05 2.47 6.74
N LYS D 281 -43.83 2.66 6.24
CA LYS D 281 -43.63 3.12 4.86
C LYS D 281 -42.16 3.02 4.37
N VAL D 282 -42.00 2.76 3.07
CA VAL D 282 -40.70 2.57 2.43
C VAL D 282 -40.45 3.60 1.34
N ASN D 283 -39.34 4.33 1.48
CA ASN D 283 -38.92 5.35 0.54
C ASN D 283 -37.87 4.83 -0.45
N HIS D 284 -38.28 4.01 -1.40
CA HIS D 284 -37.42 3.55 -2.49
C HIS D 284 -37.95 4.11 -3.83
N PRO D 285 -37.09 4.82 -4.58
CA PRO D 285 -37.46 5.49 -5.84
C PRO D 285 -38.06 4.57 -6.91
N GLY D 286 -37.69 3.29 -6.85
CA GLY D 286 -38.16 2.29 -7.80
C GLY D 286 -39.48 1.61 -7.47
N LEU D 287 -40.11 2.00 -6.36
CA LEU D 287 -41.46 1.52 -6.01
C LEU D 287 -42.51 2.44 -6.60
N GLU D 288 -43.66 1.86 -6.96
CA GLU D 288 -44.76 2.60 -7.58
C GLU D 288 -45.43 3.56 -6.59
N SER D 289 -45.43 3.17 -5.32
CA SER D 289 -45.99 3.96 -4.23
C SER D 289 -45.17 5.21 -3.89
N PHE D 290 -43.89 5.23 -4.25
CA PHE D 290 -43.06 6.39 -3.93
C PHE D 290 -43.40 7.57 -4.83
N PRO D 291 -43.66 8.76 -4.22
CA PRO D 291 -43.95 9.98 -5.01
C PRO D 291 -42.73 10.41 -5.82
N GLY D 292 -42.94 10.68 -7.11
CA GLY D 292 -41.82 10.96 -8.00
C GLY D 292 -41.09 9.73 -8.53
N HIS D 293 -41.70 8.55 -8.40
CA HIS D 293 -41.22 7.35 -9.09
C HIS D 293 -41.19 7.57 -10.61
N ASP D 294 -42.13 8.38 -11.10
CA ASP D 294 -42.28 8.63 -12.55
C ASP D 294 -41.10 9.39 -13.14
N ILE D 295 -40.66 10.44 -12.45
CA ILE D 295 -39.48 11.20 -12.86
C ILE D 295 -38.21 10.33 -12.79
N ALA D 296 -38.04 9.60 -11.70
CA ALA D 296 -36.87 8.74 -11.51
C ALA D 296 -36.75 7.60 -12.54
N LYS D 297 -37.89 7.00 -12.91
CA LYS D 297 -37.90 5.98 -13.97
C LYS D 297 -37.53 6.59 -15.32
N LYS D 298 -38.00 7.82 -15.58
CA LYS D 298 -37.69 8.56 -16.81
C LYS D 298 -36.21 8.96 -16.92
N GLN D 299 -35.66 9.55 -15.85
CA GLN D 299 -34.33 10.18 -15.91
C GLN D 299 -33.16 9.28 -15.52
N MET D 300 -33.48 8.13 -14.94
CA MET D 300 -32.44 7.19 -14.54
C MET D 300 -32.65 5.83 -15.23
N THR D 301 -31.56 5.10 -15.42
CA THR D 301 -31.62 3.78 -16.07
C THR D 301 -31.57 2.62 -15.05
N GLY D 302 -31.75 2.97 -13.78
CA GLY D 302 -31.74 2.01 -12.69
C GLY D 302 -31.68 2.74 -11.37
N TYR D 303 -31.54 1.99 -10.28
CA TYR D 303 -31.57 2.55 -8.92
C TYR D 303 -30.43 2.00 -8.08
N GLY D 304 -29.90 2.85 -7.18
CA GLY D 304 -29.00 2.38 -6.12
C GLY D 304 -29.81 1.57 -5.11
N SER D 305 -29.14 1.11 -4.06
CA SER D 305 -29.79 0.21 -3.11
C SER D 305 -29.83 0.76 -1.68
N THR D 306 -29.63 2.08 -1.57
CA THR D 306 -29.79 2.78 -0.30
C THR D 306 -31.13 3.52 -0.24
N PHE D 307 -31.90 3.27 0.82
CA PHE D 307 -33.20 3.89 1.00
C PHE D 307 -33.64 3.86 2.46
N LEU D 308 -34.68 4.64 2.73
CA LEU D 308 -35.18 4.87 4.07
C LEU D 308 -36.54 4.17 4.26
N PHE D 309 -36.78 3.61 5.43
CA PHE D 309 -38.11 3.12 5.78
C PHE D 309 -38.53 3.58 7.18
N GLU D 310 -39.84 3.64 7.43
CA GLU D 310 -40.36 4.15 8.71
C GLU D 310 -40.90 3.04 9.63
N MET D 311 -40.40 3.03 10.87
CA MET D 311 -40.91 2.12 11.91
C MET D 311 -42.02 2.83 12.67
N LYS D 312 -42.70 2.08 13.54
CA LYS D 312 -43.82 2.63 14.31
C LYS D 312 -43.41 3.40 15.55
N SER D 313 -42.13 3.31 15.93
CA SER D 313 -41.60 4.10 17.05
C SER D 313 -40.08 4.06 17.10
N PHE D 314 -39.48 4.89 17.96
CA PHE D 314 -38.04 4.80 18.14
C PHE D 314 -37.60 3.45 18.71
N GLU D 315 -38.31 2.98 19.76
CA GLU D 315 -37.98 1.71 20.42
C GLU D 315 -37.97 0.54 19.42
N ALA D 316 -38.93 0.55 18.51
CA ALA D 316 -39.01 -0.45 17.44
C ALA D 316 -37.82 -0.33 16.46
N ALA D 317 -37.42 0.88 16.10
CA ALA D 317 -36.25 1.08 15.23
C ALA D 317 -34.96 0.56 15.89
N LYS D 318 -34.77 0.95 17.14
CA LYS D 318 -33.63 0.51 17.94
C LYS D 318 -33.57 -1.01 18.05
N LYS D 319 -34.74 -1.64 18.24
CA LYS D 319 -34.79 -3.09 18.33
C LYS D 319 -34.42 -3.79 17.02
N LEU D 320 -34.87 -3.25 15.88
CA LEU D 320 -34.47 -3.80 14.59
C LEU D 320 -32.98 -3.66 14.36
N MET D 321 -32.47 -2.43 14.48
CA MET D 321 -31.06 -2.10 14.23
C MET D 321 -30.08 -2.85 15.11
N GLU D 322 -30.53 -3.29 16.28
CA GLU D 322 -29.62 -3.91 17.26
C GLU D 322 -29.69 -5.44 17.35
N HIS D 323 -30.58 -6.06 16.59
CA HIS D 323 -30.67 -7.55 16.56
C HIS D 323 -30.46 -8.15 15.16
N LEU D 324 -29.62 -7.48 14.37
CA LEU D 324 -29.28 -7.93 13.04
C LEU D 324 -27.93 -8.67 13.01
N LYS D 325 -27.90 -9.82 12.36
CA LYS D 325 -26.71 -10.68 12.38
C LYS D 325 -25.86 -10.60 11.12
N VAL D 326 -26.44 -10.15 10.01
CA VAL D 326 -25.71 -10.00 8.75
C VAL D 326 -25.43 -8.51 8.48
N CYS D 327 -26.48 -7.70 8.49
CA CYS D 327 -26.39 -6.25 8.39
C CYS D 327 -25.53 -5.70 9.53
N THR D 328 -24.70 -4.72 9.18
CA THR D 328 -23.80 -4.12 10.14
C THR D 328 -24.33 -2.72 10.42
N LEU D 329 -24.39 -2.36 11.70
CA LEU D 329 -24.74 -0.99 12.10
C LEU D 329 -23.50 -0.09 11.95
N ALA D 330 -23.58 0.85 11.01
CA ALA D 330 -22.44 1.70 10.62
C ALA D 330 -22.96 2.79 9.69
N VAL D 331 -22.33 3.96 9.70
CA VAL D 331 -22.66 4.95 8.67
C VAL D 331 -21.97 4.55 7.36
N SER D 332 -22.25 5.31 6.31
CA SER D 332 -21.78 5.04 4.96
C SER D 332 -22.77 4.15 4.23
N LEU D 333 -22.49 3.91 2.95
CA LEU D 333 -23.40 3.21 2.04
C LEU D 333 -22.64 2.74 0.79
N GLY D 334 -23.30 1.90 -0.01
CA GLY D 334 -22.76 1.48 -1.30
C GLY D 334 -21.60 0.50 -1.18
N CYS D 335 -21.45 -0.11 -0.01
CA CYS D 335 -20.45 -1.15 0.18
CA CYS D 335 -20.44 -1.14 0.17
C CYS D 335 -20.98 -2.49 -0.32
N VAL D 336 -20.09 -3.45 -0.55
CA VAL D 336 -20.49 -4.80 -0.98
C VAL D 336 -21.34 -5.54 0.07
N ASP D 337 -21.19 -5.17 1.35
CA ASP D 337 -22.00 -5.75 2.41
C ASP D 337 -23.04 -4.73 2.91
N THR D 338 -24.14 -5.25 3.48
CA THR D 338 -25.25 -4.42 3.92
C THR D 338 -24.98 -3.62 5.18
N LEU D 339 -25.34 -2.33 5.13
CA LEU D 339 -25.14 -1.37 6.22
C LEU D 339 -26.50 -0.81 6.61
N ILE D 340 -26.62 -0.48 7.88
CA ILE D 340 -27.85 0.10 8.40
C ILE D 340 -27.52 1.20 9.42
N GLU D 341 -28.35 2.23 9.45
CA GLU D 341 -28.03 3.49 10.09
C GLU D 341 -29.30 4.19 10.60
N HIS D 342 -29.15 5.05 11.62
CA HIS D 342 -30.25 5.85 12.17
C HIS D 342 -29.96 7.32 11.89
N PRO D 343 -30.50 7.87 10.78
CA PRO D 343 -30.27 9.25 10.32
C PRO D 343 -30.42 10.33 11.40
N ALA D 344 -31.47 10.26 12.20
CA ALA D 344 -31.79 11.35 13.13
C ALA D 344 -30.67 11.57 14.15
N SER D 345 -30.03 10.48 14.56
CA SER D 345 -29.00 10.53 15.61
C SER D 345 -27.59 10.24 15.08
N MET D 346 -27.47 9.98 13.78
CA MET D 346 -26.16 9.71 13.17
C MET D 346 -25.86 10.65 11.98
N THR D 347 -26.09 10.21 10.73
CA THR D 347 -25.68 11.00 9.55
C THR D 347 -26.24 12.42 9.51
N HIS D 348 -27.40 12.60 10.10
CA HIS D 348 -28.10 13.87 10.00
C HIS D 348 -28.33 14.49 11.38
N ALA D 349 -27.48 14.14 12.36
CA ALA D 349 -27.65 14.66 13.74
C ALA D 349 -27.31 16.14 13.88
N ALA D 350 -26.36 16.63 13.09
CA ALA D 350 -25.92 18.03 13.17
C ALA D 350 -26.81 19.03 12.39
N VAL D 351 -27.74 18.51 11.58
CA VAL D 351 -28.62 19.33 10.74
C VAL D 351 -29.54 20.17 11.64
N PRO D 352 -29.59 21.52 11.43
CA PRO D 352 -30.49 22.40 12.21
C PRO D 352 -31.95 21.92 12.17
N GLU D 353 -32.64 21.97 13.31
CA GLU D 353 -33.99 21.39 13.44
C GLU D 353 -34.96 21.84 12.36
N ASN D 354 -34.89 23.12 11.99
CA ASN D 354 -35.76 23.70 10.95
C ASN D 354 -35.51 23.13 9.53
N ILE D 355 -34.24 22.87 9.21
CA ILE D 355 -33.88 22.17 7.97
C ILE D 355 -34.25 20.68 8.09
N MET D 356 -34.11 20.15 9.31
CA MET D 356 -34.47 18.75 9.65
C MET D 356 -35.95 18.40 9.42
N ARG D 357 -36.86 19.23 9.96
CA ARG D 357 -38.29 19.01 9.77
C ARG D 357 -38.71 19.19 8.32
N LYS D 358 -38.08 20.14 7.61
CA LYS D 358 -38.39 20.36 6.20
C LYS D 358 -37.90 19.20 5.33
N GLN D 359 -36.84 18.52 5.79
CA GLN D 359 -36.36 17.27 5.19
C GLN D 359 -37.29 16.06 5.48
N GLY D 360 -38.05 16.13 6.57
CA GLY D 360 -38.90 15.03 7.05
C GLY D 360 -38.18 13.91 7.80
N ILE D 361 -37.08 14.23 8.50
CA ILE D 361 -36.30 13.21 9.25
C ILE D 361 -36.72 13.13 10.72
N THR D 362 -37.18 11.95 11.13
CA THR D 362 -37.70 11.71 12.49
C THR D 362 -37.01 10.50 13.13
N PRO D 363 -37.15 10.33 14.45
CA PRO D 363 -36.45 9.23 15.09
C PRO D 363 -36.97 7.82 14.69
N GLU D 364 -38.09 7.77 13.97
CA GLU D 364 -38.72 6.50 13.56
C GLU D 364 -38.12 5.89 12.28
N LEU D 365 -37.30 6.67 11.56
CA LEU D 365 -36.70 6.23 10.29
C LEU D 365 -35.38 5.52 10.47
N VAL D 366 -35.21 4.45 9.68
CA VAL D 366 -33.98 3.66 9.58
C VAL D 366 -33.53 3.66 8.11
N ARG D 367 -32.24 3.90 7.86
CA ARG D 367 -31.72 3.87 6.49
C ARG D 367 -30.90 2.62 6.25
N ILE D 368 -31.30 1.85 5.23
CA ILE D 368 -30.57 0.64 4.84
C ILE D 368 -29.82 0.81 3.49
N SER D 369 -28.60 0.28 3.42
CA SER D 369 -27.83 0.24 2.18
C SER D 369 -27.58 -1.22 1.78
N VAL D 370 -28.40 -1.75 0.89
CA VAL D 370 -28.40 -3.20 0.58
C VAL D 370 -27.18 -3.62 -0.24
N GLY D 371 -26.44 -4.59 0.31
CA GLY D 371 -25.20 -5.07 -0.32
C GLY D 371 -25.45 -6.05 -1.45
N ILE D 372 -24.40 -6.79 -1.83
CA ILE D 372 -24.50 -7.83 -2.87
C ILE D 372 -24.59 -9.28 -2.35
N GLU D 373 -24.79 -9.43 -1.03
CA GLU D 373 -25.04 -10.74 -0.41
C GLU D 373 -26.24 -11.37 -1.07
N ASN D 374 -26.42 -12.67 -0.88
CA ASN D 374 -27.61 -13.32 -1.36
C ASN D 374 -28.84 -12.63 -0.71
N VAL D 375 -29.82 -12.23 -1.54
CA VAL D 375 -30.98 -11.44 -1.09
C VAL D 375 -31.77 -12.13 0.01
N ASP D 376 -31.98 -13.44 -0.16
CA ASP D 376 -32.75 -14.21 0.78
C ASP D 376 -32.10 -14.21 2.16
N ASP D 377 -30.77 -14.11 2.19
CA ASP D 377 -30.05 -14.03 3.45
C ASP D 377 -30.27 -12.68 4.12
N ILE D 378 -30.33 -11.61 3.32
CA ILE D 378 -30.59 -10.26 3.86
C ILE D 378 -32.02 -10.20 4.39
N ILE D 379 -32.95 -10.68 3.58
CA ILE D 379 -34.37 -10.70 3.94
C ILE D 379 -34.61 -11.54 5.20
N ALA D 380 -34.00 -12.74 5.25
CA ALA D 380 -34.12 -13.60 6.44
C ALA D 380 -33.52 -12.96 7.70
N ASP D 381 -32.46 -12.15 7.54
CA ASP D 381 -31.87 -11.39 8.66
C ASP D 381 -32.82 -10.31 9.20
N LEU D 382 -33.39 -9.52 8.28
CA LEU D 382 -34.41 -8.52 8.61
C LEU D 382 -35.64 -9.17 9.23
N LYS D 383 -36.07 -10.30 8.66
CA LYS D 383 -37.25 -11.04 9.13
C LYS D 383 -37.11 -11.40 10.61
N GLN D 384 -36.03 -12.10 10.98
CA GLN D 384 -35.85 -12.51 12.38
C GLN D 384 -35.73 -11.33 13.36
N ALA D 385 -35.08 -10.24 12.95
CA ALA D 385 -34.91 -9.04 13.78
C ALA D 385 -36.19 -8.19 13.93
N LEU D 386 -37.16 -8.40 13.04
CA LEU D 386 -38.45 -7.71 13.10
C LEU D 386 -39.46 -8.53 13.88
N GLU D 387 -39.27 -9.84 13.84
CA GLU D 387 -40.27 -10.77 14.37
C GLU D 387 -39.90 -11.35 15.73
N LEU D 388 -38.63 -11.23 16.10
CA LEU D 388 -38.13 -11.83 17.35
C LEU D 388 -37.47 -10.79 18.26
N MET E . 6.15 23.24 -3.36
CA MET E . 7.16 22.53 -4.17
C MET E . 8.34 23.44 -4.50
O MET E . 9.25 23.05 -5.11
CB MET E . 6.47 21.82 -5.38
CG MET E . 5.29 22.53 -6.06
SD MET E . 5.47 23.09 -7.79
CE MET E . 4.26 24.41 -7.97
OXT MET E . 8.55 24.57 -4.14
S SO4 F . -12.56 33.83 15.94
O1 SO4 F . -12.60 32.54 16.63
O2 SO4 F . -13.95 34.27 15.79
O3 SO4 F . -11.82 34.83 16.70
O4 SO4 F . -11.96 33.66 14.63
C1 GOL G . -5.69 36.79 19.79
O1 GOL G . -7.08 36.59 19.65
C2 GOL G . -5.08 35.65 20.57
O2 GOL G . -3.75 35.96 20.88
C3 GOL G . -5.18 34.30 19.85
O3 GOL G . -6.17 34.38 18.85
C 4LM H . -0.09 -19.44 -16.65
N 4LM H . -0.03 -20.29 -14.40
O1 4LM H . -0.36 -20.59 -17.11
P 4LM H . 1.86 -18.70 -9.38
N1 4LM H . -1.05 -23.78 -10.95
C2 4LM H . -1.67 -23.53 -12.13
C3 4LM H . -1.24 -22.42 -12.86
O3 4LM H . -1.83 -22.13 -14.06
C4 4LM H . -0.24 -21.57 -12.35
C5 4LM H . 0.39 -21.90 -11.15
C6 4LM H . -0.07 -23.02 -10.45
CA 4LM H . 0.41 -19.34 -15.26
CB 4LM H . 1.32 -18.42 -14.80
CG 4LM H . 1.96 -17.28 -15.55
C2A 4LM H . -2.78 -24.44 -12.63
C4A 4LM H . 0.27 -20.42 -13.16
C5A 4LM H . 1.50 -21.07 -10.54
OP1 4LM H . 0.91 -17.82 -8.61
OP2 4LM H . 2.18 -18.19 -10.75
OP3 4LM H . 3.08 -19.18 -8.66
OP4 4LM H . 0.97 -20.03 -9.68
O2 4LM H . -0.19 -18.44 -17.39
S SO4 I . 2.99 -39.04 6.83
O1 SO4 I . 1.90 -39.97 7.15
O2 SO4 I . 2.54 -37.67 7.08
O3 SO4 I . 4.15 -39.31 7.66
O4 SO4 I . 3.33 -39.20 5.41
S SO4 J . 14.86 -13.13 16.21
O1 SO4 J . 14.41 -12.16 17.18
O2 SO4 J . 14.27 -14.43 16.50
O3 SO4 J . 14.36 -12.72 14.92
O4 SO4 J . 16.33 -13.28 16.31
S SO4 K . 27.46 -27.03 -8.57
O1 SO4 K . 27.44 -28.35 -9.18
O2 SO4 K . 26.93 -26.07 -9.53
O3 SO4 K . 26.61 -26.99 -7.39
O4 SO4 K . 28.84 -26.71 -8.20
C1 GOL L . 33.25 -21.56 -5.70
O1 GOL L . 32.12 -22.40 -5.58
C2 GOL L . 34.46 -22.34 -5.22
O2 GOL L . 35.57 -21.47 -5.14
C3 GOL L . 34.74 -23.56 -6.09
O3 GOL L . 33.59 -24.37 -6.17
C 4LM M . -23.47 8.81 4.74
N 4LM M . -22.35 10.11 3.01
O1 4LM M . -24.58 9.30 4.41
P 4LM M . -17.29 11.66 1.57
N1 4LM M . -22.61 13.00 -1.10
C2 4LM M . -23.46 12.06 -0.62
C3 4LM M . -23.08 11.31 0.48
O3 4LM M . -23.95 10.35 0.94
C4 4LM M . -21.82 11.49 1.09
C5 4LM M . -21.00 12.51 0.59
C6 4LM M . -21.41 13.24 -0.53
CA 4LM M . -22.23 9.43 4.18
CB 4LM M . -20.99 9.39 4.80
CG 4LM M . -20.70 8.67 6.09
C2A 4LM M . -24.81 11.81 -1.27
C4A 4LM M . -21.43 10.74 2.32
C5A 4LM M . -19.65 12.81 1.20
OP1 4LM M . -16.54 10.70 0.67
OP2 4LM M . -17.78 11.05 2.84
OP3 4LM M . -16.66 13.01 1.77
OP4 4LM M . -18.67 11.85 0.75
O2 4LM M . -23.45 7.86 5.55
S SO4 N . -18.35 31.98 -14.62
O1 SO4 N . -17.43 30.84 -14.53
O2 SO4 N . -19.48 31.77 -13.71
O3 SO4 N . -17.64 33.21 -14.30
O4 SO4 N . -18.84 32.08 -15.99
#